data_1YOY
# 
_entry.id   1YOY 
# 
_audit_conform.dict_name       mmcif_pdbx.dic 
_audit_conform.dict_version    5.387 
_audit_conform.dict_location   http://mmcif.pdb.org/dictionaries/ascii/mmcif_pdbx.dic 
# 
loop_
_database_2.database_id 
_database_2.database_code 
_database_2.pdbx_database_accession 
_database_2.pdbx_DOI 
PDB   1YOY         pdb_00001yoy 10.2210/pdb1yoy/pdb 
RCSB  RCSB031766   ?            ?                   
WWPDB D_1000031766 ?            ?                   
# 
loop_
_pdbx_audit_revision_history.ordinal 
_pdbx_audit_revision_history.data_content_type 
_pdbx_audit_revision_history.major_revision 
_pdbx_audit_revision_history.minor_revision 
_pdbx_audit_revision_history.revision_date 
1 'Structure model' 1 0 2005-02-08 
2 'Structure model' 1 1 2008-04-30 
3 'Structure model' 1 2 2011-07-13 
4 'Structure model' 1 3 2017-10-11 
5 'Structure model' 1 4 2024-02-14 
# 
_pdbx_audit_revision_details.ordinal             1 
_pdbx_audit_revision_details.revision_ordinal    1 
_pdbx_audit_revision_details.data_content_type   'Structure model' 
_pdbx_audit_revision_details.provider            repository 
_pdbx_audit_revision_details.type                'Initial release' 
_pdbx_audit_revision_details.description         ? 
_pdbx_audit_revision_details.details             ? 
# 
loop_
_pdbx_audit_revision_group.ordinal 
_pdbx_audit_revision_group.revision_ordinal 
_pdbx_audit_revision_group.data_content_type 
_pdbx_audit_revision_group.group 
1 2 'Structure model' 'Version format compliance' 
2 3 'Structure model' 'Derived calculations'      
3 3 'Structure model' 'Source and taxonomy'       
4 3 'Structure model' 'Version format compliance' 
5 4 'Structure model' 'Refinement description'    
6 5 'Structure model' 'Data collection'           
7 5 'Structure model' 'Database references'       
# 
loop_
_pdbx_audit_revision_category.ordinal 
_pdbx_audit_revision_category.revision_ordinal 
_pdbx_audit_revision_category.data_content_type 
_pdbx_audit_revision_category.category 
1 4 'Structure model' software           
2 5 'Structure model' chem_comp_atom     
3 5 'Structure model' chem_comp_bond     
4 5 'Structure model' database_2         
5 5 'Structure model' struct_ref_seq_dif 
# 
loop_
_pdbx_audit_revision_item.ordinal 
_pdbx_audit_revision_item.revision_ordinal 
_pdbx_audit_revision_item.data_content_type 
_pdbx_audit_revision_item.item 
1 4 'Structure model' '_software.name'                      
2 5 'Structure model' '_database_2.pdbx_DOI'                
3 5 'Structure model' '_database_2.pdbx_database_accession' 
4 5 'Structure model' '_struct_ref_seq_dif.details'         
# 
_pdbx_database_status.status_code                     REL 
_pdbx_database_status.entry_id                        1YOY 
_pdbx_database_status.recvd_initial_deposition_date   2005-01-28 
_pdbx_database_status.deposit_site                    RCSB 
_pdbx_database_status.process_site                    RCSB 
_pdbx_database_status.status_code_sf                  REL 
_pdbx_database_status.status_code_mr                  ? 
_pdbx_database_status.SG_entry                        Y 
_pdbx_database_status.pdb_format_compatible           Y 
_pdbx_database_status.status_code_cs                  ? 
_pdbx_database_status.methods_development_category    ? 
_pdbx_database_status.status_code_nmr_data            ? 
# 
_pdbx_database_related.db_name        TargetDB 
_pdbx_database_related.db_id          APC5600 
_pdbx_database_related.details        . 
_pdbx_database_related.content_type   unspecified 
# 
loop_
_audit_author.name 
_audit_author.pdbx_ordinal 
'Midwest Center for Structural Genomics (MCSG)' 1 
'Lunin, V.V.'                                   2 
'Savchenko, A.'                                 3 
'Joachimiak, A.'                                4 
# 
_citation.id                        primary 
_citation.title                     'The crystal structure of predicted coding region AF1432 from Archaeoglobus Fulgidus' 
_citation.journal_abbrev            'To be Published' 
_citation.journal_volume            ? 
_citation.page_first                ? 
_citation.page_last                 ? 
_citation.year                      ? 
_citation.journal_id_ASTM           ? 
_citation.country                   ? 
_citation.journal_id_ISSN           ? 
_citation.journal_id_CSD            0353 
_citation.book_publisher            ? 
_citation.pdbx_database_id_PubMed   ? 
_citation.pdbx_database_id_DOI      ? 
# 
loop_
_citation_author.citation_id 
_citation_author.name 
_citation_author.ordinal 
_citation_author.identifier_ORCID 
primary 'Lunin, V.V.'     1 ? 
primary 'Evdokimova, E.'  2 ? 
primary 'Kudritskaya, M.' 3 ? 
primary 'Joachimiak, A.'  4 ? 
primary 'Edwards, A.'     5 ? 
primary 'Savchenko, A.'   6 ? 
# 
loop_
_entity.id 
_entity.type 
_entity.src_method 
_entity.pdbx_description 
_entity.formula_weight 
_entity.pdbx_number_of_molecules 
_entity.pdbx_ec 
_entity.pdbx_mutation 
_entity.pdbx_fragment 
_entity.details 
1 polymer man 'hypothetical protein AF1432' 20015.971 1  ? ? ? ? 
2 water   nat water                         18.015    79 ? ? ? ? 
# 
_entity_poly.entity_id                      1 
_entity_poly.type                           'polypeptide(L)' 
_entity_poly.nstd_linkage                   no 
_entity_poly.nstd_monomer                   no 
_entity_poly.pdbx_seq_one_letter_code       
;GHMCIIKPMDDVVKFIHEVGSLKLTPRSGWLKLGIRLPESVAEHSFRAAIIAFILALKSGESVEKACKAATAALFHDLHE
ARTMDLHKIARRYVSCDEEGAREEQLSWMESKPDFSDVEVYVSDADKLELAFQGVEYSQQVSYAIRFAENVELKTDAAKE
IYRVLMERKNPVWWR
;
_entity_poly.pdbx_seq_one_letter_code_can   
;GHMCIIKPMDDVVKFIHEVGSLKLTPRSGWLKLGIRLPESVAEHSFRAAIIAFILALKSGESVEKACKAATAALFHDLHE
ARTMDLHKIARRYVSCDEEGAREEQLSWMESKPDFSDVEVYVSDADKLELAFQGVEYSQQVSYAIRFAENVELKTDAAKE
IYRVLMERKNPVWWR
;
_entity_poly.pdbx_strand_id                 A 
_entity_poly.pdbx_target_identifier         APC5600 
# 
_pdbx_entity_nonpoly.entity_id   2 
_pdbx_entity_nonpoly.name        water 
_pdbx_entity_nonpoly.comp_id     HOH 
# 
loop_
_entity_poly_seq.entity_id 
_entity_poly_seq.num 
_entity_poly_seq.mon_id 
_entity_poly_seq.hetero 
1 1   GLY n 
1 2   HIS n 
1 3   MET n 
1 4   CYS n 
1 5   ILE n 
1 6   ILE n 
1 7   LYS n 
1 8   PRO n 
1 9   MET n 
1 10  ASP n 
1 11  ASP n 
1 12  VAL n 
1 13  VAL n 
1 14  LYS n 
1 15  PHE n 
1 16  ILE n 
1 17  HIS n 
1 18  GLU n 
1 19  VAL n 
1 20  GLY n 
1 21  SER n 
1 22  LEU n 
1 23  LYS n 
1 24  LEU n 
1 25  THR n 
1 26  PRO n 
1 27  ARG n 
1 28  SER n 
1 29  GLY n 
1 30  TRP n 
1 31  LEU n 
1 32  LYS n 
1 33  LEU n 
1 34  GLY n 
1 35  ILE n 
1 36  ARG n 
1 37  LEU n 
1 38  PRO n 
1 39  GLU n 
1 40  SER n 
1 41  VAL n 
1 42  ALA n 
1 43  GLU n 
1 44  HIS n 
1 45  SER n 
1 46  PHE n 
1 47  ARG n 
1 48  ALA n 
1 49  ALA n 
1 50  ILE n 
1 51  ILE n 
1 52  ALA n 
1 53  PHE n 
1 54  ILE n 
1 55  LEU n 
1 56  ALA n 
1 57  LEU n 
1 58  LYS n 
1 59  SER n 
1 60  GLY n 
1 61  GLU n 
1 62  SER n 
1 63  VAL n 
1 64  GLU n 
1 65  LYS n 
1 66  ALA n 
1 67  CYS n 
1 68  LYS n 
1 69  ALA n 
1 70  ALA n 
1 71  THR n 
1 72  ALA n 
1 73  ALA n 
1 74  LEU n 
1 75  PHE n 
1 76  HIS n 
1 77  ASP n 
1 78  LEU n 
1 79  HIS n 
1 80  GLU n 
1 81  ALA n 
1 82  ARG n 
1 83  THR n 
1 84  MET n 
1 85  ASP n 
1 86  LEU n 
1 87  HIS n 
1 88  LYS n 
1 89  ILE n 
1 90  ALA n 
1 91  ARG n 
1 92  ARG n 
1 93  TYR n 
1 94  VAL n 
1 95  SER n 
1 96  CYS n 
1 97  ASP n 
1 98  GLU n 
1 99  GLU n 
1 100 GLY n 
1 101 ALA n 
1 102 ARG n 
1 103 GLU n 
1 104 GLU n 
1 105 GLN n 
1 106 LEU n 
1 107 SER n 
1 108 TRP n 
1 109 MET n 
1 110 GLU n 
1 111 SER n 
1 112 LYS n 
1 113 PRO n 
1 114 ASP n 
1 115 PHE n 
1 116 SER n 
1 117 ASP n 
1 118 VAL n 
1 119 GLU n 
1 120 VAL n 
1 121 TYR n 
1 122 VAL n 
1 123 SER n 
1 124 ASP n 
1 125 ALA n 
1 126 ASP n 
1 127 LYS n 
1 128 LEU n 
1 129 GLU n 
1 130 LEU n 
1 131 ALA n 
1 132 PHE n 
1 133 GLN n 
1 134 GLY n 
1 135 VAL n 
1 136 GLU n 
1 137 TYR n 
1 138 SER n 
1 139 GLN n 
1 140 GLN n 
1 141 VAL n 
1 142 SER n 
1 143 TYR n 
1 144 ALA n 
1 145 ILE n 
1 146 ARG n 
1 147 PHE n 
1 148 ALA n 
1 149 GLU n 
1 150 ASN n 
1 151 VAL n 
1 152 GLU n 
1 153 LEU n 
1 154 LYS n 
1 155 THR n 
1 156 ASP n 
1 157 ALA n 
1 158 ALA n 
1 159 LYS n 
1 160 GLU n 
1 161 ILE n 
1 162 TYR n 
1 163 ARG n 
1 164 VAL n 
1 165 LEU n 
1 166 MET n 
1 167 GLU n 
1 168 ARG n 
1 169 LYS n 
1 170 ASN n 
1 171 PRO n 
1 172 VAL n 
1 173 TRP n 
1 174 TRP n 
1 175 ARG n 
# 
_entity_src_gen.entity_id                          1 
_entity_src_gen.pdbx_src_id                        1 
_entity_src_gen.pdbx_alt_source_flag               sample 
_entity_src_gen.pdbx_seq_type                      ? 
_entity_src_gen.pdbx_beg_seq_num                   ? 
_entity_src_gen.pdbx_end_seq_num                   ? 
_entity_src_gen.gene_src_common_name               ? 
_entity_src_gen.gene_src_genus                     Archaeoglobus 
_entity_src_gen.pdbx_gene_src_gene                 ? 
_entity_src_gen.gene_src_species                   'Archaeoglobus fulgidus' 
_entity_src_gen.gene_src_strain                    'DSM 4304' 
_entity_src_gen.gene_src_tissue                    ? 
_entity_src_gen.gene_src_tissue_fraction           ? 
_entity_src_gen.gene_src_details                   ? 
_entity_src_gen.pdbx_gene_src_fragment             ? 
_entity_src_gen.pdbx_gene_src_scientific_name      'Archaeoglobus fulgidus' 
_entity_src_gen.pdbx_gene_src_ncbi_taxonomy_id     224325 
_entity_src_gen.pdbx_gene_src_variant              ? 
_entity_src_gen.pdbx_gene_src_cell_line            ? 
_entity_src_gen.pdbx_gene_src_atcc                 ? 
_entity_src_gen.pdbx_gene_src_organ                ? 
_entity_src_gen.pdbx_gene_src_organelle            ? 
_entity_src_gen.pdbx_gene_src_cell                 ? 
_entity_src_gen.pdbx_gene_src_cellular_location    ? 
_entity_src_gen.host_org_common_name               ? 
_entity_src_gen.pdbx_host_org_scientific_name      'Escherichia coli BL21(DE3)' 
_entity_src_gen.pdbx_host_org_ncbi_taxonomy_id     469008 
_entity_src_gen.host_org_genus                     Escherichia 
_entity_src_gen.pdbx_host_org_gene                 ? 
_entity_src_gen.pdbx_host_org_organ                ? 
_entity_src_gen.host_org_species                   'Escherichia coli' 
_entity_src_gen.pdbx_host_org_tissue               ? 
_entity_src_gen.pdbx_host_org_tissue_fraction      ? 
_entity_src_gen.pdbx_host_org_strain               'BL21 DE3' 
_entity_src_gen.pdbx_host_org_variant              ? 
_entity_src_gen.pdbx_host_org_cell_line            ? 
_entity_src_gen.pdbx_host_org_atcc                 ? 
_entity_src_gen.pdbx_host_org_culture_collection   ? 
_entity_src_gen.pdbx_host_org_cell                 ? 
_entity_src_gen.pdbx_host_org_organelle            ? 
_entity_src_gen.pdbx_host_org_cellular_location    ? 
_entity_src_gen.pdbx_host_org_vector_type          PLASMID 
_entity_src_gen.pdbx_host_org_vector               ? 
_entity_src_gen.host_org_details                   ? 
_entity_src_gen.expression_system_id               ? 
_entity_src_gen.plasmid_name                       'MODIFIED PET15B' 
_entity_src_gen.plasmid_details                    ? 
_entity_src_gen.pdbx_description                   ? 
# 
loop_
_chem_comp.id 
_chem_comp.type 
_chem_comp.mon_nstd_flag 
_chem_comp.name 
_chem_comp.pdbx_synonyms 
_chem_comp.formula 
_chem_comp.formula_weight 
ALA 'L-peptide linking' y ALANINE         ? 'C3 H7 N O2'     89.093  
ARG 'L-peptide linking' y ARGININE        ? 'C6 H15 N4 O2 1' 175.209 
ASN 'L-peptide linking' y ASPARAGINE      ? 'C4 H8 N2 O3'    132.118 
ASP 'L-peptide linking' y 'ASPARTIC ACID' ? 'C4 H7 N O4'     133.103 
CYS 'L-peptide linking' y CYSTEINE        ? 'C3 H7 N O2 S'   121.158 
GLN 'L-peptide linking' y GLUTAMINE       ? 'C5 H10 N2 O3'   146.144 
GLU 'L-peptide linking' y 'GLUTAMIC ACID' ? 'C5 H9 N O4'     147.129 
GLY 'peptide linking'   y GLYCINE         ? 'C2 H5 N O2'     75.067  
HIS 'L-peptide linking' y HISTIDINE       ? 'C6 H10 N3 O2 1' 156.162 
HOH non-polymer         . WATER           ? 'H2 O'           18.015  
ILE 'L-peptide linking' y ISOLEUCINE      ? 'C6 H13 N O2'    131.173 
LEU 'L-peptide linking' y LEUCINE         ? 'C6 H13 N O2'    131.173 
LYS 'L-peptide linking' y LYSINE          ? 'C6 H15 N2 O2 1' 147.195 
MET 'L-peptide linking' y METHIONINE      ? 'C5 H11 N O2 S'  149.211 
PHE 'L-peptide linking' y PHENYLALANINE   ? 'C9 H11 N O2'    165.189 
PRO 'L-peptide linking' y PROLINE         ? 'C5 H9 N O2'     115.130 
SER 'L-peptide linking' y SERINE          ? 'C3 H7 N O3'     105.093 
THR 'L-peptide linking' y THREONINE       ? 'C4 H9 N O3'     119.119 
TRP 'L-peptide linking' y TRYPTOPHAN      ? 'C11 H12 N2 O2'  204.225 
TYR 'L-peptide linking' y TYROSINE        ? 'C9 H11 N O3'    181.189 
VAL 'L-peptide linking' y VALINE          ? 'C5 H11 N O2'    117.146 
# 
loop_
_pdbx_poly_seq_scheme.asym_id 
_pdbx_poly_seq_scheme.entity_id 
_pdbx_poly_seq_scheme.seq_id 
_pdbx_poly_seq_scheme.mon_id 
_pdbx_poly_seq_scheme.ndb_seq_num 
_pdbx_poly_seq_scheme.pdb_seq_num 
_pdbx_poly_seq_scheme.auth_seq_num 
_pdbx_poly_seq_scheme.pdb_mon_id 
_pdbx_poly_seq_scheme.auth_mon_id 
_pdbx_poly_seq_scheme.pdb_strand_id 
_pdbx_poly_seq_scheme.pdb_ins_code 
_pdbx_poly_seq_scheme.hetero 
A 1 1   GLY 1   -1  ?   ?   ?   A . n 
A 1 2   HIS 2   0   ?   ?   ?   A . n 
A 1 3   MET 3   1   ?   ?   ?   A . n 
A 1 4   CYS 4   2   ?   ?   ?   A . n 
A 1 5   ILE 5   3   ?   ?   ?   A . n 
A 1 6   ILE 6   4   ?   ?   ?   A . n 
A 1 7   LYS 7   5   ?   ?   ?   A . n 
A 1 8   PRO 8   6   ?   ?   ?   A . n 
A 1 9   MET 9   7   7   MET MET A . n 
A 1 10  ASP 10  8   8   ASP ASP A . n 
A 1 11  ASP 11  9   9   ASP ASP A . n 
A 1 12  VAL 12  10  10  VAL VAL A . n 
A 1 13  VAL 13  11  11  VAL VAL A . n 
A 1 14  LYS 14  12  12  LYS LYS A . n 
A 1 15  PHE 15  13  13  PHE PHE A . n 
A 1 16  ILE 16  14  14  ILE ILE A . n 
A 1 17  HIS 17  15  15  HIS HIS A . n 
A 1 18  GLU 18  16  16  GLU GLU A . n 
A 1 19  VAL 19  17  17  VAL VAL A . n 
A 1 20  GLY 20  18  18  GLY GLY A . n 
A 1 21  SER 21  19  19  SER SER A . n 
A 1 22  LEU 22  20  20  LEU LEU A . n 
A 1 23  LYS 23  21  21  LYS LYS A . n 
A 1 24  LEU 24  22  22  LEU LEU A . n 
A 1 25  THR 25  23  23  THR THR A . n 
A 1 26  PRO 26  24  24  PRO PRO A . n 
A 1 27  ARG 27  25  25  ARG ARG A . n 
A 1 28  SER 28  26  26  SER SER A . n 
A 1 29  GLY 29  27  27  GLY GLY A . n 
A 1 30  TRP 30  28  28  TRP TRP A . n 
A 1 31  LEU 31  29  29  LEU LEU A . n 
A 1 32  LYS 32  30  30  LYS LYS A . n 
A 1 33  LEU 33  31  31  LEU LEU A . n 
A 1 34  GLY 34  32  32  GLY GLY A . n 
A 1 35  ILE 35  33  33  ILE ILE A . n 
A 1 36  ARG 36  34  34  ARG ARG A . n 
A 1 37  LEU 37  35  35  LEU LEU A . n 
A 1 38  PRO 38  36  36  PRO PRO A . n 
A 1 39  GLU 39  37  37  GLU GLU A . n 
A 1 40  SER 40  38  38  SER SER A . n 
A 1 41  VAL 41  39  39  VAL VAL A . n 
A 1 42  ALA 42  40  40  ALA ALA A . n 
A 1 43  GLU 43  41  41  GLU GLU A . n 
A 1 44  HIS 44  42  42  HIS HIS A . n 
A 1 45  SER 45  43  43  SER SER A . n 
A 1 46  PHE 46  44  44  PHE PHE A . n 
A 1 47  ARG 47  45  45  ARG ARG A . n 
A 1 48  ALA 48  46  46  ALA ALA A . n 
A 1 49  ALA 49  47  47  ALA ALA A . n 
A 1 50  ILE 50  48  48  ILE ILE A . n 
A 1 51  ILE 51  49  49  ILE ILE A . n 
A 1 52  ALA 52  50  50  ALA ALA A . n 
A 1 53  PHE 53  51  51  PHE PHE A . n 
A 1 54  ILE 54  52  52  ILE ILE A . n 
A 1 55  LEU 55  53  53  LEU LEU A . n 
A 1 56  ALA 56  54  54  ALA ALA A . n 
A 1 57  LEU 57  55  55  LEU LEU A . n 
A 1 58  LYS 58  56  56  LYS LYS A . n 
A 1 59  SER 59  57  57  SER SER A . n 
A 1 60  GLY 60  58  58  GLY GLY A . n 
A 1 61  GLU 61  59  59  GLU GLU A . n 
A 1 62  SER 62  60  60  SER SER A . n 
A 1 63  VAL 63  61  61  VAL VAL A . n 
A 1 64  GLU 64  62  62  GLU GLU A . n 
A 1 65  LYS 65  63  63  LYS LYS A . n 
A 1 66  ALA 66  64  64  ALA ALA A . n 
A 1 67  CYS 67  65  65  CYS CYS A . n 
A 1 68  LYS 68  66  66  LYS LYS A . n 
A 1 69  ALA 69  67  67  ALA ALA A . n 
A 1 70  ALA 70  68  68  ALA ALA A . n 
A 1 71  THR 71  69  69  THR THR A . n 
A 1 72  ALA 72  70  70  ALA ALA A . n 
A 1 73  ALA 73  71  71  ALA ALA A . n 
A 1 74  LEU 74  72  72  LEU LEU A . n 
A 1 75  PHE 75  73  73  PHE PHE A . n 
A 1 76  HIS 76  74  74  HIS HIS A . n 
A 1 77  ASP 77  75  75  ASP ASP A . n 
A 1 78  LEU 78  76  76  LEU LEU A . n 
A 1 79  HIS 79  77  77  HIS HIS A . n 
A 1 80  GLU 80  78  78  GLU GLU A . n 
A 1 81  ALA 81  79  79  ALA ALA A . n 
A 1 82  ARG 82  80  80  ARG ARG A . n 
A 1 83  THR 83  81  ?   ?   ?   A . n 
A 1 84  MET 84  82  ?   ?   ?   A . n 
A 1 85  ASP 85  83  ?   ?   ?   A . n 
A 1 86  LEU 86  84  ?   ?   ?   A . n 
A 1 87  HIS 87  85  ?   ?   ?   A . n 
A 1 88  LYS 88  86  ?   ?   ?   A . n 
A 1 89  ILE 89  87  ?   ?   ?   A . n 
A 1 90  ALA 90  88  ?   ?   ?   A . n 
A 1 91  ARG 91  89  ?   ?   ?   A . n 
A 1 92  ARG 92  90  ?   ?   ?   A . n 
A 1 93  TYR 93  91  ?   ?   ?   A . n 
A 1 94  VAL 94  92  ?   ?   ?   A . n 
A 1 95  SER 95  93  ?   ?   ?   A . n 
A 1 96  CYS 96  94  ?   ?   ?   A . n 
A 1 97  ASP 97  95  ?   ?   ?   A . n 
A 1 98  GLU 98  96  ?   ?   ?   A . n 
A 1 99  GLU 99  97  ?   ?   ?   A . n 
A 1 100 GLY 100 98  ?   ?   ?   A . n 
A 1 101 ALA 101 99  ?   ?   ?   A . n 
A 1 102 ARG 102 100 ?   ?   ?   A . n 
A 1 103 GLU 103 101 101 GLU GLU A . n 
A 1 104 GLU 104 102 102 GLU GLU A . n 
A 1 105 GLN 105 103 103 GLN GLN A . n 
A 1 106 LEU 106 104 104 LEU LEU A . n 
A 1 107 SER 107 105 105 SER SER A . n 
A 1 108 TRP 108 106 106 TRP TRP A . n 
A 1 109 MET 109 107 107 MET MET A . n 
A 1 110 GLU 110 108 108 GLU GLU A . n 
A 1 111 SER 111 109 109 SER SER A . n 
A 1 112 LYS 112 110 110 LYS LYS A . n 
A 1 113 PRO 113 111 111 PRO PRO A . n 
A 1 114 ASP 114 112 112 ASP ASP A . n 
A 1 115 PHE 115 113 113 PHE PHE A . n 
A 1 116 SER 116 114 114 SER SER A . n 
A 1 117 ASP 117 115 115 ASP ASP A . n 
A 1 118 VAL 118 116 116 VAL VAL A . n 
A 1 119 GLU 119 117 117 GLU GLU A . n 
A 1 120 VAL 120 118 118 VAL VAL A . n 
A 1 121 TYR 121 119 119 TYR TYR A . n 
A 1 122 VAL 122 120 120 VAL VAL A . n 
A 1 123 SER 123 121 121 SER SER A . n 
A 1 124 ASP 124 122 122 ASP ASP A . n 
A 1 125 ALA 125 123 123 ALA ALA A . n 
A 1 126 ASP 126 124 124 ASP ASP A . n 
A 1 127 LYS 127 125 125 LYS LYS A . n 
A 1 128 LEU 128 126 126 LEU LEU A . n 
A 1 129 GLU 129 127 127 GLU GLU A . n 
A 1 130 LEU 130 128 128 LEU LEU A . n 
A 1 131 ALA 131 129 129 ALA ALA A . n 
A 1 132 PHE 132 130 130 PHE PHE A . n 
A 1 133 GLN 133 131 131 GLN GLN A . n 
A 1 134 GLY 134 132 132 GLY GLY A . n 
A 1 135 VAL 135 133 133 VAL VAL A . n 
A 1 136 GLU 136 134 134 GLU GLU A . n 
A 1 137 TYR 137 135 135 TYR TYR A . n 
A 1 138 SER 138 136 136 SER SER A . n 
A 1 139 GLN 139 137 137 GLN GLN A . n 
A 1 140 GLN 140 138 138 GLN GLN A . n 
A 1 141 VAL 141 139 139 VAL VAL A . n 
A 1 142 SER 142 140 140 SER SER A . n 
A 1 143 TYR 143 141 141 TYR TYR A . n 
A 1 144 ALA 144 142 142 ALA ALA A . n 
A 1 145 ILE 145 143 143 ILE ILE A . n 
A 1 146 ARG 146 144 144 ARG ARG A . n 
A 1 147 PHE 147 145 145 PHE PHE A . n 
A 1 148 ALA 148 146 146 ALA ALA A . n 
A 1 149 GLU 149 147 147 GLU GLU A . n 
A 1 150 ASN 150 148 148 ASN ASN A . n 
A 1 151 VAL 151 149 149 VAL VAL A . n 
A 1 152 GLU 152 150 150 GLU GLU A . n 
A 1 153 LEU 153 151 151 LEU LEU A . n 
A 1 154 LYS 154 152 152 LYS LYS A . n 
A 1 155 THR 155 153 153 THR THR A . n 
A 1 156 ASP 156 154 154 ASP ASP A . n 
A 1 157 ALA 157 155 155 ALA ALA A . n 
A 1 158 ALA 158 156 156 ALA ALA A . n 
A 1 159 LYS 159 157 157 LYS LYS A . n 
A 1 160 GLU 160 158 158 GLU GLU A . n 
A 1 161 ILE 161 159 159 ILE ILE A . n 
A 1 162 TYR 162 160 160 TYR TYR A . n 
A 1 163 ARG 163 161 161 ARG ARG A . n 
A 1 164 VAL 164 162 162 VAL VAL A . n 
A 1 165 LEU 165 163 163 LEU LEU A . n 
A 1 166 MET 166 164 164 MET MET A . n 
A 1 167 GLU 167 165 165 GLU GLU A . n 
A 1 168 ARG 168 166 166 ARG ARG A . n 
A 1 169 LYS 169 167 167 LYS LYS A . n 
A 1 170 ASN 170 168 168 ASN ASN A . n 
A 1 171 PRO 171 169 169 PRO PRO A . n 
A 1 172 VAL 172 170 170 VAL VAL A . n 
A 1 173 TRP 173 171 171 TRP TRP A . n 
A 1 174 TRP 174 172 172 TRP TRP A . n 
A 1 175 ARG 175 173 ?   ?   ?   A . n 
# 
loop_
_pdbx_nonpoly_scheme.asym_id 
_pdbx_nonpoly_scheme.entity_id 
_pdbx_nonpoly_scheme.mon_id 
_pdbx_nonpoly_scheme.ndb_seq_num 
_pdbx_nonpoly_scheme.pdb_seq_num 
_pdbx_nonpoly_scheme.auth_seq_num 
_pdbx_nonpoly_scheme.pdb_mon_id 
_pdbx_nonpoly_scheme.auth_mon_id 
_pdbx_nonpoly_scheme.pdb_strand_id 
_pdbx_nonpoly_scheme.pdb_ins_code 
B 2 HOH 1  174 1  HOH HOH A . 
B 2 HOH 2  175 2  HOH HOH A . 
B 2 HOH 3  176 3  HOH HOH A . 
B 2 HOH 4  177 4  HOH HOH A . 
B 2 HOH 5  178 5  HOH HOH A . 
B 2 HOH 6  179 6  HOH HOH A . 
B 2 HOH 7  180 7  HOH HOH A . 
B 2 HOH 8  181 8  HOH HOH A . 
B 2 HOH 9  182 9  HOH HOH A . 
B 2 HOH 10 183 10 HOH HOH A . 
B 2 HOH 11 184 11 HOH HOH A . 
B 2 HOH 12 185 12 HOH HOH A . 
B 2 HOH 13 186 13 HOH HOH A . 
B 2 HOH 14 187 14 HOH HOH A . 
B 2 HOH 15 188 15 HOH HOH A . 
B 2 HOH 16 189 16 HOH HOH A . 
B 2 HOH 17 190 17 HOH HOH A . 
B 2 HOH 18 191 18 HOH HOH A . 
B 2 HOH 19 192 19 HOH HOH A . 
B 2 HOH 20 193 20 HOH HOH A . 
B 2 HOH 21 194 21 HOH HOH A . 
B 2 HOH 22 195 22 HOH HOH A . 
B 2 HOH 23 196 23 HOH HOH A . 
B 2 HOH 24 197 24 HOH HOH A . 
B 2 HOH 25 198 25 HOH HOH A . 
B 2 HOH 26 199 26 HOH HOH A . 
B 2 HOH 27 200 27 HOH HOH A . 
B 2 HOH 28 201 29 HOH HOH A . 
B 2 HOH 29 202 30 HOH HOH A . 
B 2 HOH 30 203 31 HOH HOH A . 
B 2 HOH 31 204 32 HOH HOH A . 
B 2 HOH 32 205 33 HOH HOH A . 
B 2 HOH 33 206 34 HOH HOH A . 
B 2 HOH 34 207 35 HOH HOH A . 
B 2 HOH 35 208 36 HOH HOH A . 
B 2 HOH 36 209 37 HOH HOH A . 
B 2 HOH 37 210 39 HOH HOH A . 
B 2 HOH 38 211 40 HOH HOH A . 
B 2 HOH 39 212 41 HOH HOH A . 
B 2 HOH 40 213 42 HOH HOH A . 
B 2 HOH 41 214 43 HOH HOH A . 
B 2 HOH 42 215 44 HOH HOH A . 
B 2 HOH 43 216 45 HOH HOH A . 
B 2 HOH 44 217 46 HOH HOH A . 
B 2 HOH 45 218 47 HOH HOH A . 
B 2 HOH 46 219 48 HOH HOH A . 
B 2 HOH 47 220 49 HOH HOH A . 
B 2 HOH 48 221 50 HOH HOH A . 
B 2 HOH 49 222 51 HOH HOH A . 
B 2 HOH 50 223 52 HOH HOH A . 
B 2 HOH 51 224 53 HOH HOH A . 
B 2 HOH 52 225 54 HOH HOH A . 
B 2 HOH 53 226 55 HOH HOH A . 
B 2 HOH 54 227 56 HOH HOH A . 
B 2 HOH 55 228 57 HOH HOH A . 
B 2 HOH 56 229 58 HOH HOH A . 
B 2 HOH 57 230 59 HOH HOH A . 
B 2 HOH 58 231 60 HOH HOH A . 
B 2 HOH 59 232 61 HOH HOH A . 
B 2 HOH 60 233 62 HOH HOH A . 
B 2 HOH 61 234 63 HOH HOH A . 
B 2 HOH 62 235 64 HOH HOH A . 
B 2 HOH 63 236 65 HOH HOH A . 
B 2 HOH 64 237 66 HOH HOH A . 
B 2 HOH 65 238 67 HOH HOH A . 
B 2 HOH 66 239 68 HOH HOH A . 
B 2 HOH 67 240 69 HOH HOH A . 
B 2 HOH 68 241 70 HOH HOH A . 
B 2 HOH 69 242 71 HOH HOH A . 
B 2 HOH 70 243 72 HOH HOH A . 
B 2 HOH 71 244 73 HOH HOH A . 
B 2 HOH 72 245 74 HOH HOH A . 
B 2 HOH 73 246 75 HOH HOH A . 
B 2 HOH 74 247 76 HOH HOH A . 
B 2 HOH 75 248 77 HOH HOH A . 
B 2 HOH 76 249 78 HOH HOH A . 
B 2 HOH 77 250 79 HOH HOH A . 
B 2 HOH 78 251 80 HOH HOH A . 
B 2 HOH 79 252 81 HOH HOH A . 
# 
loop_
_software.name 
_software.classification 
_software.version 
_software.citation_id 
_software.pdbx_ordinal 
REFMAC    refinement       5.2.0005 ? 1 
HKL-2000  'data reduction' .        ? 2 
SCALEPACK 'data scaling'   .        ? 3 
SnB       phasing          .        ? 4 
# 
_cell.entry_id           1YOY 
_cell.length_a           131.799 
_cell.length_b           131.799 
_cell.length_c           58.178 
_cell.angle_alpha        90.00 
_cell.angle_beta         90.00 
_cell.angle_gamma        120.00 
_cell.Z_PDB              18 
_cell.pdbx_unique_axis   ? 
# 
_symmetry.entry_id                         1YOY 
_symmetry.space_group_name_H-M             'H 3 2' 
_symmetry.pdbx_full_space_group_name_H-M   ? 
_symmetry.cell_setting                     ? 
_symmetry.Int_Tables_number                155 
_symmetry.space_group_name_Hall            ? 
# 
_exptl.entry_id          1YOY 
_exptl.method            'X-RAY DIFFRACTION' 
_exptl.crystals_number   1 
# 
_exptl_crystal.id                    1 
_exptl_crystal.density_meas          ? 
_exptl_crystal.density_Matthews      2.4 
_exptl_crystal.density_percent_sol   49 
_exptl_crystal.description           ? 
_exptl_crystal.F_000                 ? 
_exptl_crystal.preparation           ? 
# 
_exptl_crystal_grow.crystal_id      1 
_exptl_crystal_grow.method          'VAPOR DIFFUSION, HANGING DROP' 
_exptl_crystal_grow.temp            297 
_exptl_crystal_grow.temp_details    ? 
_exptl_crystal_grow.pH              5.2 
_exptl_crystal_grow.pdbx_details    '2.5M (NH4)2SO4, 0.1M t-Na citrate, pH 5.2, VAPOR DIFFUSION, HANGING DROP, temperature 297K' 
_exptl_crystal_grow.pdbx_pH_range   . 
# 
_diffrn.id                     1 
_diffrn.ambient_temp           100 
_diffrn.ambient_temp_details   ? 
_diffrn.crystal_id             1 
# 
_diffrn_detector.diffrn_id              1 
_diffrn_detector.detector               CCD 
_diffrn_detector.type                   CUSTOM-MADE 
_diffrn_detector.pdbx_collection_date   2004-12-18 
_diffrn_detector.details                ? 
# 
_diffrn_radiation.diffrn_id                        1 
_diffrn_radiation.wavelength_id                    1 
_diffrn_radiation.pdbx_monochromatic_or_laue_m_l   M 
_diffrn_radiation.monochromator                    ? 
_diffrn_radiation.pdbx_diffrn_protocol             'SINGLE WAVELENGTH' 
_diffrn_radiation.pdbx_scattering_type             x-ray 
# 
_diffrn_radiation_wavelength.id           1 
_diffrn_radiation_wavelength.wavelength   0.97945 
_diffrn_radiation_wavelength.wt           1.0 
# 
_diffrn_source.diffrn_id                   1 
_diffrn_source.source                      SYNCHROTRON 
_diffrn_source.type                        'APS BEAMLINE 19-BM' 
_diffrn_source.pdbx_synchrotron_site       APS 
_diffrn_source.pdbx_synchrotron_beamline   19-BM 
_diffrn_source.pdbx_wavelength             0.97945 
_diffrn_source.pdbx_wavelength_list        0.97945 
# 
_reflns.entry_id                     1YOY 
_reflns.observed_criterion_sigma_F   2 
_reflns.observed_criterion_sigma_I   2 
_reflns.d_resolution_high            2 
_reflns.d_resolution_low             50 
_reflns.number_all                   13228 
_reflns.number_obs                   13058 
_reflns.percent_possible_obs         95.2 
_reflns.pdbx_Rmerge_I_obs            ? 
_reflns.pdbx_Rsym_value              ? 
_reflns.pdbx_netI_over_sigmaI        ? 
_reflns.B_iso_Wilson_estimate        ? 
_reflns.pdbx_redundancy              ? 
_reflns.R_free_details               ? 
_reflns.limit_h_max                  ? 
_reflns.limit_h_min                  ? 
_reflns.limit_k_max                  ? 
_reflns.limit_k_min                  ? 
_reflns.limit_l_max                  ? 
_reflns.limit_l_min                  ? 
_reflns.observed_criterion_F_max     ? 
_reflns.observed_criterion_F_min     ? 
_reflns.pdbx_chi_squared             ? 
_reflns.pdbx_scaling_rejects         ? 
_reflns.pdbx_ordinal                 1 
_reflns.pdbx_diffrn_id               1 
# 
_reflns_shell.d_res_high             2 
_reflns_shell.d_res_low              2.07 
_reflns_shell.percent_possible_all   65.1 
_reflns_shell.Rmerge_I_obs           ? 
_reflns_shell.pdbx_Rsym_value        ? 
_reflns_shell.meanI_over_sigI_obs    ? 
_reflns_shell.pdbx_redundancy        ? 
_reflns_shell.percent_possible_obs   ? 
_reflns_shell.number_unique_all      ? 
_reflns_shell.number_measured_all    ? 
_reflns_shell.number_measured_obs    ? 
_reflns_shell.number_unique_obs      ? 
_reflns_shell.pdbx_chi_squared       ? 
_reflns_shell.pdbx_ordinal           1 
_reflns_shell.pdbx_diffrn_id         1 
# 
_refine.entry_id                                 1YOY 
_refine.ls_number_reflns_obs                     12370 
_refine.ls_number_reflns_all                     13228 
_refine.pdbx_ls_sigma_I                          ? 
_refine.pdbx_ls_sigma_F                          0 
_refine.pdbx_data_cutoff_high_absF               ? 
_refine.pdbx_data_cutoff_low_absF                ? 
_refine.pdbx_data_cutoff_high_rms_absF           ? 
_refine.ls_d_res_low                             19.46 
_refine.ls_d_res_high                            2.00 
_refine.ls_percent_reflns_obs                    98.71 
_refine.ls_R_factor_obs                          0.18611 
_refine.ls_R_factor_all                          0.18611 
_refine.ls_R_factor_R_work                       0.18362 
_refine.ls_R_factor_R_free                       0.23589 
_refine.ls_R_factor_R_free_error                 ? 
_refine.ls_R_factor_R_free_error_details         ? 
_refine.ls_percent_reflns_R_free                 5.1 
_refine.ls_number_reflns_R_free                  669 
_refine.ls_number_parameters                     ? 
_refine.ls_number_restraints                     ? 
_refine.occupancy_min                            ? 
_refine.occupancy_max                            ? 
_refine.correlation_coeff_Fo_to_Fc               0.953 
_refine.correlation_coeff_Fo_to_Fc_free          0.928 
_refine.B_iso_mean                               30.091 
_refine.aniso_B[1][1]                            -0.02 
_refine.aniso_B[2][2]                            -0.02 
_refine.aniso_B[3][3]                            0.02 
_refine.aniso_B[1][2]                            -0.01 
_refine.aniso_B[1][3]                            0.00 
_refine.aniso_B[2][3]                            0.00 
_refine.solvent_model_details                    MASK 
_refine.solvent_model_param_ksol                 ? 
_refine.solvent_model_param_bsol                 ? 
_refine.pdbx_solvent_vdw_probe_radii             1.20 
_refine.pdbx_solvent_ion_probe_radii             0.80 
_refine.pdbx_solvent_shrinkage_radii             0.80 
_refine.pdbx_ls_cross_valid_method               THROUGHOUT 
_refine.details                                  ? 
_refine.pdbx_starting_model                      ? 
_refine.pdbx_method_to_determine_struct          SAD 
_refine.pdbx_isotropic_thermal_model             ? 
_refine.pdbx_stereochemistry_target_values       'MAXIMUM LIKELIHOOD' 
_refine.pdbx_stereochem_target_val_spec_case     ? 
_refine.pdbx_R_Free_selection_details            RANDOM 
_refine.pdbx_overall_ESU_R                       0.154 
_refine.pdbx_overall_ESU_R_Free                  0.153 
_refine.overall_SU_ML                            0.100 
_refine.overall_SU_B                             3.496 
_refine.ls_redundancy_reflns_obs                 ? 
_refine.B_iso_min                                ? 
_refine.B_iso_max                                ? 
_refine.overall_SU_R_Cruickshank_DPI             ? 
_refine.overall_SU_R_free                        ? 
_refine.ls_wR_factor_R_free                      ? 
_refine.ls_wR_factor_R_work                      ? 
_refine.overall_FOM_free_R_set                   ? 
_refine.overall_FOM_work_R_set                   ? 
_refine.pdbx_refine_id                           'X-RAY DIFFRACTION' 
_refine.pdbx_diffrn_id                           1 
_refine.pdbx_TLS_residual_ADP_flag               ? 
_refine.pdbx_overall_phase_error                 ? 
_refine.pdbx_overall_SU_R_free_Cruickshank_DPI   ? 
_refine.pdbx_overall_SU_R_Blow_DPI               ? 
_refine.pdbx_overall_SU_R_free_Blow_DPI          ? 
# 
_refine_hist.pdbx_refine_id                   'X-RAY DIFFRACTION' 
_refine_hist.cycle_id                         LAST 
_refine_hist.pdbx_number_atoms_protein        1172 
_refine_hist.pdbx_number_atoms_nucleic_acid   0 
_refine_hist.pdbx_number_atoms_ligand         0 
_refine_hist.number_atoms_solvent             79 
_refine_hist.number_atoms_total               1251 
_refine_hist.d_res_high                       2.00 
_refine_hist.d_res_low                        19.46 
# 
loop_
_refine_ls_restr.type 
_refine_ls_restr.dev_ideal 
_refine_ls_restr.dev_ideal_target 
_refine_ls_restr.weight 
_refine_ls_restr.number 
_refine_ls_restr.pdbx_refine_id 
_refine_ls_restr.pdbx_restraint_function 
r_bond_refined_d             0.019  0.022  ? 1197 'X-RAY DIFFRACTION' ? 
r_bond_other_d               ?      ?      ? ?    'X-RAY DIFFRACTION' ? 
r_angle_refined_deg          1.630  1.948  ? 1616 'X-RAY DIFFRACTION' ? 
r_angle_other_deg            ?      ?      ? ?    'X-RAY DIFFRACTION' ? 
r_dihedral_angle_1_deg       6.483  5.000  ? 144  'X-RAY DIFFRACTION' ? 
r_dihedral_angle_2_deg       33.223 24.107 ? 56   'X-RAY DIFFRACTION' ? 
r_dihedral_angle_3_deg       17.158 15.000 ? 214  'X-RAY DIFFRACTION' ? 
r_dihedral_angle_4_deg       22.554 15.000 ? 7    'X-RAY DIFFRACTION' ? 
r_chiral_restr               0.112  0.200  ? 178  'X-RAY DIFFRACTION' ? 
r_gen_planes_refined         0.007  0.020  ? 892  'X-RAY DIFFRACTION' ? 
r_gen_planes_other           ?      ?      ? ?    'X-RAY DIFFRACTION' ? 
r_nbd_refined                0.211  0.200  ? 515  'X-RAY DIFFRACTION' ? 
r_nbd_other                  ?      ?      ? ?    'X-RAY DIFFRACTION' ? 
r_nbtor_refined              0.302  0.200  ? 829  'X-RAY DIFFRACTION' ? 
r_nbtor_other                ?      ?      ? ?    'X-RAY DIFFRACTION' ? 
r_xyhbond_nbd_refined        0.199  0.200  ? 68   'X-RAY DIFFRACTION' ? 
r_xyhbond_nbd_other          ?      ?      ? ?    'X-RAY DIFFRACTION' ? 
r_metal_ion_refined          ?      ?      ? ?    'X-RAY DIFFRACTION' ? 
r_metal_ion_other            ?      ?      ? ?    'X-RAY DIFFRACTION' ? 
r_symmetry_vdw_refined       0.183  0.200  ? 77   'X-RAY DIFFRACTION' ? 
r_symmetry_vdw_other         ?      ?      ? ?    'X-RAY DIFFRACTION' ? 
r_symmetry_hbond_refined     0.160  0.200  ? 17   'X-RAY DIFFRACTION' ? 
r_symmetry_hbond_other       ?      ?      ? ?    'X-RAY DIFFRACTION' ? 
r_symmetry_metal_ion_refined ?      ?      ? ?    'X-RAY DIFFRACTION' ? 
r_symmetry_metal_ion_other   ?      ?      ? ?    'X-RAY DIFFRACTION' ? 
r_mcbond_it                  1.185  1.500  ? 747  'X-RAY DIFFRACTION' ? 
r_mcbond_other               ?      ?      ? ?    'X-RAY DIFFRACTION' ? 
r_mcangle_it                 2.033  2.000  ? 1165 'X-RAY DIFFRACTION' ? 
r_scbond_it                  3.281  3.000  ? 524  'X-RAY DIFFRACTION' ? 
r_scangle_it                 5.059  4.500  ? 451  'X-RAY DIFFRACTION' ? 
r_rigid_bond_restr           ?      ?      ? ?    'X-RAY DIFFRACTION' ? 
r_sphericity_free            ?      ?      ? ?    'X-RAY DIFFRACTION' ? 
r_sphericity_bonded          ?      ?      ? ?    'X-RAY DIFFRACTION' ? 
# 
_refine_ls_shell.pdbx_total_number_of_bins_used   20 
_refine_ls_shell.d_res_high                       2.0 
_refine_ls_shell.d_res_low                        2.050 
_refine_ls_shell.number_reflns_R_work             793 
_refine_ls_shell.R_factor_R_work                  0.241 
_refine_ls_shell.percent_reflns_obs               100.00 
_refine_ls_shell.R_factor_R_free                  0.329 
_refine_ls_shell.R_factor_R_free_error            ? 
_refine_ls_shell.percent_reflns_R_free            ? 
_refine_ls_shell.number_reflns_R_free             54 
_refine_ls_shell.number_reflns_obs                ? 
_refine_ls_shell.redundancy_reflns_obs            ? 
_refine_ls_shell.number_reflns_all                ? 
_refine_ls_shell.pdbx_refine_id                   'X-RAY DIFFRACTION' 
_refine_ls_shell.R_factor_all                     ? 
# 
_struct.entry_id                  1YOY 
_struct.title                     'Predicted coding region AF1432 from Archaeoglobus Fulgidus' 
_struct.pdbx_model_details        ? 
_struct.pdbx_CASP_flag            ? 
_struct.pdbx_model_type_details   ? 
# 
_struct_keywords.entry_id        1YOY 
_struct_keywords.pdbx_keywords   'STRUCTURAL GENOMICS, UNKNOWN FUNCTION' 
_struct_keywords.text            
;AF1432, APC5594, MIDWEST CENTER FOR STRUCTURAL GENOMICS, MCSG, PROTEIN STRUCTURE INITIATIVE, PSI, STRUCTURAL GENOMICS, UNKNOWN FUNCTION
;
# 
loop_
_struct_asym.id 
_struct_asym.pdbx_blank_PDB_chainid_flag 
_struct_asym.pdbx_modified 
_struct_asym.entity_id 
_struct_asym.details 
A N N 1 ? 
B N N 2 ? 
# 
_struct_ref.id                         1 
_struct_ref.db_name                    UNP 
_struct_ref.db_code                    O28840_ARCFU 
_struct_ref.pdbx_db_accession          O28840 
_struct_ref.entity_id                  1 
_struct_ref.pdbx_seq_one_letter_code   
;MCIIKPMDDVVKFIHEVGSLKLTPRSGWLKLGIRLPESVAEHSFRAAIIAFILALKSGESVEKACKAATAALFHDLHEAR
TMDLHKIARRYVSCDEEGAREEQLSWMESKPDFSDVEVYVSDADKLELAFQGVEYSQQVSYAIRFAENVELKTDAAKEIY
RVLMERKNPVWWR
;
_struct_ref.pdbx_align_begin           1 
_struct_ref.pdbx_db_isoform            ? 
# 
_struct_ref_seq.align_id                      1 
_struct_ref_seq.ref_id                        1 
_struct_ref_seq.pdbx_PDB_id_code              1YOY 
_struct_ref_seq.pdbx_strand_id                A 
_struct_ref_seq.seq_align_beg                 3 
_struct_ref_seq.pdbx_seq_align_beg_ins_code   ? 
_struct_ref_seq.seq_align_end                 175 
_struct_ref_seq.pdbx_seq_align_end_ins_code   ? 
_struct_ref_seq.pdbx_db_accession             O28840 
_struct_ref_seq.db_align_beg                  1 
_struct_ref_seq.pdbx_db_align_beg_ins_code    ? 
_struct_ref_seq.db_align_end                  173 
_struct_ref_seq.pdbx_db_align_end_ins_code    ? 
_struct_ref_seq.pdbx_auth_seq_align_beg       1 
_struct_ref_seq.pdbx_auth_seq_align_end       173 
# 
loop_
_struct_ref_seq_dif.align_id 
_struct_ref_seq_dif.pdbx_pdb_id_code 
_struct_ref_seq_dif.mon_id 
_struct_ref_seq_dif.pdbx_pdb_strand_id 
_struct_ref_seq_dif.seq_num 
_struct_ref_seq_dif.pdbx_pdb_ins_code 
_struct_ref_seq_dif.pdbx_seq_db_name 
_struct_ref_seq_dif.pdbx_seq_db_accession_code 
_struct_ref_seq_dif.db_mon_id 
_struct_ref_seq_dif.pdbx_seq_db_seq_num 
_struct_ref_seq_dif.details 
_struct_ref_seq_dif.pdbx_auth_seq_num 
_struct_ref_seq_dif.pdbx_ordinal 
1 1YOY GLY A 1 ? UNP O28840 ? ? 'cloning artifact' -1 1 
1 1YOY HIS A 2 ? UNP O28840 ? ? 'cloning artifact' 0  2 
# 
loop_
_pdbx_struct_assembly.id 
_pdbx_struct_assembly.details 
_pdbx_struct_assembly.method_details 
_pdbx_struct_assembly.oligomeric_details 
_pdbx_struct_assembly.oligomeric_count 
1 author_and_software_defined_assembly PISA     dimeric   2 
2 software_defined_assembly            PISA,PQS hexameric 6 
# 
loop_
_pdbx_struct_assembly_prop.biol_id 
_pdbx_struct_assembly_prop.type 
_pdbx_struct_assembly_prop.value 
_pdbx_struct_assembly_prop.details 
1 'ABSA (A^2)' 5110  ? 
1 MORE         -51   ? 
1 'SSA (A^2)'  13540 ? 
2 'ABSA (A^2)' 21750 ? 
2 MORE         -200  ? 
2 'SSA (A^2)'  34190 ? 
# 
loop_
_pdbx_struct_assembly_gen.assembly_id 
_pdbx_struct_assembly_gen.oper_expression 
_pdbx_struct_assembly_gen.asym_id_list 
1 1,2         A,B 
2 1,3,4,2,5,6 A,B 
# 
loop_
_pdbx_struct_oper_list.id 
_pdbx_struct_oper_list.type 
_pdbx_struct_oper_list.name 
_pdbx_struct_oper_list.symmetry_operation 
_pdbx_struct_oper_list.matrix[1][1] 
_pdbx_struct_oper_list.matrix[1][2] 
_pdbx_struct_oper_list.matrix[1][3] 
_pdbx_struct_oper_list.vector[1] 
_pdbx_struct_oper_list.matrix[2][1] 
_pdbx_struct_oper_list.matrix[2][2] 
_pdbx_struct_oper_list.matrix[2][3] 
_pdbx_struct_oper_list.vector[2] 
_pdbx_struct_oper_list.matrix[3][1] 
_pdbx_struct_oper_list.matrix[3][2] 
_pdbx_struct_oper_list.matrix[3][3] 
_pdbx_struct_oper_list.vector[3] 
1 'identity operation'         1_555 x,y,z      1.0000000000  0.0000000000  0.0000000000  0.0000000000   0.0000000000  1.0000000000  0.0000000000  0.0000000000   0.0000000000  0.0000000000  1.0000000000  0.0000000000   
2 'crystal symmetry operation' 4_555 y,x,-z     -0.6511874544 0.3705196362  0.6623217484  13.8114247498  0.3705196362  -0.6064224107 0.7035389534  3.5438277590   0.6623217484  0.7035389534  0.2576098651  -9.2563108673  
3 'crystal symmetry operation' 2_555 -y,x-y,z   0.6639429622  -0.3415875647 -0.6652049899 -18.1385248119 -0.7462547006 -0.2458207076 -0.6186081972 -25.2422886775 0.0477877062  0.9071329094  -0.4181222546 -23.9137913596 
4 'crystal symmetry operation' 3_555 -x+y,-x,z  0.6639429622  -0.7462547006 0.0477877062  -5.6514454484  -0.3415875647 -0.2458207076 0.9071329094  9.2920153502   -0.6652049899 -0.6186081972 -0.4181222546 -37.6798122646 
5 'crystal symmetry operation' 5_555 x-y,-y,-z  -0.6772025104 0.7321699922  -0.0729648029 0.4316168245   0.7321699922  0.6607096236  -0.1654989300 -4.6936460501  -0.0729648029 -0.1654989300 -0.9835071132 -45.1892122580 
6 'crystal symmetry operation' 6_555 -x,-x+y,-z -0.9994959596 -0.0148473632 0.0280603381  -4.0217098680  -0.0148473632 -0.5626457977 -0.8265647356 -30.6942457874 0.0280603381  -0.8265647356 0.5621417573  -16.1687826972 
# 
_struct_biol.id                    1 
_struct_biol.details               
;The second part of the biological assembly is generated 
by symmetry operator (y, x, -z)
;
_struct_biol.pdbx_parent_biol_id   ? 
# 
loop_
_struct_conf.conf_type_id 
_struct_conf.id 
_struct_conf.pdbx_PDB_helix_id 
_struct_conf.beg_label_comp_id 
_struct_conf.beg_label_asym_id 
_struct_conf.beg_label_seq_id 
_struct_conf.pdbx_beg_PDB_ins_code 
_struct_conf.end_label_comp_id 
_struct_conf.end_label_asym_id 
_struct_conf.end_label_seq_id 
_struct_conf.pdbx_end_PDB_ins_code 
_struct_conf.beg_auth_comp_id 
_struct_conf.beg_auth_asym_id 
_struct_conf.beg_auth_seq_id 
_struct_conf.end_auth_comp_id 
_struct_conf.end_auth_asym_id 
_struct_conf.end_auth_seq_id 
_struct_conf.pdbx_PDB_helix_class 
_struct_conf.details 
_struct_conf.pdbx_PDB_helix_length 
HELX_P HELX_P1  1  MET A 9   ? SER A 21  ? MET A 7   SER A 19  1 ? 13 
HELX_P HELX_P2  2  LEU A 22  ? THR A 25  ? LEU A 20  THR A 23  5 ? 4  
HELX_P HELX_P3  3  ARG A 27  ? GLY A 34  ? ARG A 25  GLY A 32  5 ? 8  
HELX_P HELX_P4  4  SER A 40  ? SER A 59  ? SER A 38  SER A 57  1 ? 20 
HELX_P HELX_P5  5  SER A 62  ? ASP A 77  ? SER A 60  ASP A 75  1 ? 16 
HELX_P HELX_P6  6  LEU A 78  ? ARG A 82  ? LEU A 76  ARG A 80  5 ? 5  
HELX_P HELX_P7  7  GLU A 103 ? SER A 107 ? GLU A 101 SER A 105 5 ? 5  
HELX_P HELX_P8  8  PHE A 115 ? ASP A 117 ? PHE A 113 ASP A 115 5 ? 3  
HELX_P HELX_P9  9  VAL A 118 ? GLN A 139 ? VAL A 116 GLN A 137 1 ? 22 
HELX_P HELX_P10 10 GLN A 140 ? GLU A 149 ? GLN A 138 GLU A 147 5 ? 10 
HELX_P HELX_P11 11 THR A 155 ? LYS A 169 ? THR A 153 LYS A 167 1 ? 15 
# 
_struct_conf_type.id          HELX_P 
_struct_conf_type.criteria    ? 
_struct_conf_type.reference   ? 
# 
_pdbx_validate_close_contact.id               1 
_pdbx_validate_close_contact.PDB_model_num    1 
_pdbx_validate_close_contact.auth_atom_id_1   O 
_pdbx_validate_close_contact.auth_asym_id_1   A 
_pdbx_validate_close_contact.auth_comp_id_1   HOH 
_pdbx_validate_close_contact.auth_seq_id_1    176 
_pdbx_validate_close_contact.PDB_ins_code_1   ? 
_pdbx_validate_close_contact.label_alt_id_1   ? 
_pdbx_validate_close_contact.auth_atom_id_2   O 
_pdbx_validate_close_contact.auth_asym_id_2   A 
_pdbx_validate_close_contact.auth_comp_id_2   HOH 
_pdbx_validate_close_contact.auth_seq_id_2    250 
_pdbx_validate_close_contact.PDB_ins_code_2   ? 
_pdbx_validate_close_contact.label_alt_id_2   ? 
_pdbx_validate_close_contact.dist             1.99 
# 
loop_
_pdbx_validate_torsion.id 
_pdbx_validate_torsion.PDB_model_num 
_pdbx_validate_torsion.auth_comp_id 
_pdbx_validate_torsion.auth_asym_id 
_pdbx_validate_torsion.auth_seq_id 
_pdbx_validate_torsion.PDB_ins_code 
_pdbx_validate_torsion.label_alt_id 
_pdbx_validate_torsion.phi 
_pdbx_validate_torsion.psi 
1 1 GLU A 102 ? ? 65.16 -63.61 
2 1 LYS A 110 ? ? 80.38 48.01  
3 1 LYS A 167 ? ? 39.87 47.91  
# 
_pdbx_validate_peptide_omega.id               1 
_pdbx_validate_peptide_omega.PDB_model_num    1 
_pdbx_validate_peptide_omega.auth_comp_id_1   SER 
_pdbx_validate_peptide_omega.auth_asym_id_1   A 
_pdbx_validate_peptide_omega.auth_seq_id_1    109 
_pdbx_validate_peptide_omega.PDB_ins_code_1   ? 
_pdbx_validate_peptide_omega.label_alt_id_1   ? 
_pdbx_validate_peptide_omega.auth_comp_id_2   LYS 
_pdbx_validate_peptide_omega.auth_asym_id_2   A 
_pdbx_validate_peptide_omega.auth_seq_id_2    110 
_pdbx_validate_peptide_omega.PDB_ins_code_2   ? 
_pdbx_validate_peptide_omega.label_alt_id_2   ? 
_pdbx_validate_peptide_omega.omega            70.63 
# 
_pdbx_SG_project.id                    1 
_pdbx_SG_project.project_name          'PSI, Protein Structure Initiative' 
_pdbx_SG_project.full_name_of_center   'Midwest Center for Structural Genomics' 
_pdbx_SG_project.initial_of_center     MCSG 
# 
loop_
_pdbx_unobs_or_zero_occ_residues.id 
_pdbx_unobs_or_zero_occ_residues.PDB_model_num 
_pdbx_unobs_or_zero_occ_residues.polymer_flag 
_pdbx_unobs_or_zero_occ_residues.occupancy_flag 
_pdbx_unobs_or_zero_occ_residues.auth_asym_id 
_pdbx_unobs_or_zero_occ_residues.auth_comp_id 
_pdbx_unobs_or_zero_occ_residues.auth_seq_id 
_pdbx_unobs_or_zero_occ_residues.PDB_ins_code 
_pdbx_unobs_or_zero_occ_residues.label_asym_id 
_pdbx_unobs_or_zero_occ_residues.label_comp_id 
_pdbx_unobs_or_zero_occ_residues.label_seq_id 
1  1 Y 1 A GLY -1  ? A GLY 1   
2  1 Y 1 A HIS 0   ? A HIS 2   
3  1 Y 1 A MET 1   ? A MET 3   
4  1 Y 1 A CYS 2   ? A CYS 4   
5  1 Y 1 A ILE 3   ? A ILE 5   
6  1 Y 1 A ILE 4   ? A ILE 6   
7  1 Y 1 A LYS 5   ? A LYS 7   
8  1 Y 1 A PRO 6   ? A PRO 8   
9  1 Y 1 A THR 81  ? A THR 83  
10 1 Y 1 A MET 82  ? A MET 84  
11 1 Y 1 A ASP 83  ? A ASP 85  
12 1 Y 1 A LEU 84  ? A LEU 86  
13 1 Y 1 A HIS 85  ? A HIS 87  
14 1 Y 1 A LYS 86  ? A LYS 88  
15 1 Y 1 A ILE 87  ? A ILE 89  
16 1 Y 1 A ALA 88  ? A ALA 90  
17 1 Y 1 A ARG 89  ? A ARG 91  
18 1 Y 1 A ARG 90  ? A ARG 92  
19 1 Y 1 A TYR 91  ? A TYR 93  
20 1 Y 1 A VAL 92  ? A VAL 94  
21 1 Y 1 A SER 93  ? A SER 95  
22 1 Y 1 A CYS 94  ? A CYS 96  
23 1 Y 1 A ASP 95  ? A ASP 97  
24 1 Y 1 A GLU 96  ? A GLU 98  
25 1 Y 1 A GLU 97  ? A GLU 99  
26 1 Y 1 A GLY 98  ? A GLY 100 
27 1 Y 1 A ALA 99  ? A ALA 101 
28 1 Y 1 A ARG 100 ? A ARG 102 
29 1 Y 1 A ARG 173 ? A ARG 175 
# 
loop_
_chem_comp_atom.comp_id 
_chem_comp_atom.atom_id 
_chem_comp_atom.type_symbol 
_chem_comp_atom.pdbx_aromatic_flag 
_chem_comp_atom.pdbx_stereo_config 
_chem_comp_atom.pdbx_ordinal 
ALA N    N N N 1   
ALA CA   C N S 2   
ALA C    C N N 3   
ALA O    O N N 4   
ALA CB   C N N 5   
ALA OXT  O N N 6   
ALA H    H N N 7   
ALA H2   H N N 8   
ALA HA   H N N 9   
ALA HB1  H N N 10  
ALA HB2  H N N 11  
ALA HB3  H N N 12  
ALA HXT  H N N 13  
ARG N    N N N 14  
ARG CA   C N S 15  
ARG C    C N N 16  
ARG O    O N N 17  
ARG CB   C N N 18  
ARG CG   C N N 19  
ARG CD   C N N 20  
ARG NE   N N N 21  
ARG CZ   C N N 22  
ARG NH1  N N N 23  
ARG NH2  N N N 24  
ARG OXT  O N N 25  
ARG H    H N N 26  
ARG H2   H N N 27  
ARG HA   H N N 28  
ARG HB2  H N N 29  
ARG HB3  H N N 30  
ARG HG2  H N N 31  
ARG HG3  H N N 32  
ARG HD2  H N N 33  
ARG HD3  H N N 34  
ARG HE   H N N 35  
ARG HH11 H N N 36  
ARG HH12 H N N 37  
ARG HH21 H N N 38  
ARG HH22 H N N 39  
ARG HXT  H N N 40  
ASN N    N N N 41  
ASN CA   C N S 42  
ASN C    C N N 43  
ASN O    O N N 44  
ASN CB   C N N 45  
ASN CG   C N N 46  
ASN OD1  O N N 47  
ASN ND2  N N N 48  
ASN OXT  O N N 49  
ASN H    H N N 50  
ASN H2   H N N 51  
ASN HA   H N N 52  
ASN HB2  H N N 53  
ASN HB3  H N N 54  
ASN HD21 H N N 55  
ASN HD22 H N N 56  
ASN HXT  H N N 57  
ASP N    N N N 58  
ASP CA   C N S 59  
ASP C    C N N 60  
ASP O    O N N 61  
ASP CB   C N N 62  
ASP CG   C N N 63  
ASP OD1  O N N 64  
ASP OD2  O N N 65  
ASP OXT  O N N 66  
ASP H    H N N 67  
ASP H2   H N N 68  
ASP HA   H N N 69  
ASP HB2  H N N 70  
ASP HB3  H N N 71  
ASP HD2  H N N 72  
ASP HXT  H N N 73  
CYS N    N N N 74  
CYS CA   C N R 75  
CYS C    C N N 76  
CYS O    O N N 77  
CYS CB   C N N 78  
CYS SG   S N N 79  
CYS OXT  O N N 80  
CYS H    H N N 81  
CYS H2   H N N 82  
CYS HA   H N N 83  
CYS HB2  H N N 84  
CYS HB3  H N N 85  
CYS HG   H N N 86  
CYS HXT  H N N 87  
GLN N    N N N 88  
GLN CA   C N S 89  
GLN C    C N N 90  
GLN O    O N N 91  
GLN CB   C N N 92  
GLN CG   C N N 93  
GLN CD   C N N 94  
GLN OE1  O N N 95  
GLN NE2  N N N 96  
GLN OXT  O N N 97  
GLN H    H N N 98  
GLN H2   H N N 99  
GLN HA   H N N 100 
GLN HB2  H N N 101 
GLN HB3  H N N 102 
GLN HG2  H N N 103 
GLN HG3  H N N 104 
GLN HE21 H N N 105 
GLN HE22 H N N 106 
GLN HXT  H N N 107 
GLU N    N N N 108 
GLU CA   C N S 109 
GLU C    C N N 110 
GLU O    O N N 111 
GLU CB   C N N 112 
GLU CG   C N N 113 
GLU CD   C N N 114 
GLU OE1  O N N 115 
GLU OE2  O N N 116 
GLU OXT  O N N 117 
GLU H    H N N 118 
GLU H2   H N N 119 
GLU HA   H N N 120 
GLU HB2  H N N 121 
GLU HB3  H N N 122 
GLU HG2  H N N 123 
GLU HG3  H N N 124 
GLU HE2  H N N 125 
GLU HXT  H N N 126 
GLY N    N N N 127 
GLY CA   C N N 128 
GLY C    C N N 129 
GLY O    O N N 130 
GLY OXT  O N N 131 
GLY H    H N N 132 
GLY H2   H N N 133 
GLY HA2  H N N 134 
GLY HA3  H N N 135 
GLY HXT  H N N 136 
HIS N    N N N 137 
HIS CA   C N S 138 
HIS C    C N N 139 
HIS O    O N N 140 
HIS CB   C N N 141 
HIS CG   C Y N 142 
HIS ND1  N Y N 143 
HIS CD2  C Y N 144 
HIS CE1  C Y N 145 
HIS NE2  N Y N 146 
HIS OXT  O N N 147 
HIS H    H N N 148 
HIS H2   H N N 149 
HIS HA   H N N 150 
HIS HB2  H N N 151 
HIS HB3  H N N 152 
HIS HD1  H N N 153 
HIS HD2  H N N 154 
HIS HE1  H N N 155 
HIS HE2  H N N 156 
HIS HXT  H N N 157 
HOH O    O N N 158 
HOH H1   H N N 159 
HOH H2   H N N 160 
ILE N    N N N 161 
ILE CA   C N S 162 
ILE C    C N N 163 
ILE O    O N N 164 
ILE CB   C N S 165 
ILE CG1  C N N 166 
ILE CG2  C N N 167 
ILE CD1  C N N 168 
ILE OXT  O N N 169 
ILE H    H N N 170 
ILE H2   H N N 171 
ILE HA   H N N 172 
ILE HB   H N N 173 
ILE HG12 H N N 174 
ILE HG13 H N N 175 
ILE HG21 H N N 176 
ILE HG22 H N N 177 
ILE HG23 H N N 178 
ILE HD11 H N N 179 
ILE HD12 H N N 180 
ILE HD13 H N N 181 
ILE HXT  H N N 182 
LEU N    N N N 183 
LEU CA   C N S 184 
LEU C    C N N 185 
LEU O    O N N 186 
LEU CB   C N N 187 
LEU CG   C N N 188 
LEU CD1  C N N 189 
LEU CD2  C N N 190 
LEU OXT  O N N 191 
LEU H    H N N 192 
LEU H2   H N N 193 
LEU HA   H N N 194 
LEU HB2  H N N 195 
LEU HB3  H N N 196 
LEU HG   H N N 197 
LEU HD11 H N N 198 
LEU HD12 H N N 199 
LEU HD13 H N N 200 
LEU HD21 H N N 201 
LEU HD22 H N N 202 
LEU HD23 H N N 203 
LEU HXT  H N N 204 
LYS N    N N N 205 
LYS CA   C N S 206 
LYS C    C N N 207 
LYS O    O N N 208 
LYS CB   C N N 209 
LYS CG   C N N 210 
LYS CD   C N N 211 
LYS CE   C N N 212 
LYS NZ   N N N 213 
LYS OXT  O N N 214 
LYS H    H N N 215 
LYS H2   H N N 216 
LYS HA   H N N 217 
LYS HB2  H N N 218 
LYS HB3  H N N 219 
LYS HG2  H N N 220 
LYS HG3  H N N 221 
LYS HD2  H N N 222 
LYS HD3  H N N 223 
LYS HE2  H N N 224 
LYS HE3  H N N 225 
LYS HZ1  H N N 226 
LYS HZ2  H N N 227 
LYS HZ3  H N N 228 
LYS HXT  H N N 229 
MET N    N N N 230 
MET CA   C N S 231 
MET C    C N N 232 
MET O    O N N 233 
MET CB   C N N 234 
MET CG   C N N 235 
MET SD   S N N 236 
MET CE   C N N 237 
MET OXT  O N N 238 
MET H    H N N 239 
MET H2   H N N 240 
MET HA   H N N 241 
MET HB2  H N N 242 
MET HB3  H N N 243 
MET HG2  H N N 244 
MET HG3  H N N 245 
MET HE1  H N N 246 
MET HE2  H N N 247 
MET HE3  H N N 248 
MET HXT  H N N 249 
PHE N    N N N 250 
PHE CA   C N S 251 
PHE C    C N N 252 
PHE O    O N N 253 
PHE CB   C N N 254 
PHE CG   C Y N 255 
PHE CD1  C Y N 256 
PHE CD2  C Y N 257 
PHE CE1  C Y N 258 
PHE CE2  C Y N 259 
PHE CZ   C Y N 260 
PHE OXT  O N N 261 
PHE H    H N N 262 
PHE H2   H N N 263 
PHE HA   H N N 264 
PHE HB2  H N N 265 
PHE HB3  H N N 266 
PHE HD1  H N N 267 
PHE HD2  H N N 268 
PHE HE1  H N N 269 
PHE HE2  H N N 270 
PHE HZ   H N N 271 
PHE HXT  H N N 272 
PRO N    N N N 273 
PRO CA   C N S 274 
PRO C    C N N 275 
PRO O    O N N 276 
PRO CB   C N N 277 
PRO CG   C N N 278 
PRO CD   C N N 279 
PRO OXT  O N N 280 
PRO H    H N N 281 
PRO HA   H N N 282 
PRO HB2  H N N 283 
PRO HB3  H N N 284 
PRO HG2  H N N 285 
PRO HG3  H N N 286 
PRO HD2  H N N 287 
PRO HD3  H N N 288 
PRO HXT  H N N 289 
SER N    N N N 290 
SER CA   C N S 291 
SER C    C N N 292 
SER O    O N N 293 
SER CB   C N N 294 
SER OG   O N N 295 
SER OXT  O N N 296 
SER H    H N N 297 
SER H2   H N N 298 
SER HA   H N N 299 
SER HB2  H N N 300 
SER HB3  H N N 301 
SER HG   H N N 302 
SER HXT  H N N 303 
THR N    N N N 304 
THR CA   C N S 305 
THR C    C N N 306 
THR O    O N N 307 
THR CB   C N R 308 
THR OG1  O N N 309 
THR CG2  C N N 310 
THR OXT  O N N 311 
THR H    H N N 312 
THR H2   H N N 313 
THR HA   H N N 314 
THR HB   H N N 315 
THR HG1  H N N 316 
THR HG21 H N N 317 
THR HG22 H N N 318 
THR HG23 H N N 319 
THR HXT  H N N 320 
TRP N    N N N 321 
TRP CA   C N S 322 
TRP C    C N N 323 
TRP O    O N N 324 
TRP CB   C N N 325 
TRP CG   C Y N 326 
TRP CD1  C Y N 327 
TRP CD2  C Y N 328 
TRP NE1  N Y N 329 
TRP CE2  C Y N 330 
TRP CE3  C Y N 331 
TRP CZ2  C Y N 332 
TRP CZ3  C Y N 333 
TRP CH2  C Y N 334 
TRP OXT  O N N 335 
TRP H    H N N 336 
TRP H2   H N N 337 
TRP HA   H N N 338 
TRP HB2  H N N 339 
TRP HB3  H N N 340 
TRP HD1  H N N 341 
TRP HE1  H N N 342 
TRP HE3  H N N 343 
TRP HZ2  H N N 344 
TRP HZ3  H N N 345 
TRP HH2  H N N 346 
TRP HXT  H N N 347 
TYR N    N N N 348 
TYR CA   C N S 349 
TYR C    C N N 350 
TYR O    O N N 351 
TYR CB   C N N 352 
TYR CG   C Y N 353 
TYR CD1  C Y N 354 
TYR CD2  C Y N 355 
TYR CE1  C Y N 356 
TYR CE2  C Y N 357 
TYR CZ   C Y N 358 
TYR OH   O N N 359 
TYR OXT  O N N 360 
TYR H    H N N 361 
TYR H2   H N N 362 
TYR HA   H N N 363 
TYR HB2  H N N 364 
TYR HB3  H N N 365 
TYR HD1  H N N 366 
TYR HD2  H N N 367 
TYR HE1  H N N 368 
TYR HE2  H N N 369 
TYR HH   H N N 370 
TYR HXT  H N N 371 
VAL N    N N N 372 
VAL CA   C N S 373 
VAL C    C N N 374 
VAL O    O N N 375 
VAL CB   C N N 376 
VAL CG1  C N N 377 
VAL CG2  C N N 378 
VAL OXT  O N N 379 
VAL H    H N N 380 
VAL H2   H N N 381 
VAL HA   H N N 382 
VAL HB   H N N 383 
VAL HG11 H N N 384 
VAL HG12 H N N 385 
VAL HG13 H N N 386 
VAL HG21 H N N 387 
VAL HG22 H N N 388 
VAL HG23 H N N 389 
VAL HXT  H N N 390 
# 
loop_
_chem_comp_bond.comp_id 
_chem_comp_bond.atom_id_1 
_chem_comp_bond.atom_id_2 
_chem_comp_bond.value_order 
_chem_comp_bond.pdbx_aromatic_flag 
_chem_comp_bond.pdbx_stereo_config 
_chem_comp_bond.pdbx_ordinal 
ALA N   CA   sing N N 1   
ALA N   H    sing N N 2   
ALA N   H2   sing N N 3   
ALA CA  C    sing N N 4   
ALA CA  CB   sing N N 5   
ALA CA  HA   sing N N 6   
ALA C   O    doub N N 7   
ALA C   OXT  sing N N 8   
ALA CB  HB1  sing N N 9   
ALA CB  HB2  sing N N 10  
ALA CB  HB3  sing N N 11  
ALA OXT HXT  sing N N 12  
ARG N   CA   sing N N 13  
ARG N   H    sing N N 14  
ARG N   H2   sing N N 15  
ARG CA  C    sing N N 16  
ARG CA  CB   sing N N 17  
ARG CA  HA   sing N N 18  
ARG C   O    doub N N 19  
ARG C   OXT  sing N N 20  
ARG CB  CG   sing N N 21  
ARG CB  HB2  sing N N 22  
ARG CB  HB3  sing N N 23  
ARG CG  CD   sing N N 24  
ARG CG  HG2  sing N N 25  
ARG CG  HG3  sing N N 26  
ARG CD  NE   sing N N 27  
ARG CD  HD2  sing N N 28  
ARG CD  HD3  sing N N 29  
ARG NE  CZ   sing N N 30  
ARG NE  HE   sing N N 31  
ARG CZ  NH1  sing N N 32  
ARG CZ  NH2  doub N N 33  
ARG NH1 HH11 sing N N 34  
ARG NH1 HH12 sing N N 35  
ARG NH2 HH21 sing N N 36  
ARG NH2 HH22 sing N N 37  
ARG OXT HXT  sing N N 38  
ASN N   CA   sing N N 39  
ASN N   H    sing N N 40  
ASN N   H2   sing N N 41  
ASN CA  C    sing N N 42  
ASN CA  CB   sing N N 43  
ASN CA  HA   sing N N 44  
ASN C   O    doub N N 45  
ASN C   OXT  sing N N 46  
ASN CB  CG   sing N N 47  
ASN CB  HB2  sing N N 48  
ASN CB  HB3  sing N N 49  
ASN CG  OD1  doub N N 50  
ASN CG  ND2  sing N N 51  
ASN ND2 HD21 sing N N 52  
ASN ND2 HD22 sing N N 53  
ASN OXT HXT  sing N N 54  
ASP N   CA   sing N N 55  
ASP N   H    sing N N 56  
ASP N   H2   sing N N 57  
ASP CA  C    sing N N 58  
ASP CA  CB   sing N N 59  
ASP CA  HA   sing N N 60  
ASP C   O    doub N N 61  
ASP C   OXT  sing N N 62  
ASP CB  CG   sing N N 63  
ASP CB  HB2  sing N N 64  
ASP CB  HB3  sing N N 65  
ASP CG  OD1  doub N N 66  
ASP CG  OD2  sing N N 67  
ASP OD2 HD2  sing N N 68  
ASP OXT HXT  sing N N 69  
CYS N   CA   sing N N 70  
CYS N   H    sing N N 71  
CYS N   H2   sing N N 72  
CYS CA  C    sing N N 73  
CYS CA  CB   sing N N 74  
CYS CA  HA   sing N N 75  
CYS C   O    doub N N 76  
CYS C   OXT  sing N N 77  
CYS CB  SG   sing N N 78  
CYS CB  HB2  sing N N 79  
CYS CB  HB3  sing N N 80  
CYS SG  HG   sing N N 81  
CYS OXT HXT  sing N N 82  
GLN N   CA   sing N N 83  
GLN N   H    sing N N 84  
GLN N   H2   sing N N 85  
GLN CA  C    sing N N 86  
GLN CA  CB   sing N N 87  
GLN CA  HA   sing N N 88  
GLN C   O    doub N N 89  
GLN C   OXT  sing N N 90  
GLN CB  CG   sing N N 91  
GLN CB  HB2  sing N N 92  
GLN CB  HB3  sing N N 93  
GLN CG  CD   sing N N 94  
GLN CG  HG2  sing N N 95  
GLN CG  HG3  sing N N 96  
GLN CD  OE1  doub N N 97  
GLN CD  NE2  sing N N 98  
GLN NE2 HE21 sing N N 99  
GLN NE2 HE22 sing N N 100 
GLN OXT HXT  sing N N 101 
GLU N   CA   sing N N 102 
GLU N   H    sing N N 103 
GLU N   H2   sing N N 104 
GLU CA  C    sing N N 105 
GLU CA  CB   sing N N 106 
GLU CA  HA   sing N N 107 
GLU C   O    doub N N 108 
GLU C   OXT  sing N N 109 
GLU CB  CG   sing N N 110 
GLU CB  HB2  sing N N 111 
GLU CB  HB3  sing N N 112 
GLU CG  CD   sing N N 113 
GLU CG  HG2  sing N N 114 
GLU CG  HG3  sing N N 115 
GLU CD  OE1  doub N N 116 
GLU CD  OE2  sing N N 117 
GLU OE2 HE2  sing N N 118 
GLU OXT HXT  sing N N 119 
GLY N   CA   sing N N 120 
GLY N   H    sing N N 121 
GLY N   H2   sing N N 122 
GLY CA  C    sing N N 123 
GLY CA  HA2  sing N N 124 
GLY CA  HA3  sing N N 125 
GLY C   O    doub N N 126 
GLY C   OXT  sing N N 127 
GLY OXT HXT  sing N N 128 
HIS N   CA   sing N N 129 
HIS N   H    sing N N 130 
HIS N   H2   sing N N 131 
HIS CA  C    sing N N 132 
HIS CA  CB   sing N N 133 
HIS CA  HA   sing N N 134 
HIS C   O    doub N N 135 
HIS C   OXT  sing N N 136 
HIS CB  CG   sing N N 137 
HIS CB  HB2  sing N N 138 
HIS CB  HB3  sing N N 139 
HIS CG  ND1  sing Y N 140 
HIS CG  CD2  doub Y N 141 
HIS ND1 CE1  doub Y N 142 
HIS ND1 HD1  sing N N 143 
HIS CD2 NE2  sing Y N 144 
HIS CD2 HD2  sing N N 145 
HIS CE1 NE2  sing Y N 146 
HIS CE1 HE1  sing N N 147 
HIS NE2 HE2  sing N N 148 
HIS OXT HXT  sing N N 149 
HOH O   H1   sing N N 150 
HOH O   H2   sing N N 151 
ILE N   CA   sing N N 152 
ILE N   H    sing N N 153 
ILE N   H2   sing N N 154 
ILE CA  C    sing N N 155 
ILE CA  CB   sing N N 156 
ILE CA  HA   sing N N 157 
ILE C   O    doub N N 158 
ILE C   OXT  sing N N 159 
ILE CB  CG1  sing N N 160 
ILE CB  CG2  sing N N 161 
ILE CB  HB   sing N N 162 
ILE CG1 CD1  sing N N 163 
ILE CG1 HG12 sing N N 164 
ILE CG1 HG13 sing N N 165 
ILE CG2 HG21 sing N N 166 
ILE CG2 HG22 sing N N 167 
ILE CG2 HG23 sing N N 168 
ILE CD1 HD11 sing N N 169 
ILE CD1 HD12 sing N N 170 
ILE CD1 HD13 sing N N 171 
ILE OXT HXT  sing N N 172 
LEU N   CA   sing N N 173 
LEU N   H    sing N N 174 
LEU N   H2   sing N N 175 
LEU CA  C    sing N N 176 
LEU CA  CB   sing N N 177 
LEU CA  HA   sing N N 178 
LEU C   O    doub N N 179 
LEU C   OXT  sing N N 180 
LEU CB  CG   sing N N 181 
LEU CB  HB2  sing N N 182 
LEU CB  HB3  sing N N 183 
LEU CG  CD1  sing N N 184 
LEU CG  CD2  sing N N 185 
LEU CG  HG   sing N N 186 
LEU CD1 HD11 sing N N 187 
LEU CD1 HD12 sing N N 188 
LEU CD1 HD13 sing N N 189 
LEU CD2 HD21 sing N N 190 
LEU CD2 HD22 sing N N 191 
LEU CD2 HD23 sing N N 192 
LEU OXT HXT  sing N N 193 
LYS N   CA   sing N N 194 
LYS N   H    sing N N 195 
LYS N   H2   sing N N 196 
LYS CA  C    sing N N 197 
LYS CA  CB   sing N N 198 
LYS CA  HA   sing N N 199 
LYS C   O    doub N N 200 
LYS C   OXT  sing N N 201 
LYS CB  CG   sing N N 202 
LYS CB  HB2  sing N N 203 
LYS CB  HB3  sing N N 204 
LYS CG  CD   sing N N 205 
LYS CG  HG2  sing N N 206 
LYS CG  HG3  sing N N 207 
LYS CD  CE   sing N N 208 
LYS CD  HD2  sing N N 209 
LYS CD  HD3  sing N N 210 
LYS CE  NZ   sing N N 211 
LYS CE  HE2  sing N N 212 
LYS CE  HE3  sing N N 213 
LYS NZ  HZ1  sing N N 214 
LYS NZ  HZ2  sing N N 215 
LYS NZ  HZ3  sing N N 216 
LYS OXT HXT  sing N N 217 
MET N   CA   sing N N 218 
MET N   H    sing N N 219 
MET N   H2   sing N N 220 
MET CA  C    sing N N 221 
MET CA  CB   sing N N 222 
MET CA  HA   sing N N 223 
MET C   O    doub N N 224 
MET C   OXT  sing N N 225 
MET CB  CG   sing N N 226 
MET CB  HB2  sing N N 227 
MET CB  HB3  sing N N 228 
MET CG  SD   sing N N 229 
MET CG  HG2  sing N N 230 
MET CG  HG3  sing N N 231 
MET SD  CE   sing N N 232 
MET CE  HE1  sing N N 233 
MET CE  HE2  sing N N 234 
MET CE  HE3  sing N N 235 
MET OXT HXT  sing N N 236 
PHE N   CA   sing N N 237 
PHE N   H    sing N N 238 
PHE N   H2   sing N N 239 
PHE CA  C    sing N N 240 
PHE CA  CB   sing N N 241 
PHE CA  HA   sing N N 242 
PHE C   O    doub N N 243 
PHE C   OXT  sing N N 244 
PHE CB  CG   sing N N 245 
PHE CB  HB2  sing N N 246 
PHE CB  HB3  sing N N 247 
PHE CG  CD1  doub Y N 248 
PHE CG  CD2  sing Y N 249 
PHE CD1 CE1  sing Y N 250 
PHE CD1 HD1  sing N N 251 
PHE CD2 CE2  doub Y N 252 
PHE CD2 HD2  sing N N 253 
PHE CE1 CZ   doub Y N 254 
PHE CE1 HE1  sing N N 255 
PHE CE2 CZ   sing Y N 256 
PHE CE2 HE2  sing N N 257 
PHE CZ  HZ   sing N N 258 
PHE OXT HXT  sing N N 259 
PRO N   CA   sing N N 260 
PRO N   CD   sing N N 261 
PRO N   H    sing N N 262 
PRO CA  C    sing N N 263 
PRO CA  CB   sing N N 264 
PRO CA  HA   sing N N 265 
PRO C   O    doub N N 266 
PRO C   OXT  sing N N 267 
PRO CB  CG   sing N N 268 
PRO CB  HB2  sing N N 269 
PRO CB  HB3  sing N N 270 
PRO CG  CD   sing N N 271 
PRO CG  HG2  sing N N 272 
PRO CG  HG3  sing N N 273 
PRO CD  HD2  sing N N 274 
PRO CD  HD3  sing N N 275 
PRO OXT HXT  sing N N 276 
SER N   CA   sing N N 277 
SER N   H    sing N N 278 
SER N   H2   sing N N 279 
SER CA  C    sing N N 280 
SER CA  CB   sing N N 281 
SER CA  HA   sing N N 282 
SER C   O    doub N N 283 
SER C   OXT  sing N N 284 
SER CB  OG   sing N N 285 
SER CB  HB2  sing N N 286 
SER CB  HB3  sing N N 287 
SER OG  HG   sing N N 288 
SER OXT HXT  sing N N 289 
THR N   CA   sing N N 290 
THR N   H    sing N N 291 
THR N   H2   sing N N 292 
THR CA  C    sing N N 293 
THR CA  CB   sing N N 294 
THR CA  HA   sing N N 295 
THR C   O    doub N N 296 
THR C   OXT  sing N N 297 
THR CB  OG1  sing N N 298 
THR CB  CG2  sing N N 299 
THR CB  HB   sing N N 300 
THR OG1 HG1  sing N N 301 
THR CG2 HG21 sing N N 302 
THR CG2 HG22 sing N N 303 
THR CG2 HG23 sing N N 304 
THR OXT HXT  sing N N 305 
TRP N   CA   sing N N 306 
TRP N   H    sing N N 307 
TRP N   H2   sing N N 308 
TRP CA  C    sing N N 309 
TRP CA  CB   sing N N 310 
TRP CA  HA   sing N N 311 
TRP C   O    doub N N 312 
TRP C   OXT  sing N N 313 
TRP CB  CG   sing N N 314 
TRP CB  HB2  sing N N 315 
TRP CB  HB3  sing N N 316 
TRP CG  CD1  doub Y N 317 
TRP CG  CD2  sing Y N 318 
TRP CD1 NE1  sing Y N 319 
TRP CD1 HD1  sing N N 320 
TRP CD2 CE2  doub Y N 321 
TRP CD2 CE3  sing Y N 322 
TRP NE1 CE2  sing Y N 323 
TRP NE1 HE1  sing N N 324 
TRP CE2 CZ2  sing Y N 325 
TRP CE3 CZ3  doub Y N 326 
TRP CE3 HE3  sing N N 327 
TRP CZ2 CH2  doub Y N 328 
TRP CZ2 HZ2  sing N N 329 
TRP CZ3 CH2  sing Y N 330 
TRP CZ3 HZ3  sing N N 331 
TRP CH2 HH2  sing N N 332 
TRP OXT HXT  sing N N 333 
TYR N   CA   sing N N 334 
TYR N   H    sing N N 335 
TYR N   H2   sing N N 336 
TYR CA  C    sing N N 337 
TYR CA  CB   sing N N 338 
TYR CA  HA   sing N N 339 
TYR C   O    doub N N 340 
TYR C   OXT  sing N N 341 
TYR CB  CG   sing N N 342 
TYR CB  HB2  sing N N 343 
TYR CB  HB3  sing N N 344 
TYR CG  CD1  doub Y N 345 
TYR CG  CD2  sing Y N 346 
TYR CD1 CE1  sing Y N 347 
TYR CD1 HD1  sing N N 348 
TYR CD2 CE2  doub Y N 349 
TYR CD2 HD2  sing N N 350 
TYR CE1 CZ   doub Y N 351 
TYR CE1 HE1  sing N N 352 
TYR CE2 CZ   sing Y N 353 
TYR CE2 HE2  sing N N 354 
TYR CZ  OH   sing N N 355 
TYR OH  HH   sing N N 356 
TYR OXT HXT  sing N N 357 
VAL N   CA   sing N N 358 
VAL N   H    sing N N 359 
VAL N   H2   sing N N 360 
VAL CA  C    sing N N 361 
VAL CA  CB   sing N N 362 
VAL CA  HA   sing N N 363 
VAL C   O    doub N N 364 
VAL C   OXT  sing N N 365 
VAL CB  CG1  sing N N 366 
VAL CB  CG2  sing N N 367 
VAL CB  HB   sing N N 368 
VAL CG1 HG11 sing N N 369 
VAL CG1 HG12 sing N N 370 
VAL CG1 HG13 sing N N 371 
VAL CG2 HG21 sing N N 372 
VAL CG2 HG22 sing N N 373 
VAL CG2 HG23 sing N N 374 
VAL OXT HXT  sing N N 375 
# 
_atom_sites.entry_id                    1YOY 
_atom_sites.fract_transf_matrix[1][1]   0.00414451 
_atom_sites.fract_transf_matrix[1][2]   0.00685281 
_atom_sites.fract_transf_matrix[1][3]   0.00355216 
_atom_sites.fract_transf_matrix[2][1]   0.00219269 
_atom_sites.fract_transf_matrix[2][2]   -0.00012150 
_atom_sites.fract_transf_matrix[2][3]   0.00848130 
_atom_sites.fract_transf_matrix[3][1]   0.01514157 
_atom_sites.fract_transf_matrix[3][2]   -0.00707579 
_atom_sites.fract_transf_matrix[3][3]   -0.00401595 
_atom_sites.fract_transf_vector[1]      0.142231 
_atom_sites.fract_transf_vector[2]      0.190873 
_atom_sites.fract_transf_vector[3]      -0.110612 
# 
loop_
_atom_type.symbol 
C 
N 
O 
S 
# 
loop_
_atom_site.group_PDB 
_atom_site.id 
_atom_site.type_symbol 
_atom_site.label_atom_id 
_atom_site.label_alt_id 
_atom_site.label_comp_id 
_atom_site.label_asym_id 
_atom_site.label_entity_id 
_atom_site.label_seq_id 
_atom_site.pdbx_PDB_ins_code 
_atom_site.Cartn_x 
_atom_site.Cartn_y 
_atom_site.Cartn_z 
_atom_site.occupancy 
_atom_site.B_iso_or_equiv 
_atom_site.pdbx_formal_charge 
_atom_site.auth_seq_id 
_atom_site.auth_comp_id 
_atom_site.auth_asym_id 
_atom_site.auth_atom_id 
_atom_site.pdbx_PDB_model_num 
ATOM   1    N N   . MET A 1 9   ? 27.898  -9.392  -1.272  1.00 41.51 ? 7   MET A N   1 
ATOM   2    C CA  . MET A 1 9   ? 26.954  -8.599  -2.109  1.00 40.04 ? 7   MET A CA  1 
ATOM   3    C C   . MET A 1 9   ? 26.069  -9.539  -2.949  1.00 39.76 ? 7   MET A C   1 
ATOM   4    O O   . MET A 1 9   ? 25.039  -9.118  -3.474  1.00 38.83 ? 7   MET A O   1 
ATOM   5    C CB  . MET A 1 9   ? 27.705  -7.559  -2.961  1.00 41.21 ? 7   MET A CB  1 
ATOM   6    C CG  . MET A 1 9   ? 27.146  -6.103  -2.987  1.00 38.24 ? 7   MET A CG  1 
ATOM   7    S SD  . MET A 1 9   ? 26.598  -5.284  -1.420  1.00 40.95 ? 7   MET A SD  1 
ATOM   8    C CE  . MET A 1 9   ? 27.138  -3.570  -1.634  1.00 43.36 ? 7   MET A CE  1 
ATOM   9    N N   . ASP A 1 10  ? 26.424  -10.817 -3.028  1.00 38.01 ? 8   ASP A N   1 
ATOM   10   C CA  . ASP A 1 10  ? 25.609  -11.775 -3.788  1.00 38.67 ? 8   ASP A CA  1 
ATOM   11   C C   . ASP A 1 10  ? 24.165  -11.964 -3.322  1.00 37.19 ? 8   ASP A C   1 
ATOM   12   O O   . ASP A 1 10  ? 23.254  -12.086 -4.155  1.00 36.91 ? 8   ASP A O   1 
ATOM   13   C CB  . ASP A 1 10  ? 26.285  -13.134 -3.844  1.00 39.76 ? 8   ASP A CB  1 
ATOM   14   C CG  . ASP A 1 10  ? 27.589  -13.090 -4.609  1.00 43.80 ? 8   ASP A CG  1 
ATOM   15   O OD1 . ASP A 1 10  ? 27.561  -13.523 -5.789  1.00 48.58 ? 8   ASP A OD1 1 
ATOM   16   O OD2 . ASP A 1 10  ? 28.613  -12.596 -4.048  1.00 46.03 ? 8   ASP A OD2 1 
ATOM   17   N N   . ASP A 1 11  ? 23.966  -12.061 -2.004  1.00 35.63 ? 9   ASP A N   1 
ATOM   18   C CA  . ASP A 1 11  ? 22.630  -12.213 -1.423  1.00 34.66 ? 9   ASP A CA  1 
ATOM   19   C C   . ASP A 1 11  ? 21.774  -10.930 -1.560  1.00 32.28 ? 9   ASP A C   1 
ATOM   20   O O   . ASP A 1 11  ? 20.543  -11.017 -1.656  1.00 31.16 ? 9   ASP A O   1 
ATOM   21   C CB  . ASP A 1 11  ? 22.722  -12.576 0.052   1.00 35.83 ? 9   ASP A CB  1 
ATOM   22   C CG  . ASP A 1 11  ? 23.112  -14.045 0.287   1.00 42.25 ? 9   ASP A CG  1 
ATOM   23   O OD1 . ASP A 1 11  ? 22.984  -14.910 -0.633  1.00 46.93 ? 9   ASP A OD1 1 
ATOM   24   O OD2 . ASP A 1 11  ? 23.520  -14.343 1.446   1.00 48.59 ? 9   ASP A OD2 1 
ATOM   25   N N   . VAL A 1 12  ? 22.432  -9.773  -1.541  1.00 29.51 ? 10  VAL A N   1 
ATOM   26   C CA  . VAL A 1 12  ? 21.795  -8.475  -1.765  1.00 29.43 ? 10  VAL A CA  1 
ATOM   27   C C   . VAL A 1 12  ? 21.305  -8.391  -3.247  1.00 27.61 ? 10  VAL A C   1 
ATOM   28   O O   . VAL A 1 12  ? 20.197  -7.933  -3.521  1.00 26.85 ? 10  VAL A O   1 
ATOM   29   C CB  . VAL A 1 12  ? 22.790  -7.303  -1.477  1.00 29.32 ? 10  VAL A CB  1 
ATOM   30   C CG1 . VAL A 1 12  ? 22.260  -5.990  -2.009  1.00 29.94 ? 10  VAL A CG1 1 
ATOM   31   C CG2 . VAL A 1 12  ? 23.103  -7.177  0.024   1.00 31.96 ? 10  VAL A CG2 1 
ATOM   32   N N   . VAL A 1 13  ? 22.137  -8.842  -4.173  1.00 25.70 ? 11  VAL A N   1 
ATOM   33   C CA  . VAL A 1 13  ? 21.766  -8.908  -5.602  1.00 24.60 ? 11  VAL A CA  1 
ATOM   34   C C   . VAL A 1 13  ? 20.567  -9.841  -5.818  1.00 24.66 ? 11  VAL A C   1 
ATOM   35   O O   . VAL A 1 13  ? 19.582  -9.460  -6.510  1.00 23.27 ? 11  VAL A O   1 
ATOM   36   C CB  . VAL A 1 13  ? 22.988  -9.311  -6.488  1.00 24.89 ? 11  VAL A CB  1 
ATOM   37   C CG1 . VAL A 1 13  ? 22.529  -9.694  -7.936  1.00 22.80 ? 11  VAL A CG1 1 
ATOM   38   C CG2 . VAL A 1 13  ? 24.043  -8.167  -6.514  1.00 22.89 ? 11  VAL A CG2 1 
ATOM   39   N N   . LYS A 1 14  ? 20.606  -11.027 -5.183  1.00 24.73 ? 12  LYS A N   1 
ATOM   40   C CA  . LYS A 1 14  ? 19.475  -11.971 -5.243  1.00 25.92 ? 12  LYS A CA  1 
ATOM   41   C C   . LYS A 1 14  ? 18.208  -11.329 -4.688  1.00 23.98 ? 12  LYS A C   1 
ATOM   42   O O   . LYS A 1 14  ? 17.143  -11.480 -5.285  1.00 22.96 ? 12  LYS A O   1 
ATOM   43   C CB  . LYS A 1 14  ? 19.767  -13.274 -4.455  1.00 26.34 ? 12  LYS A CB  1 
ATOM   44   C CG  . LYS A 1 14  ? 20.393  -14.386 -5.285  1.00 31.51 ? 12  LYS A CG  1 
ATOM   45   C CD  . LYS A 1 14  ? 20.246  -15.835 -4.629  1.00 30.55 ? 12  LYS A CD  1 
ATOM   46   C CE  . LYS A 1 14  ? 20.456  -16.930 -5.691  1.00 37.82 ? 12  LYS A CE  1 
ATOM   47   N NZ  . LYS A 1 14  ? 21.881  -17.484 -5.856  1.00 46.64 ? 12  LYS A NZ  1 
ATOM   48   N N   . PHE A 1 15  ? 18.336  -10.568 -3.578  1.00 23.29 ? 13  PHE A N   1 
ATOM   49   C CA  . PHE A 1 15  ? 17.150  -9.937  -2.942  1.00 22.97 ? 13  PHE A CA  1 
ATOM   50   C C   . PHE A 1 15  ? 16.543  -8.882  -3.870  1.00 21.42 ? 13  PHE A C   1 
ATOM   51   O O   . PHE A 1 15  ? 15.318  -8.757  -3.955  1.00 20.61 ? 13  PHE A O   1 
ATOM   52   C CB  . PHE A 1 15  ? 17.525  -9.319  -1.588  1.00 22.72 ? 13  PHE A CB  1 
ATOM   53   C CG  . PHE A 1 15  ? 16.472  -8.446  -0.995  1.00 25.19 ? 13  PHE A CG  1 
ATOM   54   C CD1 . PHE A 1 15  ? 15.348  -9.002  -0.347  1.00 21.89 ? 13  PHE A CD1 1 
ATOM   55   C CD2 . PHE A 1 15  ? 16.619  -7.062  -1.036  1.00 23.44 ? 13  PHE A CD2 1 
ATOM   56   C CE1 . PHE A 1 15  ? 14.407  -8.192  0.234   1.00 25.48 ? 13  PHE A CE1 1 
ATOM   57   C CE2 . PHE A 1 15  ? 15.682  -6.255  -0.476  1.00 28.03 ? 13  PHE A CE2 1 
ATOM   58   C CZ  . PHE A 1 15  ? 14.544  -6.816  0.161   1.00 26.12 ? 13  PHE A CZ  1 
ATOM   59   N N   . ILE A 1 16  ? 17.397  -8.110  -4.543  1.00 19.42 ? 14  ILE A N   1 
ATOM   60   C CA  . ILE A 1 16  ? 16.915  -7.093  -5.475  1.00 18.37 ? 14  ILE A CA  1 
ATOM   61   C C   . ILE A 1 16  ? 16.208  -7.717  -6.667  1.00 18.86 ? 14  ILE A C   1 
ATOM   62   O O   . ILE A 1 16  ? 15.127  -7.235  -7.111  1.00 18.59 ? 14  ILE A O   1 
ATOM   63   C CB  . ILE A 1 16  ? 18.031  -6.109  -5.902  1.00 17.47 ? 14  ILE A CB  1 
ATOM   64   C CG1 . ILE A 1 16  ? 18.510  -5.341  -4.649  1.00 16.59 ? 14  ILE A CG1 1 
ATOM   65   C CG2 . ILE A 1 16  ? 17.454  -5.091  -6.846  1.00 19.14 ? 14  ILE A CG2 1 
ATOM   66   C CD1 . ILE A 1 16  ? 19.824  -4.477  -4.826  1.00 16.08 ? 14  ILE A CD1 1 
ATOM   67   N N   . HIS A 1 17  ? 16.768  -8.802  -7.216  1.00 18.54 ? 15  HIS A N   1 
ATOM   68   C CA  . HIS A 1 17  ? 16.033  -9.558  -8.270  1.00 19.88 ? 15  HIS A CA  1 
ATOM   69   C C   . HIS A 1 17  ? 14.711  -10.029 -7.718  1.00 20.24 ? 15  HIS A C   1 
ATOM   70   O O   . HIS A 1 17  ? 13.686  -9.946  -8.405  1.00 20.74 ? 15  HIS A O   1 
ATOM   71   C CB  . HIS A 1 17  ? 16.813  -10.772 -8.763  1.00 19.46 ? 15  HIS A CB  1 
ATOM   72   C CG  . HIS A 1 17  ? 17.901  -10.422 -9.724  1.00 19.41 ? 15  HIS A CG  1 
ATOM   73   N ND1 . HIS A 1 17  ? 17.659  -9.769  -10.910 1.00 20.82 ? 15  HIS A ND1 1 
ATOM   74   C CD2 . HIS A 1 17  ? 19.230  -10.666 -9.689  1.00 20.09 ? 15  HIS A CD2 1 
ATOM   75   C CE1 . HIS A 1 17  ? 18.801  -9.620  -11.566 1.00 23.36 ? 15  HIS A CE1 1 
ATOM   76   N NE2 . HIS A 1 17  ? 19.765  -10.179 -10.856 1.00 21.14 ? 15  HIS A NE2 1 
ATOM   77   N N   . GLU A 1 18  ? 14.722  -10.516 -6.466  1.00 20.47 ? 16  GLU A N   1 
ATOM   78   C CA  . GLU A 1 18  ? 13.535  -11.046 -5.811  1.00 22.12 ? 16  GLU A CA  1 
ATOM   79   C C   . GLU A 1 18  ? 12.418  -9.977  -5.606  1.00 21.65 ? 16  GLU A C   1 
ATOM   80   O O   . GLU A 1 18  ? 11.245  -10.238 -5.838  1.00 20.10 ? 16  GLU A O   1 
ATOM   81   C CB  . GLU A 1 18  ? 13.893  -11.730 -4.479  1.00 22.64 ? 16  GLU A CB  1 
ATOM   82   C CG  . GLU A 1 18  ? 12.653  -12.252 -3.719  1.00 25.63 ? 16  GLU A CG  1 
ATOM   83   C CD  . GLU A 1 18  ? 12.955  -13.083 -2.484  1.00 25.26 ? 16  GLU A CD  1 
ATOM   84   O OE1 . GLU A 1 18  ? 14.136  -13.463 -2.260  1.00 29.12 ? 16  GLU A OE1 1 
ATOM   85   O OE2 . GLU A 1 18  ? 11.967  -13.394 -1.746  1.00 26.78 ? 16  GLU A OE2 1 
ATOM   86   N N   . VAL A 1 19  ? 12.827  -8.775  -5.187  1.00 20.80 ? 17  VAL A N   1 
ATOM   87   C CA  . VAL A 1 19  ? 11.948  -7.602  -5.080  1.00 22.16 ? 17  VAL A CA  1 
ATOM   88   C C   . VAL A 1 19  ? 11.257  -7.303  -6.427  1.00 21.32 ? 17  VAL A C   1 
ATOM   89   O O   . VAL A 1 19  ? 10.057  -6.919  -6.444  1.00 20.44 ? 17  VAL A O   1 
ATOM   90   C CB  . VAL A 1 19  ? 12.767  -6.361  -4.570  1.00 22.03 ? 17  VAL A CB  1 
ATOM   91   C CG1 . VAL A 1 19  ? 11.983  -5.060  -4.695  1.00 22.99 ? 17  VAL A CG1 1 
ATOM   92   C CG2 . VAL A 1 19  ? 13.180  -6.595  -3.097  1.00 24.44 ? 17  VAL A CG2 1 
ATOM   93   N N   . GLY A 1 20  ? 11.968  -7.545  -7.533  1.00 20.02 ? 18  GLY A N   1 
ATOM   94   C CA  . GLY A 1 20  ? 11.402  -7.318  -8.893  1.00 20.64 ? 18  GLY A CA  1 
ATOM   95   C C   . GLY A 1 20  ? 10.230  -8.263  -9.183  1.00 20.47 ? 18  GLY A C   1 
ATOM   96   O O   . GLY A 1 20  ? 9.367   -7.948  -10.032 1.00 21.81 ? 18  GLY A O   1 
ATOM   97   N N   . SER A 1 21  ? 10.186  -9.418  -8.512  1.00 19.33 ? 19  SER A N   1 
ATOM   98   C CA  . SER A 1 21  ? 9.057   -10.404 -8.715  1.00 21.61 ? 19  SER A CA  1 
ATOM   99   C C   . SER A 1 21  ? 7.726   -9.815  -8.233  1.00 20.78 ? 19  SER A C   1 
ATOM   100  O O   . SER A 1 21  ? 6.666   -10.257 -8.670  1.00 22.47 ? 19  SER A O   1 
ATOM   101  C CB  . SER A 1 21  ? 9.264   -11.780 -8.002  1.00 21.34 ? 19  SER A CB  1 
ATOM   102  O OG  . SER A 1 21  ? 8.976   -11.680 -6.610  1.00 22.65 ? 19  SER A OG  1 
ATOM   103  N N   . LEU A 1 22  ? 7.755   -8.837  -7.341  1.00 18.51 ? 20  LEU A N   1 
ATOM   104  C CA  . LEU A 1 22  ? 6.489   -8.161  -6.985  1.00 18.67 ? 20  LEU A CA  1 
ATOM   105  C C   . LEU A 1 22  ? 5.905   -7.321  -8.118  1.00 18.44 ? 20  LEU A C   1 
ATOM   106  O O   . LEU A 1 22  ? 4.733   -7.009  -8.080  1.00 19.20 ? 20  LEU A O   1 
ATOM   107  C CB  . LEU A 1 22  ? 6.643   -7.333  -5.700  1.00 19.75 ? 20  LEU A CB  1 
ATOM   108  C CG  . LEU A 1 22  ? 7.049   -8.267  -4.552  1.00 23.44 ? 20  LEU A CG  1 
ATOM   109  C CD1 . LEU A 1 22  ? 7.554   -7.453  -3.421  1.00 27.79 ? 20  LEU A CD1 1 
ATOM   110  C CD2 . LEU A 1 22  ? 5.841   -9.129  -4.121  1.00 23.63 ? 20  LEU A CD2 1 
ATOM   111  N N   . LYS A 1 23  ? 6.697   -6.994  -9.145  1.00 18.32 ? 21  LYS A N   1 
ATOM   112  C CA  . LYS A 1 23  ? 6.175   -6.351  -10.335 1.00 19.00 ? 21  LYS A CA  1 
ATOM   113  C C   . LYS A 1 23  ? 5.405   -7.384  -11.164 1.00 19.92 ? 21  LYS A C   1 
ATOM   114  O O   . LYS A 1 23  ? 4.607   -7.022  -12.012 1.00 21.79 ? 21  LYS A O   1 
ATOM   115  C CB  . LYS A 1 23  ? 7.274   -5.773  -11.228 1.00 16.01 ? 21  LYS A CB  1 
ATOM   116  C CG  . LYS A 1 23  ? 8.297   -4.818  -10.618 1.00 20.19 ? 21  LYS A CG  1 
ATOM   117  C CD  . LYS A 1 23  ? 9.176   -4.293  -11.824 1.00 19.15 ? 21  LYS A CD  1 
ATOM   118  C CE  . LYS A 1 23  ? 10.369  -3.516  -11.352 1.00 19.73 ? 21  LYS A CE  1 
ATOM   119  N NZ  . LYS A 1 23  ? 11.101  -2.846  -12.538 1.00 15.96 ? 21  LYS A NZ  1 
ATOM   120  N N   . LEU A 1 24  ? 5.627   -8.651  -10.891 1.00 21.53 ? 22  LEU A N   1 
ATOM   121  C CA  . LEU A 1 24  ? 5.072   -9.730  -11.675 1.00 23.47 ? 22  LEU A CA  1 
ATOM   122  C C   . LEU A 1 24  ? 3.975   -10.450 -10.870 1.00 25.27 ? 22  LEU A C   1 
ATOM   123  O O   . LEU A 1 24  ? 3.461   -11.469 -11.308 1.00 27.31 ? 22  LEU A O   1 
ATOM   124  C CB  . LEU A 1 24  ? 6.188   -10.720 -12.054 1.00 22.71 ? 22  LEU A CB  1 
ATOM   125  C CG  . LEU A 1 24  ? 7.331   -10.035 -12.799 1.00 23.60 ? 22  LEU A CG  1 
ATOM   126  C CD1 . LEU A 1 24  ? 8.477   -11.017 -12.980 1.00 24.53 ? 22  LEU A CD1 1 
ATOM   127  C CD2 . LEU A 1 24  ? 6.847   -9.400  -14.115 1.00 23.49 ? 22  LEU A CD2 1 
ATOM   128  N N   . THR A 1 25  ? 3.666   -9.952  -9.677  1.00 24.77 ? 23  THR A N   1 
ATOM   129  C CA  . THR A 1 25  ? 2.718   -10.614 -8.809  1.00 24.40 ? 23  THR A CA  1 
ATOM   130  C C   . THR A 1 25  ? 1.430   -9.743  -8.808  1.00 25.35 ? 23  THR A C   1 
ATOM   131  O O   . THR A 1 25  ? 1.451   -8.636  -8.292  1.00 23.20 ? 23  THR A O   1 
ATOM   132  C CB  . THR A 1 25  ? 3.302   -10.756 -7.378  1.00 25.68 ? 23  THR A CB  1 
ATOM   133  O OG1 . THR A 1 25  ? 4.541   -11.484 -7.428  1.00 26.50 ? 23  THR A OG1 1 
ATOM   134  C CG2 . THR A 1 25  ? 2.333   -11.471 -6.411  1.00 23.93 ? 23  THR A CG2 1 
ATOM   135  N N   . PRO A 1 26  ? 0.310   -10.260 -9.408  1.00 25.52 ? 24  PRO A N   1 
ATOM   136  C CA  . PRO A 1 26  ? -0.951  -9.523  -9.448  1.00 25.27 ? 24  PRO A CA  1 
ATOM   137  C C   . PRO A 1 26  ? -1.538  -9.393  -8.064  1.00 24.53 ? 24  PRO A C   1 
ATOM   138  O O   . PRO A 1 26  ? -1.358  -10.279 -7.220  1.00 23.55 ? 24  PRO A O   1 
ATOM   139  C CB  . PRO A 1 26  ? -1.910  -10.373 -10.359 1.00 25.06 ? 24  PRO A CB  1 
ATOM   140  C CG  . PRO A 1 26  ? -1.151  -11.652 -10.694 1.00 26.80 ? 24  PRO A CG  1 
ATOM   141  C CD  . PRO A 1 26  ? 0.234   -11.599 -10.065 1.00 26.25 ? 24  PRO A CD  1 
ATOM   142  N N   . ARG A 1 27  ? -2.221  -8.277  -7.834  1.00 23.26 ? 25  ARG A N   1 
ATOM   143  C CA  . ARG A 1 27  ? -3.034  -8.144  -6.659  1.00 22.31 ? 25  ARG A CA  1 
ATOM   144  C C   . ARG A 1 27  ? -4.262  -9.010  -6.993  1.00 23.06 ? 25  ARG A C   1 
ATOM   145  O O   . ARG A 1 27  ? -5.051  -8.638  -7.846  1.00 22.16 ? 25  ARG A O   1 
ATOM   146  C CB  . ARG A 1 27  ? -3.369  -6.676  -6.411  1.00 21.28 ? 25  ARG A CB  1 
ATOM   147  C CG  . ARG A 1 27  ? -2.101  -5.866  -5.801  1.00 17.94 ? 25  ARG A CG  1 
ATOM   148  C CD  . ARG A 1 27  ? -2.154  -5.957  -4.318  1.00 18.95 ? 25  ARG A CD  1 
ATOM   149  N NE  . ARG A 1 27  ? -3.186  -5.019  -3.872  1.00 17.10 ? 25  ARG A NE  1 
ATOM   150  C CZ  . ARG A 1 27  ? -3.662  -4.928  -2.617  1.00 22.06 ? 25  ARG A CZ  1 
ATOM   151  N NH1 . ARG A 1 27  ? -4.582  -4.005  -2.304  1.00 18.98 ? 25  ARG A NH1 1 
ATOM   152  N NH2 . ARG A 1 27  ? -3.225  -5.724  -1.660  1.00 18.05 ? 25  ARG A NH2 1 
ATOM   153  N N   . SER A 1 28  ? -4.394  -10.178 -6.352  1.00 23.57 ? 26  SER A N   1 
ATOM   154  C CA  . SER A 1 28  ? -5.212  -11.257 -6.973  1.00 25.46 ? 26  SER A CA  1 
ATOM   155  C C   . SER A 1 28  ? -6.719  -11.084 -6.792  1.00 24.74 ? 26  SER A C   1 
ATOM   156  O O   . SER A 1 28  ? -7.493  -11.651 -7.552  1.00 24.77 ? 26  SER A O   1 
ATOM   157  C CB  . SER A 1 28  ? -4.823  -12.649 -6.454  1.00 26.56 ? 26  SER A CB  1 
ATOM   158  O OG  . SER A 1 28  ? -4.994  -12.639 -5.038  1.00 29.40 ? 26  SER A OG  1 
ATOM   159  N N   . GLY A 1 29  ? -7.105  -10.327 -5.774  1.00 24.12 ? 27  GLY A N   1 
ATOM   160  C CA  . GLY A 1 29  ? -8.502  -10.055 -5.442  1.00 24.61 ? 27  GLY A CA  1 
ATOM   161  C C   . GLY A 1 29  ? -9.316  -9.521  -6.603  1.00 24.78 ? 27  GLY A C   1 
ATOM   162  O O   . GLY A 1 29  ? -10.483 -9.862  -6.741  1.00 25.28 ? 27  GLY A O   1 
ATOM   163  N N   . TRP A 1 30  ? -8.685  -8.706  -7.451  1.00 23.31 ? 28  TRP A N   1 
ATOM   164  C CA  . TRP A 1 30  ? -9.349  -8.101  -8.602  1.00 22.14 ? 28  TRP A CA  1 
ATOM   165  C C   . TRP A 1 30  ? -9.682  -9.101  -9.731  1.00 23.13 ? 28  TRP A C   1 
ATOM   166  O O   . TRP A 1 30  ? -10.565 -8.828  -10.548 1.00 21.14 ? 28  TRP A O   1 
ATOM   167  C CB  . TRP A 1 30  ? -8.460  -7.035  -9.197  1.00 21.25 ? 28  TRP A CB  1 
ATOM   168  C CG  . TRP A 1 30  ? -7.968  -6.036  -8.211  1.00 22.60 ? 28  TRP A CG  1 
ATOM   169  C CD1 . TRP A 1 30  ? -6.680  -5.829  -7.831  1.00 20.52 ? 28  TRP A CD1 1 
ATOM   170  C CD2 . TRP A 1 30  ? -8.759  -5.100  -7.502  1.00 20.28 ? 28  TRP A CD2 1 
ATOM   171  N NE1 . TRP A 1 30  ? -6.607  -4.785  -6.930  1.00 20.83 ? 28  TRP A NE1 1 
ATOM   172  C CE2 . TRP A 1 30  ? -7.874  -4.314  -6.717  1.00 20.20 ? 28  TRP A CE2 1 
ATOM   173  C CE3 . TRP A 1 30  ? -10.143 -4.831  -7.449  1.00 19.30 ? 28  TRP A CE3 1 
ATOM   174  C CZ2 . TRP A 1 30  ? -8.330  -3.311  -5.850  1.00 20.88 ? 28  TRP A CZ2 1 
ATOM   175  C CZ3 . TRP A 1 30  ? -10.600 -3.817  -6.615  1.00 20.95 ? 28  TRP A CZ3 1 
ATOM   176  C CH2 . TRP A 1 30  ? -9.693  -3.069  -5.810  1.00 20.93 ? 28  TRP A CH2 1 
ATOM   177  N N   . LEU A 1 31  ? -8.933  -10.209 -9.786  1.00 23.72 ? 29  LEU A N   1 
ATOM   178  C CA  . LEU A 1 31  ? -8.995  -11.182 -10.894 1.00 23.63 ? 29  LEU A CA  1 
ATOM   179  C C   . LEU A 1 31  ? -10.353 -11.804 -11.041 1.00 24.18 ? 29  LEU A C   1 
ATOM   180  O O   . LEU A 1 31  ? -10.855 -11.881 -12.157 1.00 22.11 ? 29  LEU A O   1 
ATOM   181  C CB  . LEU A 1 31  ? -7.895  -12.281 -10.796 1.00 24.81 ? 29  LEU A CB  1 
ATOM   182  C CG  . LEU A 1 31  ? -6.437  -11.798 -11.042 1.00 23.85 ? 29  LEU A CG  1 
ATOM   183  C CD1 . LEU A 1 31  ? -5.424  -12.791 -10.410 1.00 19.79 ? 29  LEU A CD1 1 
ATOM   184  C CD2 . LEU A 1 31  ? -6.092  -11.526 -12.489 1.00 24.33 ? 29  LEU A CD2 1 
ATOM   185  N N   . LYS A 1 32  ? -10.999 -12.149 -9.928  1.00 25.17 ? 30  LYS A N   1 
ATOM   186  C CA  . LYS A 1 32  ? -12.331 -12.758 -10.012 1.00 27.22 ? 30  LYS A CA  1 
ATOM   187  C C   . LYS A 1 32  ? -13.402 -11.742 -10.456 1.00 27.48 ? 30  LYS A C   1 
ATOM   188  O O   . LYS A 1 32  ? -14.485 -12.128 -10.873 1.00 27.96 ? 30  LYS A O   1 
ATOM   189  C CB  . LYS A 1 32  ? -12.722 -13.437 -8.685  1.00 26.89 ? 30  LYS A CB  1 
ATOM   190  C CG  . LYS A 1 32  ? -12.764 -12.501 -7.478  1.00 27.03 ? 30  LYS A CG  1 
ATOM   191  C CD  . LYS A 1 32  ? -13.155 -13.306 -6.229  1.00 29.96 ? 30  LYS A CD  1 
ATOM   192  C CE  . LYS A 1 32  ? -13.282 -12.381 -4.977  1.00 35.50 ? 30  LYS A CE  1 
ATOM   193  N NZ  . LYS A 1 32  ? -12.011 -11.564 -4.707  1.00 36.66 ? 30  LYS A NZ  1 
ATOM   194  N N   . LEU A 1 33  ? -13.079 -10.452 -10.387 1.00 26.42 ? 31  LEU A N   1 
ATOM   195  C CA  . LEU A 1 33  ? -14.002 -9.416  -10.871 1.00 26.54 ? 31  LEU A CA  1 
ATOM   196  C C   . LEU A 1 33  ? -13.918 -9.300  -12.369 1.00 26.24 ? 31  LEU A C   1 
ATOM   197  O O   . LEU A 1 33  ? -14.660 -8.544  -12.975 1.00 26.57 ? 31  LEU A O   1 
ATOM   198  C CB  . LEU A 1 33  ? -13.620 -8.068  -10.283 1.00 26.03 ? 31  LEU A CB  1 
ATOM   199  C CG  . LEU A 1 33  ? -14.282 -7.744  -8.967  1.00 27.72 ? 31  LEU A CG  1 
ATOM   200  C CD1 . LEU A 1 33  ? -13.860 -8.764  -7.965  1.00 27.01 ? 31  LEU A CD1 1 
ATOM   201  C CD2 . LEU A 1 33  ? -13.812 -6.366  -8.598  1.00 26.99 ? 31  LEU A CD2 1 
ATOM   202  N N   . GLY A 1 34  ? -12.986 -9.999  -12.986 1.00 24.94 ? 32  GLY A N   1 
ATOM   203  C CA  . GLY A 1 34  ? -12.903 -9.904  -14.437 1.00 25.13 ? 32  GLY A CA  1 
ATOM   204  C C   . GLY A 1 34  ? -11.889 -8.898  -14.915 1.00 24.73 ? 32  GLY A C   1 
ATOM   205  O O   . GLY A 1 34  ? -11.745 -8.702  -16.110 1.00 26.08 ? 32  GLY A O   1 
ATOM   206  N N   . ILE A 1 35  ? -11.179 -8.263  -13.987 1.00 24.72 ? 33  ILE A N   1 
ATOM   207  C CA  . ILE A 1 35  ? -10.148 -7.245  -14.316 1.00 25.22 ? 33  ILE A CA  1 
ATOM   208  C C   . ILE A 1 35  ? -8.915  -8.030  -14.737 1.00 24.94 ? 33  ILE A C   1 
ATOM   209  O O   . ILE A 1 35  ? -8.348  -8.786  -13.948 1.00 25.05 ? 33  ILE A O   1 
ATOM   210  C CB  . ILE A 1 35  ? -9.882  -6.252  -13.104 1.00 24.94 ? 33  ILE A CB  1 
ATOM   211  C CG1 . ILE A 1 35  ? -11.144 -5.427  -12.787 1.00 27.01 ? 33  ILE A CG1 1 
ATOM   212  C CG2 . ILE A 1 35  ? -8.688  -5.289  -13.405 1.00 24.25 ? 33  ILE A CG2 1 
ATOM   213  C CD1 . ILE A 1 35  ? -11.268 -5.019  -11.330 1.00 27.34 ? 33  ILE A CD1 1 
ATOM   214  N N   . ARG A 1 36  ? -8.516  -7.903  -16.002 1.00 25.28 ? 34  ARG A N   1 
ATOM   215  C CA  . ARG A 1 36  ? -7.564  -8.852  -16.573 1.00 25.67 ? 34  ARG A CA  1 
ATOM   216  C C   . ARG A 1 36  ? -6.149  -8.469  -16.342 1.00 27.06 ? 34  ARG A C   1 
ATOM   217  O O   . ARG A 1 36  ? -5.292  -9.347  -16.226 1.00 27.77 ? 34  ARG A O   1 
ATOM   218  C CB  . ARG A 1 36  ? -7.799  -9.037  -18.096 1.00 27.00 ? 34  ARG A CB  1 
ATOM   219  C CG  . ARG A 1 36  ? -9.134  -9.734  -18.354 1.00 28.94 ? 34  ARG A CG  1 
ATOM   220  C CD  . ARG A 1 36  ? -9.009  -11.234 -18.114 1.00 30.19 ? 34  ARG A CD  1 
ATOM   221  N NE  . ARG A 1 36  ? -8.657  -11.932 -19.363 1.00 33.94 ? 34  ARG A NE  1 
ATOM   222  C CZ  . ARG A 1 36  ? -7.995  -13.098 -19.435 1.00 34.87 ? 34  ARG A CZ  1 
ATOM   223  N NH1 . ARG A 1 36  ? -7.553  -13.700 -18.334 1.00 31.76 ? 34  ARG A NH1 1 
ATOM   224  N NH2 . ARG A 1 36  ? -7.753  -13.655 -20.627 1.00 34.08 ? 34  ARG A NH2 1 
ATOM   225  N N   . LEU A 1 37  ? -5.852  -7.177  -16.311 1.00 24.32 ? 35  LEU A N   1 
ATOM   226  C CA  . LEU A 1 37  ? -4.463  -6.856  -16.054 1.00 24.41 ? 35  LEU A CA  1 
ATOM   227  C C   . LEU A 1 37  ? -4.435  -5.925  -14.860 1.00 21.74 ? 35  LEU A C   1 
ATOM   228  O O   . LEU A 1 37  ? -4.314  -4.726  -15.036 1.00 21.20 ? 35  LEU A O   1 
ATOM   229  C CB  . LEU A 1 37  ? -3.822  -6.205  -17.294 1.00 23.80 ? 35  LEU A CB  1 
ATOM   230  C CG  . LEU A 1 37  ? -3.507  -7.080  -18.521 1.00 27.81 ? 35  LEU A CG  1 
ATOM   231  C CD1 . LEU A 1 37  ? -3.253  -6.144  -19.716 1.00 28.45 ? 35  LEU A CD1 1 
ATOM   232  C CD2 . LEU A 1 37  ? -2.273  -7.921  -18.275 1.00 30.41 ? 35  LEU A CD2 1 
ATOM   233  N N   . PRO A 1 38  ? -4.706  -6.467  -13.658 1.00 21.54 ? 36  PRO A N   1 
ATOM   234  C CA  . PRO A 1 38  ? -4.797  -5.664  -12.435 1.00 20.65 ? 36  PRO A CA  1 
ATOM   235  C C   . PRO A 1 38  ? -3.427  -5.097  -11.993 1.00 19.74 ? 36  PRO A C   1 
ATOM   236  O O   . PRO A 1 38  ? -2.408  -5.530  -12.490 1.00 18.78 ? 36  PRO A O   1 
ATOM   237  C CB  . PRO A 1 38  ? -5.330  -6.688  -11.406 1.00 20.41 ? 36  PRO A CB  1 
ATOM   238  C CG  . PRO A 1 38  ? -4.709  -7.944  -11.882 1.00 23.15 ? 36  PRO A CG  1 
ATOM   239  C CD  . PRO A 1 38  ? -4.917  -7.886  -13.361 1.00 19.75 ? 36  PRO A CD  1 
ATOM   240  N N   . GLU A 1 39  ? -3.433  -4.117  -11.074 1.00 19.70 ? 37  GLU A N   1 
ATOM   241  C CA  . GLU A 1 39  ? -2.230  -3.660  -10.375 1.00 19.52 ? 37  GLU A CA  1 
ATOM   242  C C   . GLU A 1 39  ? -1.466  -4.851  -9.807  1.00 19.08 ? 37  GLU A C   1 
ATOM   243  O O   . GLU A 1 39  ? -2.076  -5.852  -9.394  1.00 19.76 ? 37  GLU A O   1 
ATOM   244  C CB  . GLU A 1 39  ? -2.614  -2.717  -9.216  1.00 18.51 ? 37  GLU A CB  1 
ATOM   245  C CG  . GLU A 1 39  ? -3.682  -3.320  -8.336  1.00 19.07 ? 37  GLU A CG  1 
ATOM   246  C CD  . GLU A 1 39  ? -3.617  -2.869  -6.901  1.00 17.95 ? 37  GLU A CD  1 
ATOM   247  O OE1 . GLU A 1 39  ? -2.754  -2.043  -6.585  1.00 17.68 ? 37  GLU A OE1 1 
ATOM   248  O OE2 . GLU A 1 39  ? -4.431  -3.331  -6.072  1.00 17.44 ? 37  GLU A OE2 1 
ATOM   249  N N   . SER A 1 40  ? -0.135  -4.749  -9.824  1.00 18.24 ? 38  SER A N   1 
ATOM   250  C CA  . SER A 1 40  ? 0.739   -5.689  -9.177  1.00 18.26 ? 38  SER A CA  1 
ATOM   251  C C   . SER A 1 40  ? 0.917   -5.319  -7.691  1.00 18.93 ? 38  SER A C   1 
ATOM   252  O O   . SER A 1 40  ? 0.581   -4.210  -7.257  1.00 19.52 ? 38  SER A O   1 
ATOM   253  C CB  . SER A 1 40  ? 2.113   -5.738  -9.878  1.00 18.55 ? 38  SER A CB  1 
ATOM   254  O OG  . SER A 1 40  ? 2.790   -4.528  -9.643  1.00 17.39 ? 38  SER A OG  1 
ATOM   255  N N   . VAL A 1 41  ? 1.481   -6.240  -6.927  1.00 17.48 ? 39  VAL A N   1 
ATOM   256  C CA  . VAL A 1 41  ? 1.802   -5.967  -5.521  1.00 18.14 ? 39  VAL A CA  1 
ATOM   257  C C   . VAL A 1 41  ? 2.750   -4.779  -5.382  1.00 18.23 ? 39  VAL A C   1 
ATOM   258  O O   . VAL A 1 41  ? 2.516   -3.901  -4.528  1.00 18.03 ? 39  VAL A O   1 
ATOM   259  C CB  . VAL A 1 41  ? 2.320   -7.235  -4.793  1.00 19.01 ? 39  VAL A CB  1 
ATOM   260  C CG1 . VAL A 1 41  ? 2.792   -6.875  -3.375  1.00 15.77 ? 39  VAL A CG1 1 
ATOM   261  C CG2 . VAL A 1 41  ? 1.186   -8.256  -4.719  1.00 19.96 ? 39  VAL A CG2 1 
ATOM   262  N N   . ALA A 1 42  ? 3.752   -4.699  -6.281  1.00 17.49 ? 40  ALA A N   1 
ATOM   263  C CA  . ALA A 1 42  ? 4.680   -3.553  -6.312  1.00 18.52 ? 40  ALA A CA  1 
ATOM   264  C C   . ALA A 1 42  ? 3.979   -2.209  -6.495  1.00 18.31 ? 40  ALA A C   1 
ATOM   265  O O   . ALA A 1 42  ? 4.299   -1.230  -5.789  1.00 18.16 ? 40  ALA A O   1 
ATOM   266  C CB  . ALA A 1 42  ? 5.762   -3.767  -7.392  1.00 18.12 ? 40  ALA A CB  1 
ATOM   267  N N   . GLU A 1 43  ? 3.054   -2.146  -7.457  1.00 16.89 ? 41  GLU A N   1 
ATOM   268  C CA  . GLU A 1 43  ? 2.207   -0.978  -7.659  1.00 18.00 ? 41  GLU A CA  1 
ATOM   269  C C   . GLU A 1 43  ? 1.352   -0.589  -6.460  1.00 17.08 ? 41  GLU A C   1 
ATOM   270  O O   . GLU A 1 43  ? 1.304   0.593   -6.097  1.00 16.89 ? 41  GLU A O   1 
ATOM   271  C CB  . GLU A 1 43  ? 1.303   -1.194  -8.884  1.00 17.11 ? 41  GLU A CB  1 
ATOM   272  C CG  . GLU A 1 43  ? 2.173   -1.001  -10.127 1.00 18.78 ? 41  GLU A CG  1 
ATOM   273  C CD  . GLU A 1 43  ? 1.478   -1.488  -11.358 1.00 22.20 ? 41  GLU A CD  1 
ATOM   274  O OE1 . GLU A 1 43  ? 0.515   -2.282  -11.259 1.00 25.95 ? 41  GLU A OE1 1 
ATOM   275  O OE2 . GLU A 1 43  ? 1.885   -1.030  -12.422 1.00 23.94 ? 41  GLU A OE2 1 
ATOM   276  N N   . HIS A 1 44  ? 0.700   -1.571  -5.848  1.00 15.54 ? 42  HIS A N   1 
ATOM   277  C CA  . HIS A 1 44  ? 0.024   -1.342  -4.568  1.00 16.61 ? 42  HIS A CA  1 
ATOM   278  C C   . HIS A 1 44  ? 0.957   -0.715  -3.469  1.00 17.54 ? 42  HIS A C   1 
ATOM   279  O O   . HIS A 1 44  ? 0.556   0.248   -2.815  1.00 18.37 ? 42  HIS A O   1 
ATOM   280  C CB  . HIS A 1 44  ? -0.621  -2.658  -4.079  1.00 14.87 ? 42  HIS A CB  1 
ATOM   281  C CG  . HIS A 1 44  ? -1.061  -2.631  -2.646  1.00 16.28 ? 42  HIS A CG  1 
ATOM   282  N ND1 . HIS A 1 44  ? -2.040  -1.772  -2.201  1.00 14.69 ? 42  HIS A ND1 1 
ATOM   283  C CD2 . HIS A 1 44  ? -0.657  -3.339  -1.555  1.00 17.39 ? 42  HIS A CD2 1 
ATOM   284  C CE1 . HIS A 1 44  ? -2.262  -1.973  -0.911  1.00 18.31 ? 42  HIS A CE1 1 
ATOM   285  N NE2 . HIS A 1 44  ? -1.426  -2.894  -0.484  1.00 17.20 ? 42  HIS A NE2 1 
ATOM   286  N N   . SER A 1 45  ? 2.179   -1.246  -3.322  1.00 19.36 ? 43  SER A N   1 
ATOM   287  C CA  . SER A 1 45  ? 3.085   -0.899  -2.203  1.00 19.80 ? 43  SER A CA  1 
ATOM   288  C C   . SER A 1 45  ? 3.656   0.500   -2.504  1.00 18.33 ? 43  SER A C   1 
ATOM   289  O O   . SER A 1 45  ? 3.801   1.309   -1.584  1.00 17.36 ? 43  SER A O   1 
ATOM   290  C CB  . SER A 1 45  ? 4.246   -1.906  -2.024  1.00 18.76 ? 43  SER A CB  1 
ATOM   291  O OG  . SER A 1 45  ? 3.792   -3.242  -1.764  1.00 24.40 ? 43  SER A OG  1 
ATOM   292  N N   . PHE A 1 46  ? 3.963   0.756   -3.790  1.00 16.84 ? 44  PHE A N   1 
ATOM   293  C CA  . PHE A 1 46  ? 4.300   2.125   -4.276  1.00 16.79 ? 44  PHE A CA  1 
ATOM   294  C C   . PHE A 1 46  ? 3.346   3.195   -3.745  1.00 16.53 ? 44  PHE A C   1 
ATOM   295  O O   . PHE A 1 46  ? 3.751   4.155   -3.070  1.00 16.16 ? 44  PHE A O   1 
ATOM   296  C CB  . PHE A 1 46  ? 4.371   2.164   -5.846  1.00 15.71 ? 44  PHE A CB  1 
ATOM   297  C CG  . PHE A 1 46  ? 4.465   3.551   -6.425  1.00 18.62 ? 44  PHE A CG  1 
ATOM   298  C CD1 . PHE A 1 46  ? 5.660   4.277   -6.385  1.00 18.40 ? 44  PHE A CD1 1 
ATOM   299  C CD2 . PHE A 1 46  ? 3.367   4.129   -7.070  1.00 16.20 ? 44  PHE A CD2 1 
ATOM   300  C CE1 . PHE A 1 46  ? 5.713   5.590   -6.897  1.00 20.24 ? 44  PHE A CE1 1 
ATOM   301  C CE2 . PHE A 1 46  ? 3.454   5.424   -7.589  1.00 18.91 ? 44  PHE A CE2 1 
ATOM   302  C CZ  . PHE A 1 46  ? 4.616   6.144   -7.493  1.00 18.41 ? 44  PHE A CZ  1 
ATOM   303  N N   . ARG A 1 47  ? 2.060   3.061   -4.073  1.00 16.63 ? 45  ARG A N   1 
ATOM   304  C CA  . ARG A 1 47  ? 1.139   4.099   -3.672  1.00 16.97 ? 45  ARG A CA  1 
ATOM   305  C C   . ARG A 1 47  ? 0.781   4.066   -2.194  1.00 16.64 ? 45  ARG A C   1 
ATOM   306  O O   . ARG A 1 47  ? 0.558   5.140   -1.608  1.00 15.86 ? 45  ARG A O   1 
ATOM   307  C CB  . ARG A 1 47  ? -0.136  4.084   -4.482  1.00 16.40 ? 45  ARG A CB  1 
ATOM   308  C CG  . ARG A 1 47  ? -1.092  5.271   -4.059  1.00 20.30 ? 45  ARG A CG  1 
ATOM   309  C CD  . ARG A 1 47  ? -2.108  5.622   -5.179  1.00 19.93 ? 45  ARG A CD  1 
ATOM   310  N NE  . ARG A 1 47  ? -3.047  4.511   -5.392  1.00 18.32 ? 45  ARG A NE  1 
ATOM   311  C CZ  . ARG A 1 47  ? -4.176  4.642   -6.087  1.00 17.92 ? 45  ARG A CZ  1 
ATOM   312  N NH1 . ARG A 1 47  ? -4.445  5.817   -6.582  1.00 20.19 ? 45  ARG A NH1 1 
ATOM   313  N NH2 . ARG A 1 47  ? -5.007  3.590   -6.323  1.00 18.10 ? 45  ARG A NH2 1 
ATOM   314  N N   . ALA A 1 48  ? 0.801   2.870   -1.600  1.00 16.97 ? 46  ALA A N   1 
ATOM   315  C CA  . ALA A 1 48  ? 0.535   2.742   -0.157  1.00 17.87 ? 46  ALA A CA  1 
ATOM   316  C C   . ALA A 1 48  ? 1.657   3.472   0.612   1.00 17.07 ? 46  ALA A C   1 
ATOM   317  O O   . ALA A 1 48  ? 1.392   4.069   1.653   1.00 16.74 ? 46  ALA A O   1 
ATOM   318  C CB  . ALA A 1 48  ? 0.431   1.257   0.273   1.00 16.26 ? 46  ALA A CB  1 
ATOM   319  N N   . ALA A 1 49  ? 2.887   3.438   0.080   1.00 16.42 ? 47  ALA A N   1 
ATOM   320  C CA  . ALA A 1 49  ? 4.053   4.095   0.750   1.00 16.75 ? 47  ALA A CA  1 
ATOM   321  C C   . ALA A 1 49  ? 3.894   5.622   0.743   1.00 18.12 ? 47  ALA A C   1 
ATOM   322  O O   . ALA A 1 49  ? 4.110   6.305   1.745   1.00 19.28 ? 47  ALA A O   1 
ATOM   323  C CB  . ALA A 1 49  ? 5.353   3.694   0.063   1.00 17.58 ? 47  ALA A CB  1 
ATOM   324  N N   . ILE A 1 50  ? 3.508   6.162   -0.408  1.00 17.38 ? 48  ILE A N   1 
ATOM   325  C CA  . ILE A 1 50  ? 3.235   7.549   -0.542  1.00 17.06 ? 48  ILE A CA  1 
ATOM   326  C C   . ILE A 1 50  ? 2.010   7.929   0.373   1.00 16.86 ? 48  ILE A C   1 
ATOM   327  O O   . ILE A 1 50  ? 2.050   8.970   1.041   1.00 16.25 ? 48  ILE A O   1 
ATOM   328  C CB  . ILE A 1 50  ? 3.036   7.835   -2.015  1.00 17.06 ? 48  ILE A CB  1 
ATOM   329  C CG1 . ILE A 1 50  ? 4.405   7.771   -2.735  1.00 18.69 ? 48  ILE A CG1 1 
ATOM   330  C CG2 . ILE A 1 50  ? 2.345   9.199   -2.243  1.00 18.47 ? 48  ILE A CG2 1 
ATOM   331  C CD1 . ILE A 1 50  ? 4.267   7.609   -4.194  1.00 19.20 ? 48  ILE A CD1 1 
ATOM   332  N N   . ILE A 1 51  ? 0.970   7.090   0.443   1.00 16.56 ? 49  ILE A N   1 
ATOM   333  C CA  . ILE A 1 51  ? -0.188  7.418   1.331   1.00 17.11 ? 49  ILE A CA  1 
ATOM   334  C C   . ILE A 1 51  ? 0.304   7.396   2.774   1.00 17.12 ? 49  ILE A C   1 
ATOM   335  O O   . ILE A 1 51  ? -0.126  8.236   3.538   1.00 18.00 ? 49  ILE A O   1 
ATOM   336  C CB  . ILE A 1 51  ? -1.441  6.492   1.153   1.00 16.56 ? 49  ILE A CB  1 
ATOM   337  C CG1 . ILE A 1 51  ? -2.144  6.791   -0.220  1.00 18.43 ? 49  ILE A CG1 1 
ATOM   338  C CG2 . ILE A 1 51  ? -2.399  6.608   2.390   1.00 15.36 ? 49  ILE A CG2 1 
ATOM   339  C CD1 . ILE A 1 51  ? -3.040  5.641   -0.737  1.00 17.81 ? 49  ILE A CD1 1 
ATOM   340  N N   . ALA A 1 52  ? 1.156   6.427   3.151   1.00 16.50 ? 50  ALA A N   1 
ATOM   341  C CA  . ALA A 1 52  ? 1.660   6.322   4.556   1.00 16.85 ? 50  ALA A CA  1 
ATOM   342  C C   . ALA A 1 52  ? 2.453   7.595   4.947   1.00 18.06 ? 50  ALA A C   1 
ATOM   343  O O   . ALA A 1 52  ? 2.321   8.105   6.080   1.00 19.25 ? 50  ALA A O   1 
ATOM   344  C CB  . ALA A 1 52  ? 2.530   5.072   4.752   1.00 17.49 ? 50  ALA A CB  1 
ATOM   345  N N   . PHE A 1 53  ? 3.270   8.070   4.017   1.00 17.39 ? 51  PHE A N   1 
ATOM   346  C CA  . PHE A 1 53  ? 3.976   9.355   4.129   1.00 18.35 ? 51  PHE A CA  1 
ATOM   347  C C   . PHE A 1 53  ? 2.978   10.507  4.440   1.00 19.00 ? 51  PHE A C   1 
ATOM   348  O O   . PHE A 1 53  ? 3.152   11.225  5.420   1.00 18.66 ? 51  PHE A O   1 
ATOM   349  C CB  . PHE A 1 53  ? 4.767   9.646   2.850   1.00 17.21 ? 51  PHE A CB  1 
ATOM   350  C CG  . PHE A 1 53  ? 5.522   10.940  2.877   1.00 19.32 ? 51  PHE A CG  1 
ATOM   351  C CD1 . PHE A 1 53  ? 6.792   11.021  3.468   1.00 17.30 ? 51  PHE A CD1 1 
ATOM   352  C CD2 . PHE A 1 53  ? 4.967   12.096  2.308   1.00 21.30 ? 51  PHE A CD2 1 
ATOM   353  C CE1 . PHE A 1 53  ? 7.510   12.241  3.469   1.00 21.00 ? 51  PHE A CE1 1 
ATOM   354  C CE2 . PHE A 1 53  ? 5.699   13.329  2.305   1.00 23.56 ? 51  PHE A CE2 1 
ATOM   355  C CZ  . PHE A 1 53  ? 6.966   13.372  2.909   1.00 19.89 ? 51  PHE A CZ  1 
ATOM   356  N N   . ILE A 1 54  ? 1.940   10.649  3.617   1.00 19.11 ? 52  ILE A N   1 
ATOM   357  C CA  . ILE A 1 54  ? 0.875   11.617  3.863   1.00 20.10 ? 52  ILE A CA  1 
ATOM   358  C C   . ILE A 1 54  ? 0.178   11.428  5.207   1.00 19.43 ? 52  ILE A C   1 
ATOM   359  O O   . ILE A 1 54  ? -0.089  12.433  5.934   1.00 20.73 ? 52  ILE A O   1 
ATOM   360  C CB  . ILE A 1 54  ? -0.157  11.618  2.699   1.00 20.08 ? 52  ILE A CB  1 
ATOM   361  C CG1 . ILE A 1 54  ? 0.496   12.061  1.384   1.00 20.64 ? 52  ILE A CG1 1 
ATOM   362  C CG2 . ILE A 1 54  ? -1.415  12.448  3.033   1.00 21.34 ? 52  ILE A CG2 1 
ATOM   363  C CD1 . ILE A 1 54  ? -0.358  11.685  0.096   1.00 19.30 ? 52  ILE A CD1 1 
ATOM   364  N N   . LEU A 1 55  ? -0.122  10.176  5.572   1.00 19.36 ? 53  LEU A N   1 
ATOM   365  C CA  . LEU A 1 55  ? -0.842  9.926   6.833   1.00 20.34 ? 53  LEU A CA  1 
ATOM   366  C C   . LEU A 1 55  ? -0.025  10.405  8.041   1.00 20.93 ? 53  LEU A C   1 
ATOM   367  O O   . LEU A 1 55  ? -0.546  11.062  8.975   1.00 18.16 ? 53  LEU A O   1 
ATOM   368  C CB  . LEU A 1 55  ? -1.182  8.441   7.033   1.00 21.07 ? 53  LEU A CB  1 
ATOM   369  C CG  . LEU A 1 55  ? -2.265  7.851   6.113   1.00 21.65 ? 53  LEU A CG  1 
ATOM   370  C CD1 . LEU A 1 55  ? -2.510  6.388   6.434   1.00 21.64 ? 53  LEU A CD1 1 
ATOM   371  C CD2 . LEU A 1 55  ? -3.552  8.704   6.220   1.00 22.37 ? 53  LEU A CD2 1 
ATOM   372  N N   . ALA A 1 56  ? 1.253   10.023  8.024   1.00 19.11 ? 54  ALA A N   1 
ATOM   373  C CA  . ALA A 1 56  ? 2.169   10.411  9.075   1.00 19.94 ? 54  ALA A CA  1 
ATOM   374  C C   . ALA A 1 56  ? 2.221   11.942  9.150   1.00 20.80 ? 54  ALA A C   1 
ATOM   375  O O   . ALA A 1 56  ? 1.961   12.474  10.205  1.00 21.41 ? 54  ALA A O   1 
ATOM   376  C CB  . ALA A 1 56  ? 3.507   9.814   8.827   1.00 19.88 ? 54  ALA A CB  1 
ATOM   377  N N   . LEU A 1 57  ? 2.520   12.646  8.048   1.00 21.06 ? 55  LEU A N   1 
ATOM   378  C CA  . LEU A 1 57  ? 2.533   14.124  8.064   1.00 23.74 ? 55  LEU A CA  1 
ATOM   379  C C   . LEU A 1 57  ? 1.253   14.769  8.611   1.00 24.90 ? 55  LEU A C   1 
ATOM   380  O O   . LEU A 1 57  ? 1.321   15.730  9.381   1.00 24.97 ? 55  LEU A O   1 
ATOM   381  C CB  . LEU A 1 57  ? 2.851   14.725  6.686   1.00 23.88 ? 55  LEU A CB  1 
ATOM   382  C CG  . LEU A 1 57  ? 4.285   14.654  6.105   1.00 24.98 ? 55  LEU A CG  1 
ATOM   383  C CD1 . LEU A 1 57  ? 4.233   15.470  4.834   1.00 28.70 ? 55  LEU A CD1 1 
ATOM   384  C CD2 . LEU A 1 57  ? 5.382   15.207  7.067   1.00 29.00 ? 55  LEU A CD2 1 
ATOM   385  N N   . LYS A 1 58  ? 0.096   14.249  8.181   1.00 25.78 ? 56  LYS A N   1 
ATOM   386  C CA  . LYS A 1 58  ? -1.204  14.698  8.653   1.00 26.73 ? 56  LYS A CA  1 
ATOM   387  C C   . LYS A 1 58  ? -1.463  14.330  10.115  1.00 25.92 ? 56  LYS A C   1 
ATOM   388  O O   . LYS A 1 58  ? -2.296  14.924  10.739  1.00 26.41 ? 56  LYS A O   1 
ATOM   389  C CB  . LYS A 1 58  ? -2.336  14.107  7.792   1.00 28.07 ? 56  LYS A CB  1 
ATOM   390  C CG  . LYS A 1 58  ? -2.357  14.565  6.317   1.00 32.04 ? 56  LYS A CG  1 
ATOM   391  C CD  . LYS A 1 58  ? -2.280  16.096  6.138   1.00 36.81 ? 56  LYS A CD  1 
ATOM   392  C CE  . LYS A 1 58  ? -2.331  16.523  4.653   1.00 37.87 ? 56  LYS A CE  1 
ATOM   393  N NZ  . LYS A 1 58  ? -2.222  18.041  4.505   1.00 38.62 ? 56  LYS A NZ  1 
ATOM   394  N N   . SER A 1 59  ? -0.763  13.352  10.662  1.00 24.41 ? 57  SER A N   1 
ATOM   395  C CA  . SER A 1 59  ? -0.919  12.961  12.043  1.00 23.84 ? 57  SER A CA  1 
ATOM   396  C C   . SER A 1 59  ? 0.098   13.647  12.941  1.00 24.49 ? 57  SER A C   1 
ATOM   397  O O   . SER A 1 59  ? 0.342   13.180  14.046  1.00 25.83 ? 57  SER A O   1 
ATOM   398  C CB  . SER A 1 59  ? -0.740  11.459  12.185  1.00 23.06 ? 57  SER A CB  1 
ATOM   399  O OG  . SER A 1 59  ? -1.648  10.792  11.350  1.00 21.44 ? 57  SER A OG  1 
ATOM   400  N N   . GLY A 1 60  ? 0.727   14.703  12.451  1.00 23.75 ? 58  GLY A N   1 
ATOM   401  C CA  . GLY A 1 60  ? 1.711   15.459  13.239  1.00 23.37 ? 58  GLY A CA  1 
ATOM   402  C C   . GLY A 1 60  ? 3.110   14.888  13.323  1.00 23.51 ? 58  GLY A C   1 
ATOM   403  O O   . GLY A 1 60  ? 3.910   15.268  14.198  1.00 23.13 ? 58  GLY A O   1 
ATOM   404  N N   . GLU A 1 61  ? 3.468   14.008  12.387  1.00 22.91 ? 59  GLU A N   1 
ATOM   405  C CA  . GLU A 1 61  ? 4.835   13.445  12.406  1.00 21.19 ? 59  GLU A CA  1 
ATOM   406  C C   . GLU A 1 61  ? 5.824   14.299  11.660  1.00 21.29 ? 59  GLU A C   1 
ATOM   407  O O   . GLU A 1 61  ? 5.433   14.982  10.710  1.00 22.07 ? 59  GLU A O   1 
ATOM   408  C CB  . GLU A 1 61  ? 4.823   12.089  11.723  1.00 22.15 ? 59  GLU A CB  1 
ATOM   409  C CG  . GLU A 1 61  ? 4.007   11.062  12.415  1.00 23.18 ? 59  GLU A CG  1 
ATOM   410  C CD  . GLU A 1 61  ? 4.527   10.774  13.812  1.00 32.39 ? 59  GLU A CD  1 
ATOM   411  O OE1 . GLU A 1 61  ? 5.683   10.417  13.985  1.00 35.90 ? 59  GLU A OE1 1 
ATOM   412  O OE2 . GLU A 1 61  ? 3.774   10.931  14.746  1.00 39.87 ? 59  GLU A OE2 1 
ATOM   413  N N   . SER A 1 62  ? 7.110   14.248  12.023  1.00 20.65 ? 60  SER A N   1 
ATOM   414  C CA  . SER A 1 62  ? 8.154   14.926  11.235  1.00 20.65 ? 60  SER A CA  1 
ATOM   415  C C   . SER A 1 62  ? 8.275   14.271  9.832   1.00 20.70 ? 60  SER A C   1 
ATOM   416  O O   . SER A 1 62  ? 7.834   13.108  9.602   1.00 20.38 ? 60  SER A O   1 
ATOM   417  C CB  . SER A 1 62  ? 9.498   14.792  11.917  1.00 20.93 ? 60  SER A CB  1 
ATOM   418  O OG  . SER A 1 62  ? 9.879   13.425  11.894  1.00 21.13 ? 60  SER A OG  1 
ATOM   419  N N   . VAL A 1 63  ? 8.845   15.014  8.888   1.00 20.56 ? 61  VAL A N   1 
ATOM   420  C CA  . VAL A 1 63  ? 9.203   14.428  7.599   1.00 21.55 ? 61  VAL A CA  1 
ATOM   421  C C   . VAL A 1 63  ? 10.082  13.189  7.782   1.00 22.58 ? 61  VAL A C   1 
ATOM   422  O O   . VAL A 1 63  ? 9.877   12.180  7.114   1.00 20.90 ? 61  VAL A O   1 
ATOM   423  C CB  . VAL A 1 63  ? 9.952   15.424  6.721   1.00 22.24 ? 61  VAL A CB  1 
ATOM   424  C CG1 . VAL A 1 63  ? 10.346  14.786  5.352   1.00 23.23 ? 61  VAL A CG1 1 
ATOM   425  C CG2 . VAL A 1 63  ? 9.053   16.590  6.456   1.00 23.61 ? 61  VAL A CG2 1 
ATOM   426  N N   . GLU A 1 64  ? 11.056  13.236  8.687   1.00 22.14 ? 62  GLU A N   1 
ATOM   427  C CA  . GLU A 1 64  ? 11.927  12.055  8.865   1.00 24.24 ? 62  GLU A CA  1 
ATOM   428  C C   . GLU A 1 64  ? 11.068  10.790  9.233   1.00 23.48 ? 62  GLU A C   1 
ATOM   429  O O   . GLU A 1 64  ? 11.261  9.716   8.698   1.00 21.87 ? 62  GLU A O   1 
ATOM   430  C CB  . GLU A 1 64  ? 12.961  12.301  9.973   1.00 26.71 ? 62  GLU A CB  1 
ATOM   431  C CG  . GLU A 1 64  ? 13.832  13.584  9.850   1.00 34.27 ? 62  GLU A CG  1 
ATOM   432  C CD  . GLU A 1 64  ? 13.138  14.889  10.388  1.00 39.68 ? 62  GLU A CD  1 
ATOM   433  O OE1 . GLU A 1 64  ? 13.411  15.334  11.558  1.00 43.97 ? 62  GLU A OE1 1 
ATOM   434  O OE2 . GLU A 1 64  ? 12.343  15.463  9.624   1.00 35.14 ? 62  GLU A OE2 1 
ATOM   435  N N   . LYS A 1 65  ? 10.096  10.952  10.128  1.00 22.16 ? 63  LYS A N   1 
ATOM   436  C CA  . LYS A 1 65  ? 9.245   9.850   10.541  1.00 23.90 ? 63  LYS A CA  1 
ATOM   437  C C   . LYS A 1 65  ? 8.261   9.410   9.434   1.00 22.38 ? 63  LYS A C   1 
ATOM   438  O O   . LYS A 1 65  ? 7.918   8.242   9.318   1.00 22.60 ? 63  LYS A O   1 
ATOM   439  C CB  . LYS A 1 65  ? 8.446   10.258  11.788  1.00 25.28 ? 63  LYS A CB  1 
ATOM   440  C CG  . LYS A 1 65  ? 9.282   10.246  13.082  1.00 31.13 ? 63  LYS A CG  1 
ATOM   441  C CD  . LYS A 1 65  ? 8.549   9.478   14.177  1.00 39.54 ? 63  LYS A CD  1 
ATOM   442  C CE  . LYS A 1 65  ? 8.653   7.977   14.029  1.00 41.71 ? 63  LYS A CE  1 
ATOM   443  N NZ  . LYS A 1 65  ? 9.914   7.545   14.720  1.00 44.89 ? 63  LYS A NZ  1 
ATOM   444  N N   . ALA A 1 66  ? 7.774   10.379  8.686   1.00 21.48 ? 64  ALA A N   1 
ATOM   445  C CA  . ALA A 1 66  ? 6.892   10.152  7.550   1.00 21.10 ? 64  ALA A CA  1 
ATOM   446  C C   . ALA A 1 66  ? 7.652   9.289   6.494   1.00 20.94 ? 64  ALA A C   1 
ATOM   447  O O   . ALA A 1 66  ? 7.057   8.428   5.882   1.00 21.07 ? 64  ALA A O   1 
ATOM   448  C CB  . ALA A 1 66  ? 6.448   11.477  6.941   1.00 19.85 ? 64  ALA A CB  1 
ATOM   449  N N   . CYS A 1 67  ? 8.958   9.510   6.340   1.00 20.52 ? 65  CYS A N   1 
ATOM   450  C CA  . CYS A 1 67  ? 9.788   8.713   5.442   1.00 20.58 ? 65  CYS A CA  1 
ATOM   451  C C   . CYS A 1 67  ? 9.927   7.292   5.940   1.00 21.68 ? 65  CYS A C   1 
ATOM   452  O O   . CYS A 1 67  ? 9.954   6.337   5.164   1.00 20.27 ? 65  CYS A O   1 
ATOM   453  C CB  . CYS A 1 67  ? 11.165  9.343   5.302   1.00 21.48 ? 65  CYS A CB  1 
ATOM   454  S SG  . CYS A 1 67  ? 11.174  10.914  4.362   1.00 21.06 ? 65  CYS A SG  1 
ATOM   455  N N   . LYS A 1 68  ? 10.021  7.146   7.255   1.00 21.21 ? 66  LYS A N   1 
ATOM   456  C CA  . LYS A 1 68  ? 10.037  5.813   7.845   1.00 21.65 ? 66  LYS A CA  1 
ATOM   457  C C   . LYS A 1 68  ? 8.747   5.033   7.617   1.00 20.97 ? 66  LYS A C   1 
ATOM   458  O O   . LYS A 1 68  ? 8.791   3.824   7.336   1.00 20.33 ? 66  LYS A O   1 
ATOM   459  C CB  . LYS A 1 68  ? 10.415  5.911   9.344   1.00 21.90 ? 66  LYS A CB  1 
ATOM   460  C CG  . LYS A 1 68  ? 10.648  4.561   9.994   1.00 29.03 ? 66  LYS A CG  1 
ATOM   461  C CD  . LYS A 1 68  ? 10.671  4.713   11.521  1.00 33.42 ? 66  LYS A CD  1 
ATOM   462  C CE  . LYS A 1 68  ? 11.779  3.906   12.156  1.00 38.40 ? 66  LYS A CE  1 
ATOM   463  N NZ  . LYS A 1 68  ? 11.366  3.620   13.571  1.00 37.95 ? 66  LYS A NZ  1 
ATOM   464  N N   . ALA A 1 69  ? 7.606   5.719   7.723   1.00 19.20 ? 67  ALA A N   1 
ATOM   465  C CA  . ALA A 1 69  ? 6.294   5.139   7.394   1.00 19.36 ? 67  ALA A CA  1 
ATOM   466  C C   . ALA A 1 69  ? 6.213   4.710   5.939   1.00 18.95 ? 67  ALA A C   1 
ATOM   467  O O   . ALA A 1 69  ? 5.709   3.623   5.642   1.00 18.79 ? 67  ALA A O   1 
ATOM   468  C CB  . ALA A 1 69  ? 5.172   6.137   7.706   1.00 17.08 ? 67  ALA A CB  1 
ATOM   469  N N   . ALA A 1 70  ? 6.656   5.577   5.025   1.00 18.97 ? 68  ALA A N   1 
ATOM   470  C CA  . ALA A 1 70  ? 6.788   5.184   3.620   1.00 19.43 ? 68  ALA A CA  1 
ATOM   471  C C   . ALA A 1 70  ? 7.561   3.899   3.418   1.00 18.64 ? 68  ALA A C   1 
ATOM   472  O O   . ALA A 1 70  ? 7.114   3.013   2.723   1.00 17.55 ? 68  ALA A O   1 
ATOM   473  C CB  . ALA A 1 70  ? 7.408   6.318   2.756   1.00 17.07 ? 68  ALA A CB  1 
ATOM   474  N N   . THR A 1 71  ? 8.736   3.827   4.013   1.00 19.12 ? 69  THR A N   1 
ATOM   475  C CA  . THR A 1 71  ? 9.656   2.704   3.816   1.00 18.55 ? 69  THR A CA  1 
ATOM   476  C C   . THR A 1 71  ? 9.099   1.426   4.395   1.00 18.81 ? 69  THR A C   1 
ATOM   477  O O   . THR A 1 71  ? 9.149   0.350   3.753   1.00 18.61 ? 69  THR A O   1 
ATOM   478  C CB  . THR A 1 71  ? 11.046  3.008   4.477   1.00 17.74 ? 69  THR A CB  1 
ATOM   479  O OG1 . THR A 1 71  ? 11.563  4.225   3.930   1.00 20.17 ? 69  THR A OG1 1 
ATOM   480  C CG2 . THR A 1 71  ? 12.050  1.919   4.115   1.00 20.97 ? 69  THR A CG2 1 
ATOM   481  N N   . ALA A 1 72  ? 8.540   1.537   5.598   1.00 17.25 ? 70  ALA A N   1 
ATOM   482  C CA  . ALA A 1 72  ? 7.864   0.439   6.231   1.00 18.70 ? 70  ALA A CA  1 
ATOM   483  C C   . ALA A 1 72  ? 6.727   -0.122  5.319   1.00 17.90 ? 70  ALA A C   1 
ATOM   484  O O   . ALA A 1 72  ? 6.539   -1.347  5.219   1.00 18.81 ? 70  ALA A O   1 
ATOM   485  C CB  . ALA A 1 72  ? 7.305   0.902   7.625   1.00 15.79 ? 70  ALA A CB  1 
ATOM   486  N N   . ALA A 1 73  ? 6.009   0.767   4.651   1.00 18.52 ? 71  ALA A N   1 
ATOM   487  C CA  . ALA A 1 73  ? 4.921   0.367   3.724   1.00 20.46 ? 71  ALA A CA  1 
ATOM   488  C C   . ALA A 1 73  ? 5.505   -0.358  2.497   1.00 21.10 ? 71  ALA A C   1 
ATOM   489  O O   . ALA A 1 73  ? 4.957   -1.352  2.026   1.00 20.47 ? 71  ALA A O   1 
ATOM   490  C CB  . ALA A 1 73  ? 4.104   1.618   3.264   1.00 20.17 ? 71  ALA A CB  1 
ATOM   491  N N   . LEU A 1 74  ? 6.669   0.108   2.045   1.00 22.50 ? 72  LEU A N   1 
ATOM   492  C CA  . LEU A 1 74  ? 7.364   -0.551  0.942   1.00 23.29 ? 72  LEU A CA  1 
ATOM   493  C C   . LEU A 1 74  ? 7.769   -1.959  1.262   1.00 24.10 ? 72  LEU A C   1 
ATOM   494  O O   . LEU A 1 74  ? 7.676   -2.818  0.373   1.00 23.30 ? 72  LEU A O   1 
ATOM   495  C CB  . LEU A 1 74  ? 8.632   0.191   0.535   1.00 23.20 ? 72  LEU A CB  1 
ATOM   496  C CG  . LEU A 1 74  ? 8.483   1.510   -0.195  1.00 25.26 ? 72  LEU A CG  1 
ATOM   497  C CD1 . LEU A 1 74  ? 9.913   2.074   -0.418  1.00 24.43 ? 72  LEU A CD1 1 
ATOM   498  C CD2 . LEU A 1 74  ? 7.760   1.292   -1.499  1.00 17.29 ? 72  LEU A CD2 1 
ATOM   499  N N   . PHE A 1 75  ? 8.280   -2.172  2.493   1.00 23.48 ? 73  PHE A N   1 
ATOM   500  C CA  . PHE A 1 75  ? 8.731   -3.477  2.980   1.00 24.33 ? 73  PHE A CA  1 
ATOM   501  C C   . PHE A 1 75  ? 7.615   -4.419  3.393   1.00 25.39 ? 73  PHE A C   1 
ATOM   502  O O   . PHE A 1 75  ? 7.833   -5.615  3.551   1.00 25.37 ? 73  PHE A O   1 
ATOM   503  C CB  . PHE A 1 75  ? 9.673   -3.300  4.182   1.00 24.86 ? 73  PHE A CB  1 
ATOM   504  C CG  . PHE A 1 75  ? 11.099  -3.016  3.777   1.00 27.81 ? 73  PHE A CG  1 
ATOM   505  C CD1 . PHE A 1 75  ? 11.505  -1.729  3.415   1.00 27.32 ? 73  PHE A CD1 1 
ATOM   506  C CD2 . PHE A 1 75  ? 12.042  -4.075  3.690   1.00 33.69 ? 73  PHE A CD2 1 
ATOM   507  C CE1 . PHE A 1 75  ? 12.847  -1.457  2.999   1.00 28.80 ? 73  PHE A CE1 1 
ATOM   508  C CE2 . PHE A 1 75  ? 13.386  -3.831  3.250   1.00 34.69 ? 73  PHE A CE2 1 
ATOM   509  C CZ  . PHE A 1 75  ? 13.772  -2.510  2.904   1.00 32.36 ? 73  PHE A CZ  1 
ATOM   510  N N   . HIS A 1 76  ? 6.416   -3.871  3.573   1.00 25.44 ? 74  HIS A N   1 
ATOM   511  C CA  . HIS A 1 76  ? 5.329   -4.610  4.209   1.00 26.31 ? 74  HIS A CA  1 
ATOM   512  C C   . HIS A 1 76  ? 4.863   -5.830  3.400   1.00 26.19 ? 74  HIS A C   1 
ATOM   513  O O   . HIS A 1 76  ? 4.543   -6.873  3.972   1.00 24.50 ? 74  HIS A O   1 
ATOM   514  C CB  . HIS A 1 76  ? 4.143   -3.699  4.490   1.00 25.74 ? 74  HIS A CB  1 
ATOM   515  C CG  . HIS A 1 76  ? 3.008   -4.419  5.143   1.00 28.47 ? 74  HIS A CG  1 
ATOM   516  N ND1 . HIS A 1 76  ? 1.934   -4.920  4.436   1.00 29.45 ? 74  HIS A ND1 1 
ATOM   517  C CD2 . HIS A 1 76  ? 2.811   -4.769  6.434   1.00 32.30 ? 74  HIS A CD2 1 
ATOM   518  C CE1 . HIS A 1 76  ? 1.112   -5.533  5.268   1.00 34.14 ? 74  HIS A CE1 1 
ATOM   519  N NE2 . HIS A 1 76  ? 1.616   -5.446  6.487   1.00 34.11 ? 74  HIS A NE2 1 
ATOM   520  N N   . ASP A 1 77  ? 4.848   -5.706  2.077   1.00 27.32 ? 75  ASP A N   1 
ATOM   521  C CA  . ASP A 1 77  ? 4.366   -6.798  1.227   1.00 28.96 ? 75  ASP A CA  1 
ATOM   522  C C   . ASP A 1 77  ? 5.458   -7.602  0.538   1.00 29.22 ? 75  ASP A C   1 
ATOM   523  O O   . ASP A 1 77  ? 5.146   -8.424  -0.309  1.00 29.31 ? 75  ASP A O   1 
ATOM   524  C CB  . ASP A 1 77  ? 3.460   -6.248  0.130   1.00 30.82 ? 75  ASP A CB  1 
ATOM   525  C CG  . ASP A 1 77  ? 2.187   -5.636  0.674   1.00 35.64 ? 75  ASP A CG  1 
ATOM   526  O OD1 . ASP A 1 77  ? 1.514   -6.268  1.542   1.00 41.14 ? 75  ASP A OD1 1 
ATOM   527  O OD2 . ASP A 1 77  ? 1.901   -4.498  0.248   1.00 41.38 ? 75  ASP A OD2 1 
ATOM   528  N N   . LEU A 1 78  ? 6.727   -7.353  0.862   1.00 30.24 ? 76  LEU A N   1 
ATOM   529  C CA  . LEU A 1 78  ? 7.836   -8.070  0.214   1.00 30.77 ? 76  LEU A CA  1 
ATOM   530  C C   . LEU A 1 78  ? 7.713   -9.605  0.343   1.00 32.56 ? 76  LEU A C   1 
ATOM   531  O O   . LEU A 1 78  ? 8.054   -10.359 -0.599  1.00 32.05 ? 76  LEU A O   1 
ATOM   532  C CB  . LEU A 1 78  ? 9.171   -7.615  0.780   1.00 30.85 ? 76  LEU A CB  1 
ATOM   533  C CG  . LEU A 1 78  ? 9.613   -6.212  0.374   1.00 30.28 ? 76  LEU A CG  1 
ATOM   534  C CD1 . LEU A 1 78  ? 11.022  -5.964  0.825   1.00 28.79 ? 76  LEU A CD1 1 
ATOM   535  C CD2 . LEU A 1 78  ? 9.486   -5.928  -1.156  1.00 33.62 ? 76  LEU A CD2 1 
ATOM   536  N N   . HIS A 1 79  ? 7.214   -10.077 1.486   1.00 32.97 ? 77  HIS A N   1 
ATOM   537  C CA  . HIS A 1 79  ? 7.003   -11.530 1.691   1.00 34.43 ? 77  HIS A CA  1 
ATOM   538  C C   . HIS A 1 79  ? 6.111   -12.220 0.631   1.00 35.53 ? 77  HIS A C   1 
ATOM   539  O O   . HIS A 1 79  ? 6.253   -13.425 0.369   1.00 35.97 ? 77  HIS A O   1 
ATOM   540  C CB  . HIS A 1 79  ? 6.477   -11.782 3.115   1.00 35.25 ? 77  HIS A CB  1 
ATOM   541  C CG  . HIS A 1 79  ? 5.122   -11.208 3.348   1.00 35.13 ? 77  HIS A CG  1 
ATOM   542  N ND1 . HIS A 1 79  ? 4.931   -9.918  3.784   1.00 38.20 ? 77  HIS A ND1 1 
ATOM   543  C CD2 . HIS A 1 79  ? 3.886   -11.712 3.100   1.00 37.04 ? 77  HIS A CD2 1 
ATOM   544  C CE1 . HIS A 1 79  ? 3.634   -9.661  3.838   1.00 37.30 ? 77  HIS A CE1 1 
ATOM   545  N NE2 . HIS A 1 79  ? 2.979   -10.735 3.434   1.00 39.14 ? 77  HIS A NE2 1 
ATOM   546  N N   . GLU A 1 80  ? 5.219   -11.471 0.004   1.00 35.61 ? 78  GLU A N   1 
ATOM   547  C CA  . GLU A 1 80  ? 4.347   -12.035 -1.028  1.00 38.40 ? 78  GLU A CA  1 
ATOM   548  C C   . GLU A 1 80  ? 5.069   -12.501 -2.310  1.00 39.10 ? 78  GLU A C   1 
ATOM   549  O O   . GLU A 1 80  ? 4.423   -13.045 -3.214  1.00 39.45 ? 78  GLU A O   1 
ATOM   550  C CB  . GLU A 1 80  ? 3.204   -11.065 -1.372  1.00 37.74 ? 78  GLU A CB  1 
ATOM   551  C CG  . GLU A 1 80  ? 2.231   -10.885 -0.226  1.00 39.10 ? 78  GLU A CG  1 
ATOM   552  C CD  . GLU A 1 80  ? 1.098   -9.926  -0.552  1.00 41.35 ? 78  GLU A CD  1 
ATOM   553  O OE1 . GLU A 1 80  ? 0.932   -9.545  -1.731  1.00 44.99 ? 78  GLU A OE1 1 
ATOM   554  O OE2 . GLU A 1 80  ? 0.360   -9.547  0.391   1.00 45.64 ? 78  GLU A OE2 1 
ATOM   555  N N   . ALA A 1 81  ? 6.382   -12.268 -2.400  1.00 39.13 ? 79  ALA A N   1 
ATOM   556  C CA  . ALA A 1 81  ? 7.200   -12.838 -3.485  1.00 40.72 ? 79  ALA A CA  1 
ATOM   557  C C   . ALA A 1 81  ? 7.373   -14.343 -3.277  1.00 41.81 ? 79  ALA A C   1 
ATOM   558  O O   . ALA A 1 81  ? 7.535   -15.102 -4.240  1.00 42.66 ? 79  ALA A O   1 
ATOM   559  C CB  . ALA A 1 81  ? 8.582   -12.164 -3.559  1.00 40.28 ? 79  ALA A CB  1 
ATOM   560  N N   . ARG A 1 82  ? 7.404   -14.744 -2.011  1.00 41.73 ? 80  ARG A N   1 
ATOM   561  C CA  . ARG A 1 82  ? 7.391   -16.134 -1.637  1.00 42.83 ? 80  ARG A CA  1 
ATOM   562  C C   . ARG A 1 82  ? 5.968   -16.504 -1.203  1.00 42.98 ? 80  ARG A C   1 
ATOM   563  O O   . ARG A 1 82  ? 5.513   -17.610 -1.483  1.00 44.01 ? 80  ARG A O   1 
ATOM   564  C CB  . ARG A 1 82  ? 8.395   -16.388 -0.504  1.00 42.54 ? 80  ARG A CB  1 
ATOM   565  C CG  . ARG A 1 82  ? 9.827   -16.104 -0.899  1.00 42.02 ? 80  ARG A CG  1 
ATOM   566  C CD  . ARG A 1 82  ? 10.719  -15.883 0.301   1.00 41.84 ? 80  ARG A CD  1 
ATOM   567  N NE  . ARG A 1 82  ? 12.057  -15.532 -0.150  1.00 39.77 ? 80  ARG A NE  1 
ATOM   568  C CZ  . ARG A 1 82  ? 13.207  -15.943 0.391   1.00 41.09 ? 80  ARG A CZ  1 
ATOM   569  N NH1 . ARG A 1 82  ? 13.237  -16.752 1.444   1.00 43.14 ? 80  ARG A NH1 1 
ATOM   570  N NH2 . ARG A 1 82  ? 14.351  -15.546 -0.154  1.00 40.02 ? 80  ARG A NH2 1 
ATOM   571  N N   . GLU A 1 103 ? 11.018  -13.013 8.340   1.00 72.16 ? 101 GLU A N   1 
ATOM   572  C CA  . GLU A 1 103 ? 12.465  -12.790 8.280   1.00 72.03 ? 101 GLU A CA  1 
ATOM   573  C C   . GLU A 1 103 ? 12.983  -13.351 6.961   1.00 71.13 ? 101 GLU A C   1 
ATOM   574  O O   . GLU A 1 103 ? 12.461  -12.968 5.903   1.00 70.84 ? 101 GLU A O   1 
ATOM   575  C CB  . GLU A 1 103 ? 13.177  -13.442 9.467   1.00 72.51 ? 101 GLU A CB  1 
ATOM   576  C CG  . GLU A 1 103 ? 12.830  -12.826 10.810  1.00 74.72 ? 101 GLU A CG  1 
ATOM   577  C CD  . GLU A 1 103 ? 12.563  -13.882 11.868  1.00 77.58 ? 101 GLU A CD  1 
ATOM   578  O OE1 . GLU A 1 103 ? 13.200  -14.958 11.798  1.00 79.27 ? 101 GLU A OE1 1 
ATOM   579  O OE2 . GLU A 1 103 ? 11.713  -13.639 12.759  1.00 78.26 ? 101 GLU A OE2 1 
ATOM   580  N N   . GLU A 1 104 ? 14.070  -14.125 7.024   1.00 69.52 ? 102 GLU A N   1 
ATOM   581  C CA  . GLU A 1 104 ? 14.476  -15.061 5.975   1.00 68.30 ? 102 GLU A CA  1 
ATOM   582  C C   . GLU A 1 104 ? 14.879  -14.450 4.626   1.00 66.66 ? 102 GLU A C   1 
ATOM   583  O O   . GLU A 1 104 ? 16.002  -14.597 4.166   1.00 66.26 ? 102 GLU A O   1 
ATOM   584  C CB  . GLU A 1 104 ? 13.399  -16.114 5.759   1.00 68.65 ? 102 GLU A CB  1 
ATOM   585  C CG  . GLU A 1 104 ? 13.821  -17.243 4.849   1.00 70.68 ? 102 GLU A CG  1 
ATOM   586  C CD  . GLU A 1 104 ? 13.119  -18.540 5.178   1.00 73.27 ? 102 GLU A CD  1 
ATOM   587  O OE1 . GLU A 1 104 ? 13.007  -19.406 4.281   1.00 73.16 ? 102 GLU A OE1 1 
ATOM   588  O OE2 . GLU A 1 104 ? 12.676  -18.686 6.335   1.00 73.05 ? 102 GLU A OE2 1 
ATOM   589  N N   . GLN A 1 105 ? 13.913  -13.809 3.995   1.00 64.60 ? 103 GLN A N   1 
ATOM   590  C CA  . GLN A 1 105 ? 14.090  -12.914 2.858   1.00 62.55 ? 103 GLN A CA  1 
ATOM   591  C C   . GLN A 1 105 ? 15.020  -11.763 3.255   1.00 62.19 ? 103 GLN A C   1 
ATOM   592  O O   . GLN A 1 105 ? 15.791  -11.263 2.432   1.00 61.73 ? 103 GLN A O   1 
ATOM   593  C CB  . GLN A 1 105 ? 12.707  -12.382 2.498   1.00 61.96 ? 103 GLN A CB  1 
ATOM   594  C CG  . GLN A 1 105 ? 12.527  -11.713 1.188   1.00 58.91 ? 103 GLN A CG  1 
ATOM   595  C CD  . GLN A 1 105 ? 11.069  -11.311 0.983   1.00 56.23 ? 103 GLN A CD  1 
ATOM   596  O OE1 . GLN A 1 105 ? 10.432  -10.762 1.889   1.00 53.47 ? 103 GLN A OE1 1 
ATOM   597  N NE2 . GLN A 1 105 ? 10.531  -11.587 -0.207  1.00 51.86 ? 103 GLN A NE2 1 
ATOM   598  N N   . LEU A 1 106 ? 14.959  -11.372 4.531   1.00 61.35 ? 104 LEU A N   1 
ATOM   599  C CA  . LEU A 1 106 ? 15.752  -10.252 5.049   1.00 60.66 ? 104 LEU A CA  1 
ATOM   600  C C   . LEU A 1 106 ? 17.040  -10.645 5.784   1.00 60.59 ? 104 LEU A C   1 
ATOM   601  O O   . LEU A 1 106 ? 17.722  -9.778  6.342   1.00 60.59 ? 104 LEU A O   1 
ATOM   602  C CB  . LEU A 1 106 ? 14.881  -9.325  5.914   1.00 60.07 ? 104 LEU A CB  1 
ATOM   603  C CG  . LEU A 1 106 ? 13.668  -8.700  5.212   1.00 59.74 ? 104 LEU A CG  1 
ATOM   604  C CD1 . LEU A 1 106 ? 12.878  -7.829  6.172   1.00 59.84 ? 104 LEU A CD1 1 
ATOM   605  C CD2 . LEU A 1 106 ? 14.071  -7.897  3.987   1.00 58.93 ? 104 LEU A CD2 1 
ATOM   606  N N   . SER A 1 107 ? 17.388  -11.934 5.746   1.00 60.72 ? 105 SER A N   1 
ATOM   607  C CA  . SER A 1 107 ? 18.632  -12.450 6.379   1.00 60.74 ? 105 SER A CA  1 
ATOM   608  C C   . SER A 1 107 ? 19.923  -11.640 6.109   1.00 60.25 ? 105 SER A C   1 
ATOM   609  O O   . SER A 1 107 ? 20.805  -11.579 6.969   1.00 61.00 ? 105 SER A O   1 
ATOM   610  C CB  . SER A 1 107 ? 18.857  -13.937 6.058   1.00 60.63 ? 105 SER A CB  1 
ATOM   611  O OG  . SER A 1 107 ? 19.030  -14.159 4.662   1.00 62.13 ? 105 SER A OG  1 
ATOM   612  N N   . TRP A 1 108 ? 20.006  -11.014 4.932   1.00 59.04 ? 106 TRP A N   1 
ATOM   613  C CA  . TRP A 1 108 ? 21.161  -10.225 4.503   1.00 57.23 ? 106 TRP A CA  1 
ATOM   614  C C   . TRP A 1 108 ? 21.348  -8.916  5.292   1.00 57.69 ? 106 TRP A C   1 
ATOM   615  O O   . TRP A 1 108 ? 22.353  -8.218  5.096   1.00 57.95 ? 106 TRP A O   1 
ATOM   616  C CB  . TRP A 1 108 ? 21.040  -9.908  2.993   1.00 56.02 ? 106 TRP A CB  1 
ATOM   617  C CG  . TRP A 1 108 ? 19.814  -9.100  2.652   1.00 53.48 ? 106 TRP A CG  1 
ATOM   618  C CD1 . TRP A 1 108 ? 18.587  -9.589  2.291   1.00 52.14 ? 106 TRP A CD1 1 
ATOM   619  C CD2 . TRP A 1 108 ? 19.679  -7.665  2.694   1.00 51.45 ? 106 TRP A CD2 1 
ATOM   620  N NE1 . TRP A 1 108 ? 17.703  -8.540  2.089   1.00 49.97 ? 106 TRP A NE1 1 
ATOM   621  C CE2 . TRP A 1 108 ? 18.346  -7.356  2.331   1.00 50.11 ? 106 TRP A CE2 1 
ATOM   622  C CE3 . TRP A 1 108 ? 20.557  -6.610  2.998   1.00 51.79 ? 106 TRP A CE3 1 
ATOM   623  C CZ2 . TRP A 1 108 ? 17.866  -6.044  2.278   1.00 51.44 ? 106 TRP A CZ2 1 
ATOM   624  C CZ3 . TRP A 1 108 ? 20.078  -5.298  2.934   1.00 51.79 ? 106 TRP A CZ3 1 
ATOM   625  C CH2 . TRP A 1 108 ? 18.748  -5.030  2.579   1.00 52.58 ? 106 TRP A CH2 1 
ATOM   626  N N   . MET A 1 109 ? 20.350  -8.560  6.087   1.00 57.80 ? 107 MET A N   1 
ATOM   627  C CA  . MET A 1 109 ? 20.531  -7.641  7.196   1.00 57.36 ? 107 MET A CA  1 
ATOM   628  C C   . MET A 1 109 ? 20.722  -8.447  8.475   1.00 59.14 ? 107 MET A C   1 
ATOM   629  O O   . MET A 1 109 ? 20.009  -9.414  8.716   1.00 59.57 ? 107 MET A O   1 
ATOM   630  C CB  . MET A 1 109 ? 19.320  -6.709  7.307   1.00 57.67 ? 107 MET A CB  1 
ATOM   631  C CG  . MET A 1 109 ? 19.398  -5.465  6.405   1.00 55.87 ? 107 MET A CG  1 
ATOM   632  S SD  . MET A 1 109 ? 18.130  -4.210  6.668   1.00 52.26 ? 107 MET A SD  1 
ATOM   633  C CE  . MET A 1 109 ? 16.694  -5.175  6.329   1.00 43.63 ? 107 MET A CE  1 
ATOM   634  N N   . GLU A 1 110 ? 21.694  -8.062  9.289   1.00 60.26 ? 108 GLU A N   1 
ATOM   635  C CA  . GLU A 1 110 ? 21.887  -8.690  10.595  1.00 61.75 ? 108 GLU A CA  1 
ATOM   636  C C   . GLU A 1 110 ? 20.829  -8.137  11.538  1.00 61.15 ? 108 GLU A C   1 
ATOM   637  O O   . GLU A 1 110 ? 20.391  -8.785  12.476  1.00 61.24 ? 108 GLU A O   1 
ATOM   638  C CB  . GLU A 1 110 ? 23.281  -8.360  11.113  1.00 61.91 ? 108 GLU A CB  1 
ATOM   639  C CG  . GLU A 1 110 ? 23.667  -9.057  12.403  1.00 65.53 ? 108 GLU A CG  1 
ATOM   640  C CD  . GLU A 1 110 ? 24.926  -8.478  13.015  1.00 69.97 ? 108 GLU A CD  1 
ATOM   641  O OE1 . GLU A 1 110 ? 24.890  -8.061  14.192  1.00 72.25 ? 108 GLU A OE1 1 
ATOM   642  O OE2 . GLU A 1 110 ? 25.954  -8.434  12.316  1.00 71.18 ? 108 GLU A OE2 1 
ATOM   643  N N   . SER A 1 111 ? 20.407  -6.915  11.216  1.00 60.77 ? 109 SER A N   1 
ATOM   644  C CA  . SER A 1 111 ? 19.524  -6.109  12.045  1.00 59.96 ? 109 SER A CA  1 
ATOM   645  C C   . SER A 1 111 ? 18.751  -5.141  11.148  1.00 58.56 ? 109 SER A C   1 
ATOM   646  O O   . SER A 1 111 ? 19.264  -4.086  10.787  1.00 59.20 ? 109 SER A O   1 
ATOM   647  C CB  . SER A 1 111 ? 20.336  -5.310  13.067  1.00 60.05 ? 109 SER A CB  1 
ATOM   648  O OG  . SER A 1 111 ? 20.687  -6.095  14.189  1.00 61.99 ? 109 SER A OG  1 
ATOM   649  N N   . LYS A 1 112 ? 17.526  -5.505  10.785  1.00 56.14 ? 110 LYS A N   1 
ATOM   650  C CA  . LYS A 1 112 ? 16.425  -5.537  11.726  1.00 53.39 ? 110 LYS A CA  1 
ATOM   651  C C   . LYS A 1 112 ? 15.799  -4.163  11.992  1.00 50.13 ? 110 LYS A C   1 
ATOM   652  O O   . LYS A 1 112 ? 15.594  -3.801  13.136  1.00 50.34 ? 110 LYS A O   1 
ATOM   653  C CB  . LYS A 1 112 ? 16.905  -6.140  13.041  1.00 54.26 ? 110 LYS A CB  1 
ATOM   654  C CG  . LYS A 1 112 ? 15.974  -7.155  13.668  1.00 55.77 ? 110 LYS A CG  1 
ATOM   655  C CD  . LYS A 1 112 ? 16.530  -7.668  14.984  1.00 54.63 ? 110 LYS A CD  1 
ATOM   656  C CE  . LYS A 1 112 ? 15.728  -8.859  15.476  1.00 57.35 ? 110 LYS A CE  1 
ATOM   657  N NZ  . LYS A 1 112 ? 16.472  -9.697  16.452  1.00 59.31 ? 110 LYS A NZ  1 
ATOM   658  N N   . PRO A 1 113 ? 15.497  -3.400  10.950  1.00 46.53 ? 111 PRO A N   1 
ATOM   659  C CA  . PRO A 1 113 ? 15.046  -2.023  11.148  1.00 43.28 ? 111 PRO A CA  1 
ATOM   660  C C   . PRO A 1 113 ? 13.777  -1.938  11.987  1.00 39.71 ? 111 PRO A C   1 
ATOM   661  O O   . PRO A 1 113 ? 12.903  -2.783  11.882  1.00 38.76 ? 111 PRO A O   1 
ATOM   662  C CB  . PRO A 1 113 ? 14.785  -1.534  9.730   1.00 42.73 ? 111 PRO A CB  1 
ATOM   663  C CG  . PRO A 1 113 ? 14.466  -2.717  8.984   1.00 45.33 ? 111 PRO A CG  1 
ATOM   664  C CD  . PRO A 1 113 ? 15.196  -3.869  9.594   1.00 46.86 ? 111 PRO A CD  1 
ATOM   665  N N   . ASP A 1 114 ? 13.702  -0.909  12.819  1.00 36.55 ? 112 ASP A N   1 
ATOM   666  C CA  . ASP A 1 114 ? 12.615  -0.765  13.785  1.00 33.23 ? 112 ASP A CA  1 
ATOM   667  C C   . ASP A 1 114 ? 11.503  0.080   13.181  1.00 30.80 ? 112 ASP A C   1 
ATOM   668  O O   . ASP A 1 114 ? 11.608  1.326   13.169  1.00 30.90 ? 112 ASP A O   1 
ATOM   669  C CB  . ASP A 1 114 ? 13.134  -0.098  15.066  1.00 32.54 ? 112 ASP A CB  1 
ATOM   670  C CG  . ASP A 1 114 ? 12.015  0.178   16.080  1.00 34.90 ? 112 ASP A CG  1 
ATOM   671  O OD1 . ASP A 1 114 ? 10.946  -0.479  15.951  1.00 34.88 ? 112 ASP A OD1 1 
ATOM   672  O OD2 . ASP A 1 114 ? 12.186  1.079   16.958  1.00 36.77 ? 112 ASP A OD2 1 
ATOM   673  N N   . PHE A 1 115 ? 10.467  -0.587  12.679  1.00 28.28 ? 113 PHE A N   1 
ATOM   674  C CA  . PHE A 1 115 ? 9.273   0.070   12.148  1.00 26.06 ? 113 PHE A CA  1 
ATOM   675  C C   . PHE A 1 115 ? 8.048   0.056   13.062  1.00 25.12 ? 113 PHE A C   1 
ATOM   676  O O   . PHE A 1 115 ? 6.949   0.439   12.629  1.00 22.14 ? 113 PHE A O   1 
ATOM   677  C CB  . PHE A 1 115 ? 8.827   -0.556  10.817  1.00 26.29 ? 113 PHE A CB  1 
ATOM   678  C CG  . PHE A 1 115 ? 9.822   -0.406  9.701   1.00 27.51 ? 113 PHE A CG  1 
ATOM   679  C CD1 . PHE A 1 115 ? 10.462  0.814   9.476   1.00 29.53 ? 113 PHE A CD1 1 
ATOM   680  C CD2 . PHE A 1 115 ? 10.089  -1.484  8.860   1.00 28.13 ? 113 PHE A CD2 1 
ATOM   681  C CE1 . PHE A 1 115 ? 11.387  0.972   8.435   1.00 30.84 ? 113 PHE A CE1 1 
ATOM   682  C CE2 . PHE A 1 115 ? 10.996  -1.335  7.798   1.00 33.16 ? 113 PHE A CE2 1 
ATOM   683  C CZ  . PHE A 1 115 ? 11.653  -0.114  7.602   1.00 29.30 ? 113 PHE A CZ  1 
ATOM   684  N N   . SER A 1 116 ? 8.203   -0.392  14.308  1.00 24.19 ? 114 SER A N   1 
ATOM   685  C CA  . SER A 1 116 ? 7.018   -0.641  15.145  1.00 23.82 ? 114 SER A CA  1 
ATOM   686  C C   . SER A 1 116 ? 6.184   0.610   15.326  1.00 23.38 ? 114 SER A C   1 
ATOM   687  O O   . SER A 1 116 ? 4.946   0.561   15.366  1.00 23.28 ? 114 SER A O   1 
ATOM   688  C CB  . SER A 1 116 ? 7.426   -1.175  16.516  1.00 24.94 ? 114 SER A CB  1 
ATOM   689  O OG  . SER A 1 116 ? 8.339   -0.264  17.124  1.00 29.00 ? 114 SER A OG  1 
ATOM   690  N N   . ASP A 1 117 ? 6.846   1.747   15.431  1.00 21.64 ? 115 ASP A N   1 
ATOM   691  C CA  . ASP A 1 117 ? 6.123   2.966   15.711  1.00 24.29 ? 115 ASP A CA  1 
ATOM   692  C C   . ASP A 1 117 ? 5.497   3.662   14.506  1.00 23.34 ? 115 ASP A C   1 
ATOM   693  O O   . ASP A 1 117 ? 4.939   4.737   14.699  1.00 24.51 ? 115 ASP A O   1 
ATOM   694  C CB  . ASP A 1 117 ? 7.014   3.947   16.474  1.00 25.32 ? 115 ASP A CB  1 
ATOM   695  C CG  . ASP A 1 117 ? 8.215   4.431   15.648  1.00 30.69 ? 115 ASP A CG  1 
ATOM   696  O OD1 . ASP A 1 117 ? 8.610   3.829   14.625  1.00 38.11 ? 115 ASP A OD1 1 
ATOM   697  O OD2 . ASP A 1 117 ? 8.832   5.397   16.089  1.00 40.31 ? 115 ASP A OD2 1 
ATOM   698  N N   . VAL A 1 118 ? 5.600   3.082   13.297  1.00 22.85 ? 116 VAL A N   1 
ATOM   699  C CA  . VAL A 1 118 ? 4.891   3.592   12.087  1.00 22.72 ? 116 VAL A CA  1 
ATOM   700  C C   . VAL A 1 118 ? 3.946   2.548   11.491  1.00 21.95 ? 116 VAL A C   1 
ATOM   701  O O   . VAL A 1 118 ? 3.306   2.786   10.478  1.00 21.75 ? 116 VAL A O   1 
ATOM   702  C CB  . VAL A 1 118 ? 5.875   4.102   10.996  1.00 22.11 ? 116 VAL A CB  1 
ATOM   703  C CG1 . VAL A 1 118 ? 6.693   5.356   11.484  1.00 24.08 ? 116 VAL A CG1 1 
ATOM   704  C CG2 . VAL A 1 118 ? 6.815   2.994   10.538  1.00 23.70 ? 116 VAL A CG2 1 
ATOM   705  N N   . GLU A 1 119 ? 3.865   1.376   12.114  1.00 21.73 ? 117 GLU A N   1 
ATOM   706  C CA  . GLU A 1 119 ? 2.978   0.283   11.623  1.00 22.67 ? 117 GLU A CA  1 
ATOM   707  C C   . GLU A 1 119 ? 1.511   0.707   11.547  1.00 21.80 ? 117 GLU A C   1 
ATOM   708  O O   . GLU A 1 119 ? 0.787   0.257   10.675  1.00 20.46 ? 117 GLU A O   1 
ATOM   709  C CB  . GLU A 1 119 ? 3.087   -0.995  12.501  1.00 24.54 ? 117 GLU A CB  1 
ATOM   710  C CG  . GLU A 1 119 ? 4.427   -1.751  12.364  1.00 29.62 ? 117 GLU A CG  1 
ATOM   711  C CD  . GLU A 1 119 ? 4.837   -2.155  10.902  1.00 39.02 ? 117 GLU A CD  1 
ATOM   712  O OE1 . GLU A 1 119 ? 4.021   -2.147  9.930   1.00 38.29 ? 117 GLU A OE1 1 
ATOM   713  O OE2 . GLU A 1 119 ? 6.037   -2.511  10.742  1.00 45.70 ? 117 GLU A OE2 1 
ATOM   714  N N   . VAL A 1 120 ? 1.068   1.573   12.465  1.00 20.72 ? 118 VAL A N   1 
ATOM   715  C CA  . VAL A 1 120 ? -0.280  2.124   12.346  1.00 21.96 ? 118 VAL A CA  1 
ATOM   716  C C   . VAL A 1 120 ? -0.501  2.841   10.993  1.00 21.14 ? 118 VAL A C   1 
ATOM   717  O O   . VAL A 1 120 ? -1.484  2.596   10.319  1.00 21.24 ? 118 VAL A O   1 
ATOM   718  C CB  . VAL A 1 120 ? -0.656  3.061   13.523  1.00 22.58 ? 118 VAL A CB  1 
ATOM   719  C CG1 . VAL A 1 120 ? 0.197   4.382   13.481  1.00 25.54 ? 118 VAL A CG1 1 
ATOM   720  C CG2 . VAL A 1 120 ? -2.113  3.358   13.462  1.00 22.88 ? 118 VAL A CG2 1 
ATOM   721  N N   . TYR A 1 121 ? 0.434   3.701   10.583  1.00 20.60 ? 119 TYR A N   1 
ATOM   722  C CA  . TYR A 1 121 ? 0.315   4.362   9.293   1.00 20.90 ? 119 TYR A CA  1 
ATOM   723  C C   . TYR A 1 121 ? 0.324   3.379   8.133   1.00 19.22 ? 119 TYR A C   1 
ATOM   724  O O   . TYR A 1 121 ? -0.360  3.598   7.172   1.00 19.09 ? 119 TYR A O   1 
ATOM   725  C CB  . TYR A 1 121 ? 1.431   5.413   9.096   1.00 19.71 ? 119 TYR A CB  1 
ATOM   726  C CG  . TYR A 1 121 ? 1.486   6.390   10.272  1.00 21.39 ? 119 TYR A CG  1 
ATOM   727  C CD1 . TYR A 1 121 ? 0.361   7.108   10.644  1.00 22.01 ? 119 TYR A CD1 1 
ATOM   728  C CD2 . TYR A 1 121 ? 2.664   6.528   11.057  1.00 20.78 ? 119 TYR A CD2 1 
ATOM   729  C CE1 . TYR A 1 121 ? 0.392   7.979   11.755  1.00 23.07 ? 119 TYR A CE1 1 
ATOM   730  C CE2 . TYR A 1 121 ? 2.728   7.408   12.141  1.00 23.12 ? 119 TYR A CE2 1 
ATOM   731  C CZ  . TYR A 1 121 ? 1.561   8.108   12.499  1.00 21.57 ? 119 TYR A CZ  1 
ATOM   732  O OH  . TYR A 1 121 ? 1.603   9.006   13.545  1.00 24.22 ? 119 TYR A OH  1 
ATOM   733  N N   . VAL A 1 122 ? 1.123   2.326   8.233   1.00 20.18 ? 120 VAL A N   1 
ATOM   734  C CA  . VAL A 1 122 ? 1.249   1.324   7.147   1.00 21.08 ? 120 VAL A CA  1 
ATOM   735  C C   . VAL A 1 122 ? -0.083  0.570   6.995   1.00 21.98 ? 120 VAL A C   1 
ATOM   736  O O   . VAL A 1 122 ? -0.595  0.355   5.874   1.00 21.15 ? 120 VAL A O   1 
ATOM   737  C CB  . VAL A 1 122 ? 2.353   0.285   7.461   1.00 20.93 ? 120 VAL A CB  1 
ATOM   738  C CG1 . VAL A 1 122 ? 2.436   -0.803  6.349   1.00 19.89 ? 120 VAL A CG1 1 
ATOM   739  C CG2 . VAL A 1 122 ? 3.738   0.965   7.613   1.00 20.05 ? 120 VAL A CG2 1 
ATOM   740  N N   . SER A 1 123 ? -0.591  0.097   8.135   1.00 20.96 ? 121 SER A N   1 
ATOM   741  C CA  . SER A 1 123 ? -1.869  -0.573  8.160   1.00 23.55 ? 121 SER A CA  1 
ATOM   742  C C   . SER A 1 123 ? -3.007  0.253   7.512   1.00 22.29 ? 121 SER A C   1 
ATOM   743  O O   . SER A 1 123 ? -3.800  -0.239  6.671   1.00 23.04 ? 121 SER A O   1 
ATOM   744  C CB  . SER A 1 123 ? -2.242  -0.869  9.600   1.00 24.70 ? 121 SER A CB  1 
ATOM   745  O OG  . SER A 1 123 ? -3.583  -1.309  9.592   1.00 33.50 ? 121 SER A OG  1 
ATOM   746  N N   . ASP A 1 124 ? -3.136  1.498   7.943   1.00 21.22 ? 122 ASP A N   1 
ATOM   747  C CA  . ASP A 1 124 ? -4.137  2.394   7.362   1.00 20.62 ? 122 ASP A CA  1 
ATOM   748  C C   . ASP A 1 124 ? -3.864  2.733   5.874   1.00 20.28 ? 122 ASP A C   1 
ATOM   749  O O   . ASP A 1 124 ? -4.801  2.877   5.071   1.00 18.37 ? 122 ASP A O   1 
ATOM   750  C CB  . ASP A 1 124 ? -4.178  3.705   8.150   1.00 22.16 ? 122 ASP A CB  1 
ATOM   751  C CG  . ASP A 1 124 ? -5.184  3.686   9.354   1.00 23.32 ? 122 ASP A CG  1 
ATOM   752  O OD1 . ASP A 1 124 ? -5.854  2.669   9.673   1.00 21.53 ? 122 ASP A OD1 1 
ATOM   753  O OD2 . ASP A 1 124 ? -5.261  4.745   9.987   1.00 24.28 ? 122 ASP A OD2 1 
ATOM   754  N N   . ALA A 1 125 ? -2.587  2.928   5.536   1.00 19.35 ? 123 ALA A N   1 
ATOM   755  C CA  . ALA A 1 125 ? -2.243  3.314   4.161   1.00 19.99 ? 123 ALA A CA  1 
ATOM   756  C C   . ALA A 1 125 ? -2.550  2.163   3.189   1.00 20.20 ? 123 ALA A C   1 
ATOM   757  O O   . ALA A 1 125 ? -3.002  2.403   2.070   1.00 21.36 ? 123 ALA A O   1 
ATOM   758  C CB  . ALA A 1 125 ? -0.765  3.634   4.071   1.00 18.12 ? 123 ALA A CB  1 
ATOM   759  N N   . ASP A 1 126 ? -2.242  0.933   3.597   1.00 20.60 ? 124 ASP A N   1 
ATOM   760  C CA  . ASP A 1 126 ? -2.613  -0.265  2.813   1.00 20.70 ? 124 ASP A CA  1 
ATOM   761  C C   . ASP A 1 126 ? -4.127  -0.371  2.518   1.00 20.32 ? 124 ASP A C   1 
ATOM   762  O O   . ASP A 1 126 ? -4.534  -0.637  1.371   1.00 18.52 ? 124 ASP A O   1 
ATOM   763  C CB  . ASP A 1 126 ? -2.107  -1.539  3.494   1.00 21.70 ? 124 ASP A CB  1 
ATOM   764  C CG  . ASP A 1 126 ? -0.587  -1.735  3.328   1.00 22.82 ? 124 ASP A CG  1 
ATOM   765  O OD1 . ASP A 1 126 ? 0.017   -1.261  2.323   1.00 24.38 ? 124 ASP A OD1 1 
ATOM   766  O OD2 . ASP A 1 126 ? 0.002   -2.404  4.189   1.00 24.13 ? 124 ASP A OD2 1 
ATOM   767  N N   . LYS A 1 127 ? -4.956  -0.112  3.524   1.00 19.96 ? 125 LYS A N   1 
ATOM   768  C CA  . LYS A 1 127 ? -6.413  -0.098  3.352   1.00 21.12 ? 125 LYS A CA  1 
ATOM   769  C C   . LYS A 1 127 ? -6.943  1.034   2.458   1.00 20.84 ? 125 LYS A C   1 
ATOM   770  O O   . LYS A 1 127 ? -7.838  0.828   1.605   1.00 20.42 ? 125 LYS A O   1 
ATOM   771  C CB  . LYS A 1 127 ? -7.103  -0.072  4.723   1.00 20.67 ? 125 LYS A CB  1 
ATOM   772  C CG  . LYS A 1 127 ? -6.964  -1.386  5.439   1.00 23.01 ? 125 LYS A CG  1 
ATOM   773  C CD  . LYS A 1 127 ? -7.368  -1.150  6.882   1.00 24.34 ? 125 LYS A CD  1 
ATOM   774  C CE  . LYS A 1 127 ? -7.213  -2.379  7.708   1.00 31.28 ? 125 LYS A CE  1 
ATOM   775  N NZ  . LYS A 1 127 ? -8.299  -2.387  8.769   1.00 35.33 ? 125 LYS A NZ  1 
ATOM   776  N N   . LEU A 1 128 ? -6.383  2.225   2.656   1.00 20.09 ? 126 LEU A N   1 
ATOM   777  C CA  . LEU A 1 128 ? -6.756  3.389   1.882   1.00 19.71 ? 126 LEU A CA  1 
ATOM   778  C C   . LEU A 1 128 ? -6.324  3.173   0.420   1.00 19.89 ? 126 LEU A C   1 
ATOM   779  O O   . LEU A 1 128 ? -7.038  3.617   -0.473  1.00 19.56 ? 126 LEU A O   1 
ATOM   780  C CB  . LEU A 1 128 ? -6.069  4.666   2.412   1.00 19.73 ? 126 LEU A CB  1 
ATOM   781  C CG  . LEU A 1 128 ? -6.848  5.612   3.341   1.00 24.40 ? 126 LEU A CG  1 
ATOM   782  C CD1 . LEU A 1 128 ? -6.006  6.919   3.597   1.00 21.39 ? 126 LEU A CD1 1 
ATOM   783  C CD2 . LEU A 1 128 ? -8.237  5.944   2.714   1.00 25.60 ? 126 LEU A CD2 1 
ATOM   784  N N   . GLU A 1 129 ? -5.122  2.594   0.189   1.00 18.92 ? 127 GLU A N   1 
ATOM   785  C CA  . GLU A 1 129 ? -4.668  2.327   -1.185  1.00 18.42 ? 127 GLU A CA  1 
ATOM   786  C C   . GLU A 1 129 ? -5.720  1.441   -1.894  1.00 18.54 ? 127 GLU A C   1 
ATOM   787  O O   . GLU A 1 129 ? -6.176  1.762   -2.990  1.00 18.60 ? 127 GLU A O   1 
ATOM   788  C CB  . GLU A 1 129 ? -3.242  1.696   -1.227  1.00 17.01 ? 127 GLU A CB  1 
ATOM   789  C CG  . GLU A 1 129 ? -2.456  2.034   -2.501  1.00 19.00 ? 127 GLU A CG  1 
ATOM   790  C CD  . GLU A 1 129 ? -2.996  1.267   -3.705  1.00 20.52 ? 127 GLU A CD  1 
ATOM   791  O OE1 . GLU A 1 129 ? -3.332  0.056   -3.517  1.00 22.37 ? 127 GLU A OE1 1 
ATOM   792  O OE2 . GLU A 1 129 ? -3.073  1.862   -4.825  1.00 23.64 ? 127 GLU A OE2 1 
ATOM   793  N N   . LEU A 1 130 ? -6.069  0.339   -1.249  1.00 18.76 ? 128 LEU A N   1 
ATOM   794  C CA  . LEU A 1 130 ? -7.198  -0.500  -1.656  1.00 21.26 ? 128 LEU A CA  1 
ATOM   795  C C   . LEU A 1 130 ? -8.473  0.260   -2.003  1.00 20.46 ? 128 LEU A C   1 
ATOM   796  O O   . LEU A 1 130 ? -9.094  0.001   -3.027  1.00 20.63 ? 128 LEU A O   1 
ATOM   797  C CB  . LEU A 1 130 ? -7.522  -1.537  -0.557  1.00 20.27 ? 128 LEU A CB  1 
ATOM   798  C CG  . LEU A 1 130 ? -8.586  -2.610  -0.920  1.00 21.29 ? 128 LEU A CG  1 
ATOM   799  C CD1 . LEU A 1 130 ? -8.282  -3.329  -2.260  1.00 23.25 ? 128 LEU A CD1 1 
ATOM   800  C CD2 . LEU A 1 130 ? -8.699  -3.658  0.234   1.00 24.32 ? 128 LEU A CD2 1 
ATOM   801  N N   . ALA A 1 131 ? -8.902  1.151   -1.120  1.00 19.31 ? 129 ALA A N   1 
ATOM   802  C CA  . ALA A 1 131 ? -10.096 1.919   -1.371  1.00 18.86 ? 129 ALA A CA  1 
ATOM   803  C C   . ALA A 1 131 ? -9.958  2.868   -2.569  1.00 19.02 ? 129 ALA A C   1 
ATOM   804  O O   . ALA A 1 131 ? -10.871 2.946   -3.398  1.00 19.85 ? 129 ALA A O   1 
ATOM   805  C CB  . ALA A 1 131 ? -10.560 2.660   -0.086  1.00 17.51 ? 129 ALA A CB  1 
ATOM   806  N N   . PHE A 1 132 ? -8.813  3.532   -2.719  1.00 17.46 ? 130 PHE A N   1 
ATOM   807  C CA  . PHE A 1 132 ? -8.536  4.326   -3.910  1.00 18.52 ? 130 PHE A CA  1 
ATOM   808  C C   . PHE A 1 132 ? -8.679  3.535   -5.207  1.00 19.11 ? 130 PHE A C   1 
ATOM   809  O O   . PHE A 1 132 ? -9.384  3.954   -6.128  1.00 19.63 ? 130 PHE A O   1 
ATOM   810  C CB  . PHE A 1 132 ? -7.173  5.033   -3.792  1.00 18.60 ? 130 PHE A CB  1 
ATOM   811  C CG  . PHE A 1 132 ? -7.273  6.426   -3.114  1.00 18.68 ? 130 PHE A CG  1 
ATOM   812  C CD1 . PHE A 1 132 ? -7.271  6.519   -1.737  1.00 19.45 ? 130 PHE A CD1 1 
ATOM   813  C CD2 . PHE A 1 132 ? -7.364  7.602   -3.880  1.00 19.05 ? 130 PHE A CD2 1 
ATOM   814  C CE1 . PHE A 1 132 ? -7.367  7.764   -1.078  1.00 17.35 ? 130 PHE A CE1 1 
ATOM   815  C CE2 . PHE A 1 132 ? -7.471  8.888   -3.253  1.00 19.61 ? 130 PHE A CE2 1 
ATOM   816  C CZ  . PHE A 1 132 ? -7.485  8.971   -1.841  1.00 17.52 ? 130 PHE A CZ  1 
ATOM   817  N N   . GLN A 1 133 ? -8.065  2.358   -5.215  1.00 19.49 ? 131 GLN A N   1 
ATOM   818  C CA  . GLN A 1 133 ? -8.042  1.465   -6.351  1.00 18.84 ? 131 GLN A CA  1 
ATOM   819  C C   . GLN A 1 133 ? -9.452  0.920   -6.641  1.00 18.94 ? 131 GLN A C   1 
ATOM   820  O O   . GLN A 1 133 ? -9.811  0.754   -7.832  1.00 19.54 ? 131 GLN A O   1 
ATOM   821  C CB  . GLN A 1 133 ? -7.038  0.331   -6.096  1.00 17.41 ? 131 GLN A CB  1 
ATOM   822  C CG  . GLN A 1 133 ? -6.775  -0.562  -7.397  1.00 20.25 ? 131 GLN A CG  1 
ATOM   823  C CD  . GLN A 1 133 ? -6.280  0.278   -8.588  1.00 21.30 ? 131 GLN A CD  1 
ATOM   824  O OE1 . GLN A 1 133 ? -7.054  0.576   -9.521  1.00 22.63 ? 131 GLN A OE1 1 
ATOM   825  N NE2 . GLN A 1 133 ? -5.024  0.714   -8.532  1.00 18.86 ? 131 GLN A NE2 1 
ATOM   826  N N   . GLY A 1 134 ? -10.222 0.631   -5.590  1.00 18.16 ? 132 GLY A N   1 
ATOM   827  C CA  . GLY A 1 134 ? -11.634 0.173   -5.711  1.00 19.65 ? 132 GLY A CA  1 
ATOM   828  C C   . GLY A 1 134 ? -12.494 1.250   -6.407  1.00 20.57 ? 132 GLY A C   1 
ATOM   829  O O   . GLY A 1 134 ? -13.206 0.960   -7.360  1.00 20.25 ? 132 GLY A O   1 
ATOM   830  N N   . VAL A 1 135 ? -12.398 2.491   -5.942  1.00 20.70 ? 133 VAL A N   1 
ATOM   831  C CA  . VAL A 1 135 ? -13.021 3.645   -6.599  1.00 21.53 ? 133 VAL A CA  1 
ATOM   832  C C   . VAL A 1 135 ? -12.615 3.756   -8.091  1.00 22.22 ? 133 VAL A C   1 
ATOM   833  O O   . VAL A 1 135 ? -13.486 3.903   -8.970  1.00 23.01 ? 133 VAL A O   1 
ATOM   834  C CB  . VAL A 1 135 ? -12.772 4.976   -5.805  1.00 22.33 ? 133 VAL A CB  1 
ATOM   835  C CG1 . VAL A 1 135 ? -13.303 6.211   -6.559  1.00 20.79 ? 133 VAL A CG1 1 
ATOM   836  C CG2 . VAL A 1 135 ? -13.470 4.928   -4.430  1.00 23.97 ? 133 VAL A CG2 1 
ATOM   837  N N   . GLU A 1 136 ? -11.309 3.627   -8.370  1.00 20.78 ? 134 GLU A N   1 
ATOM   838  C CA  . GLU A 1 136 ? -10.777 3.744   -9.718  1.00 20.51 ? 134 GLU A CA  1 
ATOM   839  C C   . GLU A 1 136 ? -11.231 2.618   -10.647 1.00 19.85 ? 134 GLU A C   1 
ATOM   840  O O   . GLU A 1 136 ? -11.601 2.909   -11.790 1.00 20.09 ? 134 GLU A O   1 
ATOM   841  C CB  . GLU A 1 136 ? -9.249  3.820   -9.663  1.00 20.57 ? 134 GLU A CB  1 
ATOM   842  C CG  . GLU A 1 136 ? -8.752  5.188   -9.072  1.00 21.06 ? 134 GLU A CG  1 
ATOM   843  C CD  . GLU A 1 136 ? -7.386  5.131   -8.335  1.00 22.56 ? 134 GLU A CD  1 
ATOM   844  O OE1 . GLU A 1 136 ? -6.723  4.050   -8.372  1.00 20.68 ? 134 GLU A OE1 1 
ATOM   845  O OE2 . GLU A 1 136 ? -6.978  6.193   -7.759  1.00 20.02 ? 134 GLU A OE2 1 
ATOM   846  N N   . TYR A 1 137 ? -11.254 1.365   -10.154 1.00 18.56 ? 135 TYR A N   1 
ATOM   847  C CA  . TYR A 1 137 ? -11.693 0.243   -10.948 1.00 18.92 ? 135 TYR A CA  1 
ATOM   848  C C   . TYR A 1 137 ? -13.207 0.191   -11.088 1.00 20.01 ? 135 TYR A C   1 
ATOM   849  O O   . TYR A 1 137 ? -13.714 -0.464  -11.982 1.00 18.78 ? 135 TYR A O   1 
ATOM   850  C CB  . TYR A 1 137 ? -11.184 -1.096  -10.352 1.00 18.67 ? 135 TYR A CB  1 
ATOM   851  C CG  . TYR A 1 137 ? -9.741  -1.474  -10.603 1.00 17.57 ? 135 TYR A CG  1 
ATOM   852  C CD1 . TYR A 1 137 ? -9.069  -1.107  -11.779 1.00 20.14 ? 135 TYR A CD1 1 
ATOM   853  C CD2 . TYR A 1 137 ? -9.068  -2.292  -9.704  1.00 18.15 ? 135 TYR A CD2 1 
ATOM   854  C CE1 . TYR A 1 137 ? -7.741  -1.485  -12.027 1.00 20.09 ? 135 TYR A CE1 1 
ATOM   855  C CE2 . TYR A 1 137 ? -7.775  -2.681  -9.941  1.00 18.72 ? 135 TYR A CE2 1 
ATOM   856  C CZ  . TYR A 1 137 ? -7.122  -2.303  -11.121 1.00 20.69 ? 135 TYR A CZ  1 
ATOM   857  O OH  . TYR A 1 137 ? -5.824  -2.686  -11.322 1.00 19.14 ? 135 TYR A OH  1 
ATOM   858  N N   . SER A 1 138 ? -13.928 0.896   -10.212 1.00 21.42 ? 136 SER A N   1 
ATOM   859  C CA  . SER A 1 138 ? -15.394 0.927   -10.259 1.00 24.10 ? 136 SER A CA  1 
ATOM   860  C C   . SER A 1 138 ? -15.929 1.527   -11.591 1.00 25.11 ? 136 SER A C   1 
ATOM   861  O O   . SER A 1 138 ? -17.029 1.165   -12.010 1.00 25.45 ? 136 SER A O   1 
ATOM   862  C CB  . SER A 1 138 ? -16.006 1.613   -9.004  1.00 23.09 ? 136 SER A CB  1 
ATOM   863  O OG  . SER A 1 138 ? -15.866 2.997   -9.156  1.00 24.39 ? 136 SER A OG  1 
ATOM   864  N N   . GLN A 1 139 ? -15.137 2.371   -12.261 1.00 26.90 ? 137 GLN A N   1 
ATOM   865  C CA  . GLN A 1 139 ? -15.466 2.872   -13.608 1.00 30.38 ? 137 GLN A CA  1 
ATOM   866  C C   . GLN A 1 139 ? -15.486 1.754   -14.680 1.00 31.32 ? 137 GLN A C   1 
ATOM   867  O O   . GLN A 1 139 ? -16.195 1.881   -15.675 1.00 34.59 ? 137 GLN A O   1 
ATOM   868  C CB  . GLN A 1 139 ? -14.560 4.059   -14.024 1.00 30.22 ? 137 GLN A CB  1 
ATOM   869  C CG  . GLN A 1 139 ? -13.954 4.908   -12.816 1.00 34.72 ? 137 GLN A CG  1 
ATOM   870  C CD  . GLN A 1 139 ? -15.004 5.742   -12.022 1.00 42.82 ? 137 GLN A CD  1 
ATOM   871  O OE1 . GLN A 1 139 ? -15.624 6.648   -12.579 1.00 45.53 ? 137 GLN A OE1 1 
ATOM   872  N NE2 . GLN A 1 139 ? -15.167 5.457   -10.711 1.00 43.37 ? 137 GLN A NE2 1 
ATOM   873  N N   . GLN A 1 140 ? -14.742 0.675   -14.496 1.00 30.93 ? 138 GLN A N   1 
ATOM   874  C CA  . GLN A 1 140 ? -14.783 -0.476  -15.428 1.00 31.72 ? 138 GLN A CA  1 
ATOM   875  C C   . GLN A 1 140 ? -15.722 -1.583  -14.975 1.00 30.65 ? 138 GLN A C   1 
ATOM   876  O O   . GLN A 1 140 ? -16.373 -2.265  -15.799 1.00 29.99 ? 138 GLN A O   1 
ATOM   877  C CB  . GLN A 1 140 ? -13.417 -1.142  -15.490 1.00 32.02 ? 138 GLN A CB  1 
ATOM   878  C CG  . GLN A 1 140 ? -12.375 -0.344  -16.125 1.00 35.91 ? 138 GLN A CG  1 
ATOM   879  C CD  . GLN A 1 140 ? -11.035 -0.704  -15.509 1.00 41.04 ? 138 GLN A CD  1 
ATOM   880  O OE1 . GLN A 1 140 ? -10.320 0.177   -15.024 1.00 41.30 ? 138 GLN A OE1 1 
ATOM   881  N NE2 . GLN A 1 140 ? -10.700 -2.020  -15.499 1.00 37.06 ? 138 GLN A NE2 1 
ATOM   882  N N   . VAL A 1 141 ? -15.763 -1.817  -13.668 1.00 28.52 ? 139 VAL A N   1 
ATOM   883  C CA  . VAL A 1 141 ? -16.550 -2.919  -13.145 1.00 29.21 ? 139 VAL A CA  1 
ATOM   884  C C   . VAL A 1 141 ? -17.141 -2.381  -11.850 1.00 28.84 ? 139 VAL A C   1 
ATOM   885  O O   . VAL A 1 141 ? -16.397 -2.193  -10.856 1.00 26.52 ? 139 VAL A O   1 
ATOM   886  C CB  . VAL A 1 141 ? -15.657 -4.146  -12.839 1.00 30.23 ? 139 VAL A CB  1 
ATOM   887  C CG1 . VAL A 1 141 ? -16.432 -5.222  -12.111 1.00 31.81 ? 139 VAL A CG1 1 
ATOM   888  C CG2 . VAL A 1 141 ? -14.976 -4.709  -14.131 1.00 33.78 ? 139 VAL A CG2 1 
ATOM   889  N N   . SER A 1 142 ? -18.444 -2.086  -11.861 1.00 27.90 ? 140 SER A N   1 
ATOM   890  C CA  . SER A 1 142 ? -19.096 -1.348  -10.754 1.00 28.75 ? 140 SER A CA  1 
ATOM   891  C C   . SER A 1 142 ? -18.822 -1.988  -9.404  1.00 28.09 ? 140 SER A C   1 
ATOM   892  O O   . SER A 1 142 ? -18.590 -1.306  -8.419  1.00 26.23 ? 140 SER A O   1 
ATOM   893  C CB  . SER A 1 142 ? -20.615 -1.315  -10.957 1.00 30.57 ? 140 SER A CB  1 
ATOM   894  O OG  . SER A 1 142 ? -20.898 -0.335  -11.925 1.00 35.00 ? 140 SER A OG  1 
ATOM   895  N N   . TYR A 1 143 ? -18.861 -3.318  -9.376  1.00 28.43 ? 141 TYR A N   1 
ATOM   896  C CA  . TYR A 1 143 ? -18.681 -4.058  -8.137  1.00 29.36 ? 141 TYR A CA  1 
ATOM   897  C C   . TYR A 1 143 ? -17.353 -3.755  -7.371  1.00 28.04 ? 141 TYR A C   1 
ATOM   898  O O   . TYR A 1 143 ? -17.239 -4.070  -6.204  1.00 26.81 ? 141 TYR A O   1 
ATOM   899  C CB  . TYR A 1 143 ? -18.726 -5.542  -8.431  1.00 31.97 ? 141 TYR A CB  1 
ATOM   900  C CG  . TYR A 1 143 ? -18.880 -6.355  -7.189  1.00 35.80 ? 141 TYR A CG  1 
ATOM   901  C CD1 . TYR A 1 143 ? -20.152 -6.620  -6.660  1.00 37.92 ? 141 TYR A CD1 1 
ATOM   902  C CD2 . TYR A 1 143 ? -17.751 -6.843  -6.500  1.00 37.66 ? 141 TYR A CD2 1 
ATOM   903  C CE1 . TYR A 1 143 ? -20.292 -7.383  -5.473  1.00 39.39 ? 141 TYR A CE1 1 
ATOM   904  C CE2 . TYR A 1 143 ? -17.886 -7.587  -5.334  1.00 38.00 ? 141 TYR A CE2 1 
ATOM   905  C CZ  . TYR A 1 143 ? -19.153 -7.863  -4.840  1.00 36.98 ? 141 TYR A CZ  1 
ATOM   906  O OH  . TYR A 1 143 ? -19.273 -8.614  -3.690  1.00 40.90 ? 141 TYR A OH  1 
ATOM   907  N N   . ALA A 1 144 ? -16.357 -3.186  -8.053  1.00 26.08 ? 142 ALA A N   1 
ATOM   908  C CA  . ALA A 1 144 ? -15.044 -2.968  -7.459  1.00 25.02 ? 142 ALA A CA  1 
ATOM   909  C C   . ALA A 1 144 ? -15.177 -2.016  -6.310  1.00 24.35 ? 142 ALA A C   1 
ATOM   910  O O   . ALA A 1 144 ? -14.335 -1.998  -5.439  1.00 24.12 ? 142 ALA A O   1 
ATOM   911  C CB  . ALA A 1 144 ? -14.040 -2.405  -8.525  1.00 23.94 ? 142 ALA A CB  1 
ATOM   912  N N   . ILE A 1 145 ? -16.238 -1.215  -6.318  1.00 24.50 ? 143 ILE A N   1 
ATOM   913  C CA  . ILE A 1 145 ? -16.548 -0.313  -5.213  1.00 26.24 ? 143 ILE A CA  1 
ATOM   914  C C   . ILE A 1 145 ? -16.679 -1.021  -3.871  1.00 27.03 ? 143 ILE A C   1 
ATOM   915  O O   . ILE A 1 145 ? -16.421 -0.395  -2.843  1.00 26.95 ? 143 ILE A O   1 
ATOM   916  C CB  . ILE A 1 145 ? -17.744 0.683   -5.512  1.00 25.25 ? 143 ILE A CB  1 
ATOM   917  C CG1 . ILE A 1 145 ? -17.679 1.928   -4.607  1.00 27.38 ? 143 ILE A CG1 1 
ATOM   918  C CG2 . ILE A 1 145 ? -19.127 -0.008  -5.439  1.00 24.93 ? 143 ILE A CG2 1 
ATOM   919  C CD1 . ILE A 1 145 ? -16.694 2.972   -5.113  1.00 21.84 ? 143 ILE A CD1 1 
ATOM   920  N N   . ARG A 1 146 ? -17.026 -2.317  -3.887  1.00 27.85 ? 144 ARG A N   1 
ATOM   921  C CA  . ARG A 1 146 ? -17.219 -3.048  -2.653  1.00 29.20 ? 144 ARG A CA  1 
ATOM   922  C C   . ARG A 1 146 ? -15.951 -3.046  -1.855  1.00 29.01 ? 144 ARG A C   1 
ATOM   923  O O   . ARG A 1 146 ? -16.013 -3.027  -0.638  1.00 27.50 ? 144 ARG A O   1 
ATOM   924  C CB  . ARG A 1 146 ? -17.648 -4.525  -2.863  1.00 30.57 ? 144 ARG A CB  1 
ATOM   925  C CG  . ARG A 1 146 ? -18.934 -4.802  -3.661  1.00 36.44 ? 144 ARG A CG  1 
ATOM   926  C CD  . ARG A 1 146 ? -20.098 -3.841  -3.436  1.00 47.45 ? 144 ARG A CD  1 
ATOM   927  N NE  . ARG A 1 146 ? -20.491 -3.231  -4.725  1.00 54.74 ? 144 ARG A NE  1 
ATOM   928  C CZ  . ARG A 1 146 ? -21.674 -3.362  -5.344  1.00 58.06 ? 144 ARG A CZ  1 
ATOM   929  N NH1 . ARG A 1 146 ? -22.655 -4.092  -4.801  1.00 60.64 ? 144 ARG A NH1 1 
ATOM   930  N NH2 . ARG A 1 146 ? -21.878 -2.753  -6.524  1.00 56.02 ? 144 ARG A NH2 1 
ATOM   931  N N   . PHE A 1 147 ? -14.806 -3.117  -2.549  1.00 29.26 ? 145 PHE A N   1 
ATOM   932  C CA  . PHE A 1 147 ? -13.475 -3.154  -1.933  1.00 29.61 ? 145 PHE A CA  1 
ATOM   933  C C   . PHE A 1 147 ? -13.149 -1.862  -1.146  1.00 28.83 ? 145 PHE A C   1 
ATOM   934  O O   . PHE A 1 147 ? -12.300 -1.863  -0.236  1.00 28.31 ? 145 PHE A O   1 
ATOM   935  C CB  . PHE A 1 147 ? -12.379 -3.423  -3.008  1.00 30.95 ? 145 PHE A CB  1 
ATOM   936  C CG  . PHE A 1 147 ? -12.363 -4.858  -3.559  1.00 35.12 ? 145 PHE A CG  1 
ATOM   937  C CD1 . PHE A 1 147 ? -11.289 -5.716  -3.277  1.00 38.91 ? 145 PHE A CD1 1 
ATOM   938  C CD2 . PHE A 1 147 ? -13.378 -5.340  -4.372  1.00 38.02 ? 145 PHE A CD2 1 
ATOM   939  C CE1 . PHE A 1 147 ? -11.222 -7.024  -3.785  1.00 40.87 ? 145 PHE A CE1 1 
ATOM   940  C CE2 . PHE A 1 147 ? -13.317 -6.673  -4.872  1.00 40.21 ? 145 PHE A CE2 1 
ATOM   941  C CZ  . PHE A 1 147 ? -12.235 -7.505  -4.563  1.00 36.77 ? 145 PHE A CZ  1 
ATOM   942  N N   . ALA A 1 148 ? -13.811 -0.774  -1.518  1.00 27.45 ? 146 ALA A N   1 
ATOM   943  C CA  . ALA A 1 148 ? -13.638 0.536   -0.900  1.00 28.28 ? 146 ALA A CA  1 
ATOM   944  C C   . ALA A 1 148 ? -14.675 0.803   0.190   1.00 29.41 ? 146 ALA A C   1 
ATOM   945  O O   . ALA A 1 148 ? -14.574 1.780   0.887   1.00 29.88 ? 146 ALA A O   1 
ATOM   946  C CB  . ALA A 1 148 ? -13.707 1.647   -1.956  1.00 26.71 ? 146 ALA A CB  1 
ATOM   947  N N   . GLU A 1 149 ? -15.659 -0.068  0.344   1.00 30.33 ? 147 GLU A N   1 
ATOM   948  C CA  . GLU A 1 149 ? -16.715 0.144   1.316   1.00 32.28 ? 147 GLU A CA  1 
ATOM   949  C C   . GLU A 1 149 ? -16.437 -0.599  2.608   1.00 33.25 ? 147 GLU A C   1 
ATOM   950  O O   . GLU A 1 149 ? -15.843 -1.676  2.608   1.00 32.57 ? 147 GLU A O   1 
ATOM   951  C CB  . GLU A 1 149 ? -18.056 -0.359  0.730   1.00 31.62 ? 147 GLU A CB  1 
ATOM   952  C CG  . GLU A 1 149 ? -18.725 0.643   -0.172  1.00 32.75 ? 147 GLU A CG  1 
ATOM   953  C CD  . GLU A 1 149 ? -19.790 -0.008  -1.040  1.00 36.66 ? 147 GLU A CD  1 
ATOM   954  O OE1 . GLU A 1 149 ? -19.971 -1.243  -0.960  1.00 38.74 ? 147 GLU A OE1 1 
ATOM   955  O OE2 . GLU A 1 149 ? -20.437 0.708   -1.812  1.00 37.68 ? 147 GLU A OE2 1 
ATOM   956  N N   . ASN A 1 150 ? -16.921 -0.044  3.710   1.00 35.18 ? 148 ASN A N   1 
ATOM   957  C CA  . ASN A 1 150 ? -16.812 -0.706  5.013   1.00 38.09 ? 148 ASN A CA  1 
ATOM   958  C C   . ASN A 1 150 ? -15.372 -0.967  5.434   1.00 37.85 ? 148 ASN A C   1 
ATOM   959  O O   . ASN A 1 150 ? -15.077 -1.945  6.100   1.00 38.17 ? 148 ASN A O   1 
ATOM   960  C CB  . ASN A 1 150 ? -17.631 -2.006  5.025   1.00 39.27 ? 148 ASN A CB  1 
ATOM   961  C CG  . ASN A 1 150 ? -19.074 -1.775  4.560   1.00 43.70 ? 148 ASN A CG  1 
ATOM   962  O OD1 . ASN A 1 150 ? -19.708 -0.760  4.918   1.00 46.49 ? 148 ASN A OD1 1 
ATOM   963  N ND2 . ASN A 1 150 ? -19.587 -2.692  3.738   1.00 48.44 ? 148 ASN A ND2 1 
ATOM   964  N N   . VAL A 1 151 ? -14.479 -0.067  5.024   1.00 38.65 ? 149 VAL A N   1 
ATOM   965  C CA  . VAL A 1 151 ? -13.068 -0.166  5.345   1.00 37.89 ? 149 VAL A CA  1 
ATOM   966  C C   . VAL A 1 151 ? -12.969 0.288   6.791   1.00 37.34 ? 149 VAL A C   1 
ATOM   967  O O   . VAL A 1 151 ? -13.559 1.321   7.163   1.00 37.21 ? 149 VAL A O   1 
ATOM   968  C CB  . VAL A 1 151 ? -12.251 0.743   4.431   1.00 37.74 ? 149 VAL A CB  1 
ATOM   969  C CG1 . VAL A 1 151 ? -10.775 0.655   4.753   1.00 37.61 ? 149 VAL A CG1 1 
ATOM   970  C CG2 . VAL A 1 151 ? -12.498 0.348   2.997   1.00 40.22 ? 149 VAL A CG2 1 
ATOM   971  N N   . GLU A 1 152 ? -12.263 -0.482  7.619   1.00 36.74 ? 150 GLU A N   1 
ATOM   972  C CA  . GLU A 1 152 ? -12.045 -0.026  9.013   1.00 36.36 ? 150 GLU A CA  1 
ATOM   973  C C   . GLU A 1 152 ? -10.615 0.521   9.200   1.00 33.79 ? 150 GLU A C   1 
ATOM   974  O O   . GLU A 1 152 ? -9.653  -0.222  9.072   1.00 32.95 ? 150 GLU A O   1 
ATOM   975  C CB  . GLU A 1 152 ? -12.403 -1.106  10.045  1.00 37.13 ? 150 GLU A CB  1 
ATOM   976  C CG  . GLU A 1 152 ? -13.899 -1.040  10.540  1.00 45.79 ? 150 GLU A CG  1 
ATOM   977  C CD  . GLU A 1 152 ? -14.415 0.397   10.922  1.00 55.65 ? 150 GLU A CD  1 
ATOM   978  O OE1 . GLU A 1 152 ? -13.700 1.174   11.631  1.00 59.36 ? 150 GLU A OE1 1 
ATOM   979  O OE2 . GLU A 1 152 ? -15.553 0.749   10.509  1.00 56.92 ? 150 GLU A OE2 1 
ATOM   980  N N   . LEU A 1 153 ? -10.532 1.826   9.464   1.00 31.15 ? 151 LEU A N   1 
ATOM   981  C CA  . LEU A 1 153 ? -9.297  2.596   9.579   1.00 29.89 ? 151 LEU A CA  1 
ATOM   982  C C   . LEU A 1 153 ? -9.133  2.981   11.046  1.00 29.79 ? 151 LEU A C   1 
ATOM   983  O O   . LEU A 1 153 ? -10.110 3.056   11.764  1.00 30.32 ? 151 LEU A O   1 
ATOM   984  C CB  . LEU A 1 153 ? -9.367  3.868   8.703   1.00 28.13 ? 151 LEU A CB  1 
ATOM   985  C CG  . LEU A 1 153 ? -9.581  3.600   7.197   1.00 27.52 ? 151 LEU A CG  1 
ATOM   986  C CD1 . LEU A 1 153 ? -9.970  4.862   6.357   1.00 22.28 ? 151 LEU A CD1 1 
ATOM   987  C CD2 . LEU A 1 153 ? -8.329  2.933   6.630   1.00 25.74 ? 151 LEU A CD2 1 
ATOM   988  N N   . LYS A 1 154 ? -7.905  3.189   11.482  1.00 29.17 ? 152 LYS A N   1 
ATOM   989  C CA  . LYS A 1 154 ? -7.626  3.500   12.891  1.00 29.56 ? 152 LYS A CA  1 
ATOM   990  C C   . LYS A 1 154 ? -7.375  4.977   13.146  1.00 28.56 ? 152 LYS A C   1 
ATOM   991  O O   . LYS A 1 154 ? -7.848  5.532   14.151  1.00 29.41 ? 152 LYS A O   1 
ATOM   992  C CB  . LYS A 1 154 ? -6.436  2.702   13.369  1.00 28.84 ? 152 LYS A CB  1 
ATOM   993  C CG  . LYS A 1 154 ? -6.694  1.208   13.470  1.00 32.10 ? 152 LYS A CG  1 
ATOM   994  C CD  . LYS A 1 154 ? -5.444  0.457   13.961  1.00 37.77 ? 152 LYS A CD  1 
ATOM   995  C CE  . LYS A 1 154 ? -4.409  0.313   12.861  1.00 42.17 ? 152 LYS A CE  1 
ATOM   996  N NZ  . LYS A 1 154 ? -3.592  -0.934  13.107  1.00 45.43 ? 152 LYS A NZ  1 
ATOM   997  N N   . THR A 1 155 ? -6.657  5.635   12.242  1.00 27.51 ? 153 THR A N   1 
ATOM   998  C CA  . THR A 1 155 ? -6.251  7.010   12.503  1.00 25.54 ? 153 THR A CA  1 
ATOM   999  C C   . THR A 1 155 ? -7.291  8.000   11.971  1.00 26.29 ? 153 THR A C   1 
ATOM   1000 O O   . THR A 1 155 ? -7.995  7.718   11.018  1.00 24.92 ? 153 THR A O   1 
ATOM   1001 C CB  . THR A 1 155 ? -4.855  7.344   11.926  1.00 26.35 ? 153 THR A CB  1 
ATOM   1002 O OG1 . THR A 1 155 ? -4.867  7.256   10.486  1.00 24.84 ? 153 THR A OG1 1 
ATOM   1003 C CG2 . THR A 1 155 ? -3.818  6.433   12.469  1.00 22.49 ? 153 THR A CG2 1 
ATOM   1004 N N   . ASP A 1 156 ? -7.361  9.169   12.602  1.00 25.79 ? 154 ASP A N   1 
ATOM   1005 C CA  . ASP A 1 156 ? -8.230  10.227  12.169  1.00 26.20 ? 154 ASP A CA  1 
ATOM   1006 C C   . ASP A 1 156 ? -7.826  10.772  10.804  1.00 25.55 ? 154 ASP A C   1 
ATOM   1007 O O   . ASP A 1 156 ? -8.702  11.139  9.995   1.00 26.47 ? 154 ASP A O   1 
ATOM   1008 C CB  . ASP A 1 156 ? -8.220  11.355  13.196  1.00 27.87 ? 154 ASP A CB  1 
ATOM   1009 C CG  . ASP A 1 156 ? -9.098  11.055  14.442  1.00 28.66 ? 154 ASP A CG  1 
ATOM   1010 O OD1 . ASP A 1 156 ? -9.637  9.937   14.612  1.00 32.76 ? 154 ASP A OD1 1 
ATOM   1011 O OD2 . ASP A 1 156 ? -9.209  11.973  15.270  1.00 31.26 ? 154 ASP A OD2 1 
ATOM   1012 N N   . ALA A 1 157 ? -6.509  10.834  10.559  1.00 24.07 ? 155 ALA A N   1 
ATOM   1013 C CA  . ALA A 1 157 ? -5.995  11.257  9.277   1.00 23.97 ? 155 ALA A CA  1 
ATOM   1014 C C   . ALA A 1 157 ? -6.515  10.320  8.190   1.00 23.03 ? 155 ALA A C   1 
ATOM   1015 O O   . ALA A 1 157 ? -6.985  10.793  7.160   1.00 22.72 ? 155 ALA A O   1 
ATOM   1016 C CB  . ALA A 1 157 ? -4.455  11.303  9.254   1.00 23.21 ? 155 ALA A CB  1 
ATOM   1017 N N   . ALA A 1 158 ? -6.405  9.012   8.405   1.00 22.47 ? 156 ALA A N   1 
ATOM   1018 C CA  . ALA A 1 158 ? -6.953  8.080   7.421   1.00 23.04 ? 156 ALA A CA  1 
ATOM   1019 C C   . ALA A 1 158 ? -8.482  8.225   7.206   1.00 22.40 ? 156 ALA A C   1 
ATOM   1020 O O   . ALA A 1 158 ? -8.983  8.228   6.056   1.00 21.70 ? 156 ALA A O   1 
ATOM   1021 C CB  . ALA A 1 158 ? -6.551  6.624   7.752   1.00 21.49 ? 156 ALA A CB  1 
ATOM   1022 N N   . LYS A 1 159 ? -9.222  8.367   8.297   1.00 22.66 ? 157 LYS A N   1 
ATOM   1023 C CA  . LYS A 1 159 ? -10.653 8.535   8.202   1.00 23.51 ? 157 LYS A CA  1 
ATOM   1024 C C   . LYS A 1 159 ? -11.044 9.813   7.449   1.00 24.68 ? 157 LYS A C   1 
ATOM   1025 O O   . LYS A 1 159 ? -12.008 9.772   6.705   1.00 25.05 ? 157 LYS A O   1 
ATOM   1026 C CB  . LYS A 1 159 ? -11.314 8.490   9.586   1.00 25.14 ? 157 LYS A CB  1 
ATOM   1027 C CG  . LYS A 1 159 ? -11.215 7.143   10.253  1.00 25.43 ? 157 LYS A CG  1 
ATOM   1028 C CD  . LYS A 1 159 ? -11.577 7.238   11.726  1.00 29.28 ? 157 LYS A CD  1 
ATOM   1029 C CE  . LYS A 1 159 ? -11.511 5.857   12.378  1.00 28.86 ? 157 LYS A CE  1 
ATOM   1030 N NZ  . LYS A 1 159 ? -11.900 5.952   13.816  1.00 33.12 ? 157 LYS A NZ  1 
ATOM   1031 N N   . GLU A 1 160 ? -10.321 10.926  7.638   1.00 24.23 ? 158 GLU A N   1 
ATOM   1032 C CA  . GLU A 1 160 ? -10.586 12.144  6.855   1.00 26.33 ? 158 GLU A CA  1 
ATOM   1033 C C   . GLU A 1 160 ? -10.316 11.979  5.354   1.00 24.62 ? 158 GLU A C   1 
ATOM   1034 O O   . GLU A 1 160 ? -11.060 12.512  4.550   1.00 25.00 ? 158 GLU A O   1 
ATOM   1035 C CB  . GLU A 1 160 ? -9.740  13.332  7.334   1.00 26.65 ? 158 GLU A CB  1 
ATOM   1036 C CG  . GLU A 1 160 ? -10.267 13.992  8.576   1.00 36.99 ? 158 GLU A CG  1 
ATOM   1037 C CD  . GLU A 1 160 ? -10.065 15.523  8.552   1.00 50.20 ? 158 GLU A CD  1 
ATOM   1038 O OE1 . GLU A 1 160 ? -11.070 16.222  8.911   1.00 56.28 ? 158 GLU A OE1 1 
ATOM   1039 O OE2 . GLU A 1 160 ? -8.928  16.023  8.199   1.00 50.30 ? 158 GLU A OE2 1 
ATOM   1040 N N   . ILE A 1 161 ? -9.205  11.327  4.986   1.00 23.52 ? 159 ILE A N   1 
ATOM   1041 C CA  . ILE A 1 161 ? -8.949  11.143  3.561   1.00 23.10 ? 159 ILE A CA  1 
ATOM   1042 C C   . ILE A 1 161 ? -10.029 10.249  2.966   1.00 22.74 ? 159 ILE A C   1 
ATOM   1043 O O   . ILE A 1 161 ? -10.556 10.550  1.902   1.00 22.26 ? 159 ILE A O   1 
ATOM   1044 C CB  . ILE A 1 161 ? -7.490  10.632  3.241   1.00 23.62 ? 159 ILE A CB  1 
ATOM   1045 C CG1 . ILE A 1 161 ? -6.468  11.718  3.605   1.00 22.83 ? 159 ILE A CG1 1 
ATOM   1046 C CG2 . ILE A 1 161 ? -7.363  10.387  1.742   1.00 22.33 ? 159 ILE A CG2 1 
ATOM   1047 C CD1 . ILE A 1 161 ? -4.999  11.292  3.632   1.00 23.26 ? 159 ILE A CD1 1 
ATOM   1048 N N   . TYR A 1 162 ? -10.382 9.188   3.696   1.00 22.54 ? 160 TYR A N   1 
ATOM   1049 C CA  . TYR A 1 162 ? -11.383 8.198   3.281   1.00 24.67 ? 160 TYR A CA  1 
ATOM   1050 C C   . TYR A 1 162 ? -12.748 8.829   3.021   1.00 24.54 ? 160 TYR A C   1 
ATOM   1051 O O   . TYR A 1 162 ? -13.376 8.584   1.981   1.00 24.49 ? 160 TYR A O   1 
ATOM   1052 C CB  . TYR A 1 162 ? -11.510 7.102   4.335   1.00 23.62 ? 160 TYR A CB  1 
ATOM   1053 C CG  . TYR A 1 162 ? -12.499 6.016   3.975   1.00 26.42 ? 160 TYR A CG  1 
ATOM   1054 C CD1 . TYR A 1 162 ? -12.285 5.201   2.864   1.00 22.99 ? 160 TYR A CD1 1 
ATOM   1055 C CD2 . TYR A 1 162 ? -13.651 5.788   4.759   1.00 26.61 ? 160 TYR A CD2 1 
ATOM   1056 C CE1 . TYR A 1 162 ? -13.162 4.176   2.518   1.00 24.77 ? 160 TYR A CE1 1 
ATOM   1057 C CE2 . TYR A 1 162 ? -14.575 4.755   4.408   1.00 30.25 ? 160 TYR A CE2 1 
ATOM   1058 C CZ  . TYR A 1 162 ? -14.313 3.960   3.281   1.00 29.38 ? 160 TYR A CZ  1 
ATOM   1059 O OH  . TYR A 1 162 ? -15.192 2.956   2.922   1.00 29.27 ? 160 TYR A OH  1 
ATOM   1060 N N   . ARG A 1 163 ? -13.141 9.728   3.913   1.00 24.91 ? 161 ARG A N   1 
ATOM   1061 C CA  . ARG A 1 163 ? -14.405 10.437  3.772   1.00 26.27 ? 161 ARG A CA  1 
ATOM   1062 C C   . ARG A 1 163 ? -14.520 11.252  2.476   1.00 24.16 ? 161 ARG A C   1 
ATOM   1063 O O   . ARG A 1 163 ? -15.539 11.165  1.745   1.00 25.07 ? 161 ARG A O   1 
ATOM   1064 C CB  . ARG A 1 163 ? -14.627 11.329  4.990   1.00 27.20 ? 161 ARG A CB  1 
ATOM   1065 C CG  . ARG A 1 163 ? -15.975 11.996  4.964   1.00 31.22 ? 161 ARG A CG  1 
ATOM   1066 C CD  . ARG A 1 163 ? -16.155 13.003  6.102   1.00 36.83 ? 161 ARG A CD  1 
ATOM   1067 N NE  . ARG A 1 163 ? -17.451 13.681  5.968   1.00 39.89 ? 161 ARG A NE  1 
ATOM   1068 C CZ  . ARG A 1 163 ? -17.831 14.775  6.641   1.00 42.61 ? 161 ARG A CZ  1 
ATOM   1069 N NH1 . ARG A 1 163 ? -17.022 15.363  7.511   0.50 37.96 ? 161 ARG A NH1 1 
ATOM   1070 N NH2 . ARG A 1 163 ? -19.047 15.281  6.424   1.00 42.53 ? 161 ARG A NH2 1 
ATOM   1071 N N   . VAL A 1 164 ? -13.471 12.014  2.183   1.00 23.33 ? 162 VAL A N   1 
ATOM   1072 C CA  . VAL A 1 164 ? -13.413 12.827  1.030   1.00 23.09 ? 162 VAL A CA  1 
ATOM   1073 C C   . VAL A 1 164 ? -13.380 11.923  -0.216  1.00 23.10 ? 162 VAL A C   1 
ATOM   1074 O O   . VAL A 1 164 ? -14.030 12.227  -1.207  1.00 23.49 ? 162 VAL A O   1 
ATOM   1075 C CB  . VAL A 1 164 ? -12.200 13.832  1.059   1.00 24.23 ? 162 VAL A CB  1 
ATOM   1076 C CG1 . VAL A 1 164 ? -12.102 14.669  -0.242  1.00 24.41 ? 162 VAL A CG1 1 
ATOM   1077 C CG2 . VAL A 1 164 ? -12.334 14.800  2.265   1.00 25.70 ? 162 VAL A CG2 1 
ATOM   1078 N N   . LEU A 1 165 ? -12.610 10.833  -0.162  1.00 22.32 ? 163 LEU A N   1 
ATOM   1079 C CA  . LEU A 1 165 ? -12.499 9.888   -1.292  1.00 21.84 ? 163 LEU A CA  1 
ATOM   1080 C C   . LEU A 1 165 ? -13.871 9.353   -1.689  1.00 22.94 ? 163 LEU A C   1 
ATOM   1081 O O   . LEU A 1 165 ? -14.218 9.300   -2.887  1.00 23.51 ? 163 LEU A O   1 
ATOM   1082 C CB  . LEU A 1 165 ? -11.607 8.708   -0.907  1.00 19.84 ? 163 LEU A CB  1 
ATOM   1083 C CG  . LEU A 1 165 ? -11.614 7.481   -1.853  1.00 21.74 ? 163 LEU A CG  1 
ATOM   1084 C CD1 . LEU A 1 165 ? -10.999 7.773   -3.204  1.00 20.18 ? 163 LEU A CD1 1 
ATOM   1085 C CD2 . LEU A 1 165 ? -11.043 6.186   -1.208  1.00 19.23 ? 163 LEU A CD2 1 
ATOM   1086 N N   . MET A 1 166 ? -14.629 8.947   -0.671  1.00 24.15 ? 164 MET A N   1 
ATOM   1087 C CA  . MET A 1 166 ? -15.968 8.431   -0.846  1.00 26.62 ? 164 MET A CA  1 
ATOM   1088 C C   . MET A 1 166 ? -17.006 9.502   -1.157  1.00 29.51 ? 164 MET A C   1 
ATOM   1089 O O   . MET A 1 166 ? -17.996 9.209   -1.808  1.00 30.17 ? 164 MET A O   1 
ATOM   1090 C CB  . MET A 1 166 ? -16.367 7.513   0.318   1.00 25.23 ? 164 MET A CB  1 
ATOM   1091 C CG  . MET A 1 166 ? -15.372 6.284   0.430   1.00 24.03 ? 164 MET A CG  1 
ATOM   1092 S SD  . MET A 1 166 ? -15.176 5.230   -1.058  1.00 15.24 ? 164 MET A SD  1 
ATOM   1093 C CE  . MET A 1 166 ? -16.604 4.188   -0.752  1.00 25.27 ? 164 MET A CE  1 
ATOM   1094 N N   . GLU A 1 167 ? -16.783 10.742  -0.731  1.00 32.58 ? 165 GLU A N   1 
ATOM   1095 C CA  . GLU A 1 167 ? -17.756 11.799  -1.060  1.00 36.73 ? 165 GLU A CA  1 
ATOM   1096 C C   . GLU A 1 167 ? -17.603 12.289  -2.506  1.00 38.04 ? 165 GLU A C   1 
ATOM   1097 O O   . GLU A 1 167 ? -18.597 12.583  -3.170  1.00 39.44 ? 165 GLU A O   1 
ATOM   1098 C CB  . GLU A 1 167 ? -17.746 12.934  -0.019  1.00 36.05 ? 165 GLU A CB  1 
ATOM   1099 C CG  . GLU A 1 167 ? -16.980 14.158  -0.378  1.00 39.61 ? 165 GLU A CG  1 
ATOM   1100 C CD  . GLU A 1 167 ? -16.795 15.094  0.824   1.00 41.23 ? 165 GLU A CD  1 
ATOM   1101 O OE1 . GLU A 1 167 ? -15.897 15.970  0.729   1.00 48.11 ? 165 GLU A OE1 1 
ATOM   1102 O OE2 . GLU A 1 167 ? -17.516 14.940  1.849   1.00 45.33 ? 165 GLU A OE2 1 
ATOM   1103 N N   . ARG A 1 168 ? -16.367 12.328  -3.015  1.00 38.75 ? 166 ARG A N   1 
ATOM   1104 C CA  . ARG A 1 168 ? -16.131 12.678  -4.419  1.00 39.22 ? 166 ARG A CA  1 
ATOM   1105 C C   . ARG A 1 168 ? -16.419 11.481  -5.349  1.00 38.66 ? 166 ARG A C   1 
ATOM   1106 O O   . ARG A 1 168 ? -17.130 11.637  -6.342  1.00 38.76 ? 166 ARG A O   1 
ATOM   1107 C CB  . ARG A 1 168 ? -14.707 13.233  -4.633  1.00 39.84 ? 166 ARG A CB  1 
ATOM   1108 C CG  . ARG A 1 168 ? -14.156 14.085  -3.477  1.00 44.28 ? 166 ARG A CG  1 
ATOM   1109 C CD  . ARG A 1 168 ? -14.471 15.594  -3.549  1.00 52.83 ? 166 ARG A CD  1 
ATOM   1110 N NE  . ARG A 1 168 ? -15.878 15.966  -3.297  1.00 58.05 ? 166 ARG A NE  1 
ATOM   1111 C CZ  . ARG A 1 168 ? -16.319 17.217  -3.096  1.00 60.65 ? 166 ARG A CZ  1 
ATOM   1112 N NH1 . ARG A 1 168 ? -17.622 17.449  -2.889  1.00 58.31 ? 166 ARG A NH1 1 
ATOM   1113 N NH2 . ARG A 1 168 ? -15.465 18.244  -3.094  1.00 60.51 ? 166 ARG A NH2 1 
ATOM   1114 N N   . LYS A 1 169 ? -15.900 10.297  -5.005  1.00 37.37 ? 167 LYS A N   1 
ATOM   1115 C CA  . LYS A 1 169 ? -15.830 9.136   -5.934  1.00 37.30 ? 167 LYS A CA  1 
ATOM   1116 C C   . LYS A 1 169 ? -15.449 9.574   -7.380  1.00 37.46 ? 167 LYS A C   1 
ATOM   1117 O O   . LYS A 1 169 ? -16.073 9.199   -8.375  1.00 35.86 ? 167 LYS A O   1 
ATOM   1118 C CB  . LYS A 1 169 ? -17.109 8.281   -5.899  1.00 36.63 ? 167 LYS A CB  1 
ATOM   1119 C CG  . LYS A 1 169 ? -17.267 7.470   -4.637  1.00 37.53 ? 167 LYS A CG  1 
ATOM   1120 C CD  . LYS A 1 169 ? -18.359 6.427   -4.773  1.00 39.02 ? 167 LYS A CD  1 
ATOM   1121 C CE  . LYS A 1 169 ? -18.744 5.866   -3.410  1.00 41.22 ? 167 LYS A CE  1 
ATOM   1122 N NZ  . LYS A 1 169 ? -19.487 6.893   -2.604  1.00 40.47 ? 167 LYS A NZ  1 
ATOM   1123 N N   . ASN A 1 170 ? -14.408 10.397  -7.471  1.00 37.20 ? 168 ASN A N   1 
ATOM   1124 C CA  . ASN A 1 170 ? -14.004 10.939  -8.748  1.00 36.75 ? 168 ASN A CA  1 
ATOM   1125 C C   . ASN A 1 170 ? -12.514 10.726  -8.997  1.00 35.97 ? 168 ASN A C   1 
ATOM   1126 O O   . ASN A 1 170 ? -11.693 11.526  -8.557  1.00 34.71 ? 168 ASN A O   1 
ATOM   1127 C CB  . ASN A 1 170 ? -14.328 12.426  -8.823  1.00 37.09 ? 168 ASN A CB  1 
ATOM   1128 C CG  . ASN A 1 170 ? -14.124 12.966  -10.190 1.00 39.35 ? 168 ASN A CG  1 
ATOM   1129 O OD1 . ASN A 1 170 ? -13.811 12.195  -11.139 1.00 37.83 ? 168 ASN A OD1 1 
ATOM   1130 N ND2 . ASN A 1 170 ? -14.272 14.294  -10.331 1.00 36.80 ? 168 ASN A ND2 1 
ATOM   1131 N N   . PRO A 1 171 ? -12.166 9.660   -9.730  1.00 35.45 ? 169 PRO A N   1 
ATOM   1132 C CA  . PRO A 1 171 ? -10.742 9.384   -9.994  1.00 35.33 ? 169 PRO A CA  1 
ATOM   1133 C C   . PRO A 1 171 ? -10.115 10.241  -11.108 1.00 35.63 ? 169 PRO A C   1 
ATOM   1134 O O   . PRO A 1 171 ? -8.924  10.104  -11.408 1.00 34.67 ? 169 PRO A O   1 
ATOM   1135 C CB  . PRO A 1 171 ? -10.743 7.891   -10.340 1.00 35.06 ? 169 PRO A CB  1 
ATOM   1136 C CG  . PRO A 1 171 ? -12.097 7.656   -10.947 1.00 35.66 ? 169 PRO A CG  1 
ATOM   1137 C CD  . PRO A 1 171 ? -13.055 8.631   -10.291 1.00 35.30 ? 169 PRO A CD  1 
ATOM   1138 N N   . VAL A 1 172 ? -10.916 11.129  -11.708 1.00 35.35 ? 170 VAL A N   1 
ATOM   1139 C CA  . VAL A 1 172 ? -10.423 12.055  -12.733 1.00 36.16 ? 170 VAL A CA  1 
ATOM   1140 C C   . VAL A 1 172 ? -9.687  13.255  -12.084 1.00 36.86 ? 170 VAL A C   1 
ATOM   1141 O O   . VAL A 1 172 ? -10.315 14.209  -11.607 1.00 37.91 ? 170 VAL A O   1 
ATOM   1142 C CB  . VAL A 1 172 ? -11.593 12.571  -13.674 1.00 36.91 ? 170 VAL A CB  1 
ATOM   1143 C CG1 . VAL A 1 172 ? -11.047 13.647  -14.660 1.00 36.02 ? 170 VAL A CG1 1 
ATOM   1144 C CG2 . VAL A 1 172 ? -12.327 11.377  -14.373 1.00 35.83 ? 170 VAL A CG2 1 
ATOM   1145 N N   . TRP A 1 173 ? -8.358  13.206  -12.076 1.00 36.40 ? 171 TRP A N   1 
ATOM   1146 C CA  . TRP A 1 173 ? -7.516  14.151  -11.323 1.00 36.20 ? 171 TRP A CA  1 
ATOM   1147 C C   . TRP A 1 173 ? -6.904  15.254  -12.183 1.00 37.46 ? 171 TRP A C   1 
ATOM   1148 O O   . TRP A 1 173 ? -6.312  16.202  -11.647 1.00 37.88 ? 171 TRP A O   1 
ATOM   1149 C CB  . TRP A 1 173 ? -6.351  13.368  -10.695 1.00 35.41 ? 171 TRP A CB  1 
ATOM   1150 C CG  . TRP A 1 173 ? -5.535  12.525  -11.727 1.00 33.15 ? 171 TRP A CG  1 
ATOM   1151 C CD1 . TRP A 1 173 ? -5.675  11.180  -12.003 1.00 34.40 ? 171 TRP A CD1 1 
ATOM   1152 C CD2 . TRP A 1 173 ? -4.497  12.997  -12.595 1.00 34.13 ? 171 TRP A CD2 1 
ATOM   1153 N NE1 . TRP A 1 173 ? -4.789  10.797  -12.976 1.00 32.07 ? 171 TRP A NE1 1 
ATOM   1154 C CE2 . TRP A 1 173 ? -4.045  11.887  -13.355 1.00 33.41 ? 171 TRP A CE2 1 
ATOM   1155 C CE3 . TRP A 1 173 ? -3.881  14.248  -12.798 1.00 35.21 ? 171 TRP A CE3 1 
ATOM   1156 C CZ2 . TRP A 1 173 ? -3.014  11.999  -14.310 1.00 32.51 ? 171 TRP A CZ2 1 
ATOM   1157 C CZ3 . TRP A 1 173 ? -2.850  14.348  -13.766 1.00 35.29 ? 171 TRP A CZ3 1 
ATOM   1158 C CH2 . TRP A 1 173 ? -2.429  13.224  -14.486 1.00 32.41 ? 171 TRP A CH2 1 
ATOM   1159 N N   . TRP A 1 174 ? -7.005  15.082  -13.508 1.00 38.54 ? 172 TRP A N   1 
ATOM   1160 C CA  . TRP A 1 174 ? -6.323  15.895  -14.527 1.00 38.95 ? 172 TRP A CA  1 
ATOM   1161 C C   . TRP A 1 174 ? -7.158  17.079  -15.034 1.00 40.05 ? 172 TRP A C   1 
ATOM   1162 O O   . TRP A 1 174 ? -8.391  17.047  -14.924 1.00 40.78 ? 172 TRP A O   1 
ATOM   1163 C CB  . TRP A 1 174 ? -5.891  14.982  -15.697 1.00 39.03 ? 172 TRP A CB  1 
ATOM   1164 C CG  . TRP A 1 174 ? -7.000  14.221  -16.376 1.00 37.96 ? 172 TRP A CG  1 
ATOM   1165 C CD1 . TRP A 1 174 ? -7.793  14.692  -17.368 1.00 40.40 ? 172 TRP A CD1 1 
ATOM   1166 C CD2 . TRP A 1 174 ? -7.429  12.865  -16.134 1.00 38.44 ? 172 TRP A CD2 1 
ATOM   1167 N NE1 . TRP A 1 174 ? -8.682  13.728  -17.769 1.00 38.90 ? 172 TRP A NE1 1 
ATOM   1168 C CE2 . TRP A 1 174 ? -8.489  12.597  -17.026 1.00 37.11 ? 172 TRP A CE2 1 
ATOM   1169 C CE3 . TRP A 1 174 ? -7.027  11.851  -15.245 1.00 38.99 ? 172 TRP A CE3 1 
ATOM   1170 C CZ2 . TRP A 1 174 ? -9.164  11.370  -17.060 1.00 36.74 ? 172 TRP A CZ2 1 
ATOM   1171 C CZ3 . TRP A 1 174 ? -7.689  10.615  -15.280 1.00 38.81 ? 172 TRP A CZ3 1 
ATOM   1172 C CH2 . TRP A 1 174 ? -8.758  10.389  -16.190 1.00 38.74 ? 172 TRP A CH2 1 
HETATM 1173 O O   . HOH B 2 .   ? -10.413 -6.205  -18.005 1.00 33.87 ? 174 HOH A O   1 
HETATM 1174 O O   . HOH B 2 .   ? -3.943  -6.939  1.472   1.00 46.21 ? 175 HOH A O   1 
HETATM 1175 O O   . HOH B 2 .   ? 9.337   18.081  9.633   1.00 30.44 ? 176 HOH A O   1 
HETATM 1176 O O   . HOH B 2 .   ? -0.324  -7.542  -12.282 1.00 37.07 ? 177 HOH A O   1 
HETATM 1177 O O   . HOH B 2 .   ? -14.819 6.233   12.972  1.00 53.36 ? 178 HOH A O   1 
HETATM 1178 O O   . HOH B 2 .   ? -17.222 4.690   8.625   1.00 51.84 ? 179 HOH A O   1 
HETATM 1179 O O   . HOH B 2 .   ? -5.174  -2.029  -4.074  1.00 16.68 ? 180 HOH A O   1 
HETATM 1180 O O   . HOH B 2 .   ? -4.852  -11.647 -16.111 1.00 51.23 ? 181 HOH A O   1 
HETATM 1181 O O   . HOH B 2 .   ? -17.835 10.300  2.574   1.00 33.72 ? 182 HOH A O   1 
HETATM 1182 O O   . HOH B 2 .   ? -5.090  8.051   -13.752 1.00 30.53 ? 183 HOH A O   1 
HETATM 1183 O O   . HOH B 2 .   ? -12.640 10.374  -5.194  1.00 25.96 ? 184 HOH A O   1 
HETATM 1184 O O   . HOH B 2 .   ? 7.360   -8.598  4.004   1.00 32.75 ? 185 HOH A O   1 
HETATM 1185 O O   . HOH B 2 .   ? -11.415 -11.785 -20.053 1.00 36.15 ? 186 HOH A O   1 
HETATM 1186 O O   . HOH B 2 .   ? 9.909   -14.210 5.135   1.00 52.19 ? 187 HOH A O   1 
HETATM 1187 O O   . HOH B 2 .   ? -4.787  1.606   -11.417 1.00 32.74 ? 188 HOH A O   1 
HETATM 1188 O O   . HOH B 2 .   ? 30.536  -8.548  1.205   1.00 40.44 ? 189 HOH A O   1 
HETATM 1189 O O   . HOH B 2 .   ? -0.411  18.364  10.681  1.00 54.26 ? 190 HOH A O   1 
HETATM 1190 O O   . HOH B 2 .   ? 1.254   -18.918 0.955   1.00 47.71 ? 191 HOH A O   1 
HETATM 1191 O O   . HOH B 2 .   ? 11.393  12.944  14.105  1.00 26.36 ? 192 HOH A O   1 
HETATM 1192 O O   . HOH B 2 .   ? 5.790   -4.370  -0.339  1.00 25.89 ? 193 HOH A O   1 
HETATM 1193 O O   . HOH B 2 .   ? -10.176 -15.613 -19.487 1.00 30.96 ? 194 HOH A O   1 
HETATM 1194 O O   . HOH B 2 .   ? 2.449   1.736   15.188  1.00 29.38 ? 195 HOH A O   1 
HETATM 1195 O O   . HOH B 2 .   ? 5.702   13.981  16.107  1.00 33.27 ? 196 HOH A O   1 
HETATM 1196 O O   . HOH B 2 .   ? 12.598  -10.529 -10.890 1.00 26.64 ? 197 HOH A O   1 
HETATM 1197 O O   . HOH B 2 .   ? 18.778  -12.745 -0.603  1.00 40.31 ? 198 HOH A O   1 
HETATM 1198 O O   . HOH B 2 .   ? 3.363   17.083  10.327  1.00 33.57 ? 199 HOH A O   1 
HETATM 1199 O O   . HOH B 2 .   ? -5.569  0.130   9.828   1.00 29.82 ? 200 HOH A O   1 
HETATM 1200 O O   . HOH B 2 .   ? 2.297   -2.040  1.472   1.00 28.06 ? 201 HOH A O   1 
HETATM 1201 O O   . HOH B 2 .   ? 6.794   -3.111  7.266   1.00 34.76 ? 202 HOH A O   1 
HETATM 1202 O O   . HOH B 2 .   ? -15.867 -4.077  2.367   1.00 51.37 ? 203 HOH A O   1 
HETATM 1203 O O   . HOH B 2 .   ? -3.887  -3.072  6.349   1.00 30.41 ? 204 HOH A O   1 
HETATM 1204 O O   . HOH B 2 .   ? -10.727 16.711  -16.097 1.00 63.27 ? 205 HOH A O   1 
HETATM 1205 O O   . HOH B 2 .   ? -16.732 -11.707 -12.715 1.00 40.08 ? 206 HOH A O   1 
HETATM 1206 O O   . HOH B 2 .   ? -4.278  10.936  12.357  1.00 28.30 ? 207 HOH A O   1 
HETATM 1207 O O   . HOH B 2 .   ? -14.203 16.885  8.199   1.00 54.09 ? 208 HOH A O   1 
HETATM 1208 O O   . HOH B 2 .   ? -8.430  -2.913  -16.820 1.00 45.67 ? 209 HOH A O   1 
HETATM 1209 O O   . HOH B 2 .   ? -4.852  -3.855  4.087   1.00 36.28 ? 210 HOH A O   1 
HETATM 1210 O O   . HOH B 2 .   ? 16.923  -16.296 1.407   1.00 58.01 ? 211 HOH A O   1 
HETATM 1211 O O   . HOH B 2 .   ? -4.820  -3.653  0.737   1.00 36.00 ? 212 HOH A O   1 
HETATM 1212 O O   . HOH B 2 .   ? -20.955 9.867   -1.908  1.00 45.25 ? 213 HOH A O   1 
HETATM 1213 O O   . HOH B 2 .   ? 25.007  -16.313 2.081   1.00 48.16 ? 214 HOH A O   1 
HETATM 1214 O O   . HOH B 2 .   ? 15.520  1.884   12.834  1.00 37.92 ? 215 HOH A O   1 
HETATM 1215 O O   . HOH B 2 .   ? -19.917 -2.920  -14.103 1.00 32.99 ? 216 HOH A O   1 
HETATM 1216 O O   . HOH B 2 .   ? -19.970 15.701  -2.351  1.00 37.81 ? 217 HOH A O   1 
HETATM 1217 O O   . HOH B 2 .   ? -1.327  -3.652  6.207   1.00 36.97 ? 218 HOH A O   1 
HETATM 1218 O O   . HOH B 2 .   ? -7.198  -0.437  -15.310 1.00 36.06 ? 219 HOH A O   1 
HETATM 1219 O O   . HOH B 2 .   ? -19.944 1.300   -8.498  1.00 32.50 ? 220 HOH A O   1 
HETATM 1220 O O   . HOH B 2 .   ? -9.431  -11.255 -14.300 1.00 29.49 ? 221 HOH A O   1 
HETATM 1221 O O   . HOH B 2 .   ? -10.889 2.230   -14.195 1.00 54.84 ? 222 HOH A O   1 
HETATM 1222 O O   . HOH B 2 .   ? -16.481 10.168  -11.829 1.00 80.30 ? 223 HOH A O   1 
HETATM 1223 O O   . HOH B 2 .   ? -7.825  -16.206 -22.248 1.00 40.01 ? 224 HOH A O   1 
HETATM 1224 O O   . HOH B 2 .   ? -6.667  -16.530 -19.129 1.00 35.78 ? 225 HOH A O   1 
HETATM 1225 O O   . HOH B 2 .   ? -22.424 -0.194  -7.353  1.00 58.41 ? 226 HOH A O   1 
HETATM 1226 O O   . HOH B 2 .   ? 10.004  -16.493 6.596   1.00 53.63 ? 227 HOH A O   1 
HETATM 1227 O O   . HOH B 2 .   ? 3.857   -16.091 6.330   1.00 48.54 ? 228 HOH A O   1 
HETATM 1228 O O   . HOH B 2 .   ? -13.532 -3.904  5.923   1.00 57.03 ? 229 HOH A O   1 
HETATM 1229 O O   . HOH B 2 .   ? -8.150  -4.535  10.553  1.00 40.81 ? 230 HOH A O   1 
HETATM 1230 O O   . HOH B 2 .   ? 2.587   4.397   16.686  0.50 46.40 ? 231 HOH A O   1 
HETATM 1231 O O   . HOH B 2 .   ? -9.505  7.336   14.883  1.00 33.90 ? 232 HOH A O   1 
HETATM 1232 O O   . HOH B 2 .   ? -20.038 2.265   -10.833 1.00 39.33 ? 233 HOH A O   1 
HETATM 1233 O O   . HOH B 2 .   ? -21.405 3.611   -4.604  1.00 52.10 ? 234 HOH A O   1 
HETATM 1234 O O   . HOH B 2 .   ? -3.988  -3.635  11.565  1.00 55.46 ? 235 HOH A O   1 
HETATM 1235 O O   . HOH B 2 .   ? -14.165 8.290   7.350   1.00 29.15 ? 236 HOH A O   1 
HETATM 1236 O O   . HOH B 2 .   ? 3.218   -1.482  16.228  1.00 44.35 ? 237 HOH A O   1 
HETATM 1237 O O   . HOH B 2 .   ? 0.538   17.847  4.909   1.00 67.25 ? 238 HOH A O   1 
HETATM 1238 O O   . HOH B 2 .   ? -12.604 14.936  5.709   1.00 40.67 ? 239 HOH A O   1 
HETATM 1239 O O   . HOH B 2 .   ? -18.058 0.577   -17.576 0.33 22.31 ? 240 HOH A O   1 
HETATM 1240 O O   . HOH B 2 .   ? 2.534   -18.571 6.656   1.00 45.97 ? 241 HOH A O   1 
HETATM 1241 O O   . HOH B 2 .   ? -1.023  -1.248  13.361  1.00 45.94 ? 242 HOH A O   1 
HETATM 1242 O O   . HOH B 2 .   ? 3.403   -5.878  9.595   1.00 57.05 ? 243 HOH A O   1 
HETATM 1243 O O   . HOH B 2 .   ? 7.133   -14.907 8.893   1.00 47.28 ? 244 HOH A O   1 
HETATM 1244 O O   . HOH B 2 .   ? -2.681  -10.004 -3.179  1.00 43.30 ? 245 HOH A O   1 
HETATM 1245 O O   . HOH B 2 .   ? -7.522  -5.088  -17.487 1.00 35.73 ? 246 HOH A O   1 
HETATM 1246 O O   . HOH B 2 .   ? -1.800  -5.327  2.283   1.00 52.01 ? 247 HOH A O   1 
HETATM 1247 O O   . HOH B 2 .   ? -11.899 -4.407  -16.876 1.00 41.79 ? 248 HOH A O   1 
HETATM 1248 O O   . HOH B 2 .   ? -7.339  -12.794 -15.403 1.00 31.55 ? 249 HOH A O   1 
HETATM 1249 O O   . HOH B 2 .   ? 11.279  17.655  9.726   1.00 43.56 ? 250 HOH A O   1 
HETATM 1250 O O   . HOH B 2 .   ? 1.837   -8.445  -12.335 1.00 39.80 ? 251 HOH A O   1 
HETATM 1251 O O   . HOH B 2 .   ? -3.843  -0.571  -12.388 1.00 34.28 ? 252 HOH A O   1 
# 
